data_2DA6
#
_entry.id   2DA6
#
_entity_poly.entity_id   1
_entity_poly.type   'polypeptide(L)'
_entity_poly.pdbx_seq_one_letter_code
;GSSGSSGRNRFKWGPASQQILYQAYDRQKNPSKEEREALVEECNRAECLQRGVSPSKAHGLGSNLVTEVRVYNWFANRRK
EEAFRQKLAMDAYSSNSGPSSG
;
_entity_poly.pdbx_strand_id   A
#
# COMPACT_ATOMS: atom_id res chain seq x y z
N GLY A 1 -9.39 10.72 15.91
CA GLY A 1 -8.47 11.46 15.06
C GLY A 1 -8.89 11.45 13.60
N SER A 2 -8.39 12.42 12.84
CA SER A 2 -8.72 12.53 11.42
C SER A 2 -8.04 11.42 10.62
N SER A 3 -8.81 10.41 10.25
CA SER A 3 -8.28 9.28 9.49
C SER A 3 -6.98 8.77 10.10
N GLY A 4 -6.95 8.69 11.43
CA GLY A 4 -5.76 8.22 12.11
C GLY A 4 -5.99 8.05 13.60
N SER A 5 -5.84 6.82 14.09
CA SER A 5 -6.02 6.53 15.50
C SER A 5 -5.41 5.19 15.87
N SER A 6 -4.98 5.06 17.13
CA SER A 6 -4.37 3.82 17.61
C SER A 6 -5.39 2.69 17.63
N GLY A 7 -5.22 1.73 16.72
CA GLY A 7 -6.14 0.61 16.66
C GLY A 7 -5.93 -0.23 15.41
N ARG A 8 -4.78 -0.88 15.32
CA ARG A 8 -4.46 -1.72 14.17
C ARG A 8 -5.54 -2.77 13.95
N ASN A 9 -5.89 -3.01 12.69
CA ASN A 9 -6.91 -3.99 12.34
C ASN A 9 -6.66 -4.57 10.96
N ARG A 10 -7.20 -5.77 10.71
CA ARG A 10 -7.04 -6.43 9.43
C ARG A 10 -7.80 -5.69 8.33
N PHE A 11 -7.07 -5.26 7.30
CA PHE A 11 -7.68 -4.54 6.19
C PHE A 11 -7.16 -5.04 4.86
N LYS A 12 -8.01 -5.03 3.84
CA LYS A 12 -7.63 -5.50 2.52
C LYS A 12 -8.08 -4.50 1.44
N TRP A 13 -7.17 -4.19 0.52
CA TRP A 13 -7.48 -3.26 -0.56
C TRP A 13 -8.55 -3.82 -1.49
N GLY A 14 -9.11 -2.96 -2.33
CA GLY A 14 -10.14 -3.40 -3.26
C GLY A 14 -9.65 -3.43 -4.69
N PRO A 15 -10.56 -3.76 -5.63
CA PRO A 15 -10.24 -3.83 -7.05
C PRO A 15 -9.97 -2.45 -7.65
N ALA A 16 -10.71 -1.45 -7.18
CA ALA A 16 -10.54 -0.08 -7.67
C ALA A 16 -9.46 0.65 -6.90
N SER A 17 -9.54 0.60 -5.58
CA SER A 17 -8.57 1.27 -4.72
C SER A 17 -7.14 0.95 -5.17
N GLN A 18 -6.78 -0.32 -5.07
CA GLN A 18 -5.44 -0.76 -5.47
C GLN A 18 -4.96 -0.02 -6.71
N GLN A 19 -5.72 -0.16 -7.80
CA GLN A 19 -5.38 0.50 -9.06
C GLN A 19 -4.99 1.95 -8.82
N ILE A 20 -5.81 2.66 -8.04
CA ILE A 20 -5.54 4.06 -7.74
C ILE A 20 -4.16 4.25 -7.15
N LEU A 21 -3.79 3.36 -6.23
CA LEU A 21 -2.48 3.42 -5.58
C LEU A 21 -1.35 3.33 -6.61
N TYR A 22 -1.52 2.43 -7.58
CA TYR A 22 -0.52 2.23 -8.62
C TYR A 22 -0.38 3.50 -9.47
N GLN A 23 -1.50 4.04 -9.90
CA GLN A 23 -1.50 5.24 -10.73
C GLN A 23 -0.77 6.39 -10.02
N ALA A 24 -0.84 6.39 -8.69
CA ALA A 24 -0.19 7.43 -7.91
C ALA A 24 1.28 7.09 -7.66
N TYR A 25 1.54 5.82 -7.37
CA TYR A 25 2.90 5.36 -7.11
C TYR A 25 3.76 5.49 -8.36
N ASP A 26 3.16 5.22 -9.52
CA ASP A 26 3.87 5.31 -10.79
C ASP A 26 4.43 6.71 -11.01
N ARG A 27 3.70 7.71 -10.53
CA ARG A 27 4.12 9.10 -10.68
C ARG A 27 5.07 9.50 -9.55
N GLN A 28 4.67 9.20 -8.32
CA GLN A 28 5.49 9.54 -7.15
C GLN A 28 5.69 8.32 -6.27
N LYS A 29 6.95 7.98 -6.02
CA LYS A 29 7.28 6.83 -5.18
C LYS A 29 7.06 7.14 -3.71
N ASN A 30 7.21 8.42 -3.35
CA ASN A 30 7.03 8.85 -1.96
C ASN A 30 6.00 9.97 -1.89
N PRO A 31 4.71 9.59 -1.86
CA PRO A 31 3.60 10.55 -1.78
C PRO A 31 3.54 11.25 -0.42
N SER A 32 3.38 12.57 -0.45
CA SER A 32 3.30 13.35 0.78
C SER A 32 1.86 13.52 1.23
N LYS A 33 1.66 14.26 2.31
CA LYS A 33 0.33 14.49 2.84
C LYS A 33 -0.67 14.78 1.72
N GLU A 34 -0.18 15.42 0.66
CA GLU A 34 -1.03 15.76 -0.47
C GLU A 34 -1.23 14.54 -1.38
N GLU A 35 -0.12 13.94 -1.81
CA GLU A 35 -0.18 12.77 -2.68
C GLU A 35 -0.96 11.64 -2.03
N ARG A 36 -0.47 11.18 -0.87
CA ARG A 36 -1.12 10.10 -0.14
C ARG A 36 -2.61 10.38 0.04
N GLU A 37 -2.92 11.56 0.57
CA GLU A 37 -4.32 11.95 0.80
C GLU A 37 -5.15 11.70 -0.45
N ALA A 38 -4.71 12.24 -1.58
CA ALA A 38 -5.43 12.08 -2.84
C ALA A 38 -5.81 10.62 -3.07
N LEU A 39 -5.13 9.73 -2.37
CA LEU A 39 -5.39 8.29 -2.50
C LEU A 39 -6.36 7.83 -1.42
N VAL A 40 -6.36 8.51 -0.28
CA VAL A 40 -7.24 8.17 0.83
C VAL A 40 -8.69 8.47 0.48
N GLU A 41 -8.92 9.61 -0.16
CA GLU A 41 -10.27 10.00 -0.55
C GLU A 41 -10.70 9.31 -1.83
N GLU A 42 -9.80 9.29 -2.81
CA GLU A 42 -10.09 8.66 -4.10
C GLU A 42 -10.48 7.19 -3.90
N CYS A 43 -9.68 6.47 -3.11
CA CYS A 43 -9.93 5.07 -2.85
C CYS A 43 -11.28 4.87 -2.19
N ASN A 44 -11.42 5.37 -0.95
CA ASN A 44 -12.66 5.25 -0.20
C ASN A 44 -13.85 5.60 -1.09
N ARG A 45 -13.66 6.54 -2.00
CA ARG A 45 -14.72 6.97 -2.89
C ARG A 45 -15.07 5.86 -3.89
N ALA A 46 -14.09 5.43 -4.66
CA ALA A 46 -14.29 4.38 -5.64
C ALA A 46 -14.85 3.11 -4.99
N GLU A 47 -14.42 2.86 -3.76
CA GLU A 47 -14.87 1.69 -3.01
C GLU A 47 -16.39 1.72 -2.80
N CYS A 48 -16.89 2.90 -2.45
CA CYS A 48 -18.32 3.07 -2.22
C CYS A 48 -19.11 2.91 -3.50
N LEU A 49 -18.57 3.44 -4.59
CA LEU A 49 -19.23 3.36 -5.90
C LEU A 49 -19.37 1.90 -6.34
N GLN A 50 -18.23 1.22 -6.48
CA GLN A 50 -18.22 -0.18 -6.90
C GLN A 50 -19.11 -1.02 -5.98
N ARG A 51 -19.02 -0.77 -4.69
CA ARG A 51 -19.80 -1.50 -3.70
C ARG A 51 -21.22 -0.95 -3.63
N GLY A 52 -21.54 0.00 -4.50
CA GLY A 52 -22.86 0.59 -4.51
C GLY A 52 -23.02 1.68 -3.47
N VAL A 53 -22.24 1.58 -2.39
CA VAL A 53 -22.29 2.56 -1.32
C VAL A 53 -22.03 3.97 -1.84
N SER A 54 -22.22 4.97 -0.99
CA SER A 54 -22.01 6.36 -1.37
C SER A 54 -20.62 6.84 -0.94
N PRO A 55 -19.97 7.63 -1.80
CA PRO A 55 -18.63 8.17 -1.53
C PRO A 55 -18.65 9.22 -0.43
N SER A 56 -19.84 9.50 0.10
CA SER A 56 -19.98 10.49 1.17
C SER A 56 -20.26 9.82 2.50
N LYS A 57 -20.18 8.49 2.51
CA LYS A 57 -20.43 7.72 3.73
C LYS A 57 -19.35 6.66 3.92
N ALA A 58 -18.17 6.90 3.35
CA ALA A 58 -17.06 5.97 3.47
C ALA A 58 -16.82 5.57 4.91
N HIS A 59 -17.09 6.50 5.83
CA HIS A 59 -16.90 6.25 7.26
C HIS A 59 -17.43 4.87 7.63
N GLY A 60 -18.37 4.36 6.85
CA GLY A 60 -18.94 3.06 7.12
C GLY A 60 -18.00 1.91 6.77
N LEU A 61 -17.27 2.08 5.67
CA LEU A 61 -16.32 1.06 5.23
C LEU A 61 -15.68 0.36 6.43
N GLY A 62 -15.42 1.12 7.48
CA GLY A 62 -14.81 0.56 8.67
C GLY A 62 -13.53 -0.19 8.36
N SER A 63 -13.58 -1.52 8.45
CA SER A 63 -12.42 -2.35 8.19
C SER A 63 -11.95 -2.18 6.74
N ASN A 64 -12.84 -1.68 5.90
CA ASN A 64 -12.51 -1.47 4.49
C ASN A 64 -12.27 0.01 4.20
N LEU A 65 -12.14 0.80 5.26
CA LEU A 65 -11.90 2.23 5.12
C LEU A 65 -10.43 2.53 4.93
N VAL A 66 -10.12 3.41 3.99
CA VAL A 66 -8.73 3.79 3.70
C VAL A 66 -8.34 5.04 4.47
N THR A 67 -7.08 5.09 4.90
CA THR A 67 -6.58 6.24 5.64
C THR A 67 -5.10 6.49 5.34
N GLU A 68 -4.65 7.72 5.57
CA GLU A 68 -3.26 8.07 5.33
C GLU A 68 -2.34 6.90 5.63
N VAL A 69 -2.59 6.22 6.74
CA VAL A 69 -1.78 5.07 7.14
C VAL A 69 -1.83 3.97 6.08
N ARG A 70 -3.03 3.50 5.79
CA ARG A 70 -3.21 2.45 4.79
C ARG A 70 -2.31 2.67 3.58
N VAL A 71 -2.39 3.88 3.01
CA VAL A 71 -1.58 4.23 1.85
C VAL A 71 -0.09 4.24 2.20
N TYR A 72 0.23 4.70 3.40
CA TYR A 72 1.61 4.76 3.85
C TYR A 72 2.22 3.36 3.92
N ASN A 73 1.43 2.39 4.34
CA ASN A 73 1.89 1.02 4.45
C ASN A 73 2.06 0.39 3.07
N TRP A 74 1.05 0.52 2.23
CA TRP A 74 1.09 -0.03 0.88
C TRP A 74 2.32 0.47 0.13
N PHE A 75 2.53 1.78 0.16
CA PHE A 75 3.67 2.38 -0.52
C PHE A 75 4.98 1.89 0.08
N ALA A 76 4.98 1.68 1.39
CA ALA A 76 6.18 1.21 2.08
C ALA A 76 6.56 -0.20 1.63
N ASN A 77 5.56 -1.06 1.47
CA ASN A 77 5.79 -2.43 1.03
C ASN A 77 6.19 -2.48 -0.44
N ARG A 78 5.60 -1.61 -1.23
CA ARG A 78 5.90 -1.55 -2.66
C ARG A 78 7.34 -1.12 -2.90
N ARG A 79 7.91 -0.42 -1.92
CA ARG A 79 9.29 0.05 -2.03
C ARG A 79 10.25 -0.95 -1.38
N LYS A 80 9.75 -1.71 -0.42
CA LYS A 80 10.56 -2.70 0.28
C LYS A 80 10.74 -3.95 -0.58
N GLU A 81 9.71 -4.30 -1.34
CA GLU A 81 9.75 -5.48 -2.20
C GLU A 81 10.66 -5.23 -3.41
N GLU A 82 10.43 -4.11 -4.09
CA GLU A 82 11.22 -3.76 -5.27
C GLU A 82 12.72 -3.74 -4.93
N ALA A 83 13.04 -3.30 -3.71
CA ALA A 83 14.42 -3.23 -3.27
C ALA A 83 14.90 -4.57 -2.74
N PHE A 84 13.95 -5.47 -2.47
CA PHE A 84 14.28 -6.80 -1.97
C PHE A 84 15.24 -7.52 -2.90
N ARG A 85 14.77 -7.81 -4.11
CA ARG A 85 15.59 -8.49 -5.11
C ARG A 85 17.01 -7.96 -5.10
N GLN A 86 17.18 -6.71 -4.65
CA GLN A 86 18.48 -6.09 -4.60
C GLN A 86 19.11 -6.24 -3.22
N LYS A 87 18.27 -6.24 -2.19
CA LYS A 87 18.74 -6.38 -0.82
C LYS A 87 19.29 -7.79 -0.57
N LEU A 88 18.65 -8.78 -1.18
CA LEU A 88 19.07 -10.17 -1.04
C LEU A 88 20.36 -10.43 -1.80
N ALA A 89 20.80 -9.45 -2.58
CA ALA A 89 22.01 -9.57 -3.37
C ALA A 89 23.20 -9.00 -2.61
N MET A 90 22.94 -8.05 -1.71
CA MET A 90 24.00 -7.42 -0.92
C MET A 90 24.68 -8.44 -0.02
N ASP A 91 23.97 -9.52 0.28
CA ASP A 91 24.52 -10.57 1.13
C ASP A 91 25.76 -11.19 0.51
N ALA A 92 26.35 -12.16 1.20
CA ALA A 92 27.54 -12.84 0.71
C ALA A 92 27.23 -13.71 -0.50
N TYR A 93 28.25 -14.33 -1.06
CA TYR A 93 28.08 -15.20 -2.22
C TYR A 93 27.24 -14.51 -3.30
N SER A 94 27.54 -13.25 -3.55
CA SER A 94 26.81 -12.46 -4.55
C SER A 94 27.76 -11.59 -5.35
N SER A 95 27.20 -10.77 -6.23
CA SER A 95 27.99 -9.87 -7.06
C SER A 95 28.27 -8.56 -6.33
N ASN A 96 28.64 -8.65 -5.06
CA ASN A 96 28.93 -7.48 -4.25
C ASN A 96 29.46 -7.88 -2.87
N SER A 97 30.32 -7.05 -2.31
CA SER A 97 30.91 -7.32 -1.00
C SER A 97 29.83 -7.38 0.07
N GLY A 98 30.05 -8.20 1.09
CA GLY A 98 29.08 -8.34 2.16
C GLY A 98 29.43 -9.47 3.12
N PRO A 99 28.95 -9.37 4.36
CA PRO A 99 29.20 -10.37 5.40
C PRO A 99 28.47 -11.68 5.13
N SER A 100 28.95 -12.75 5.74
CA SER A 100 28.35 -14.07 5.56
C SER A 100 27.13 -14.24 6.46
N SER A 101 26.27 -15.19 6.09
CA SER A 101 25.05 -15.44 6.86
C SER A 101 24.32 -16.67 6.32
N GLY A 102 23.71 -17.43 7.22
CA GLY A 102 22.98 -18.62 6.82
C GLY A 102 21.67 -18.78 7.55
N GLY A 1 -13.84 -1.37 21.92
CA GLY A 1 -13.76 -0.93 20.53
C GLY A 1 -12.55 -1.51 19.82
N SER A 2 -11.42 -0.84 19.93
CA SER A 2 -10.20 -1.30 19.27
C SER A 2 -9.00 -1.19 20.22
N SER A 3 -8.20 -2.23 20.27
CA SER A 3 -7.03 -2.26 21.14
C SER A 3 -6.00 -3.28 20.65
N GLY A 4 -4.80 -2.80 20.35
CA GLY A 4 -3.76 -3.68 19.86
C GLY A 4 -3.02 -3.11 18.67
N SER A 5 -1.69 -3.22 18.68
CA SER A 5 -0.87 -2.71 17.59
C SER A 5 0.03 -3.80 17.03
N SER A 6 0.71 -4.52 17.91
CA SER A 6 1.61 -5.59 17.52
C SER A 6 0.83 -6.73 16.87
N GLY A 7 1.54 -7.55 16.09
CA GLY A 7 0.91 -8.67 15.43
C GLY A 7 0.62 -8.39 13.96
N ARG A 8 -0.66 -8.44 13.60
CA ARG A 8 -1.06 -8.19 12.21
C ARG A 8 -2.43 -7.51 12.17
N ASN A 9 -2.62 -6.65 11.18
CA ASN A 9 -3.88 -5.94 11.01
C ASN A 9 -4.77 -6.64 9.99
N ARG A 10 -6.04 -6.23 9.94
CA ARG A 10 -6.99 -6.81 8.99
C ARG A 10 -7.58 -5.74 8.08
N PHE A 11 -7.11 -5.71 6.84
CA PHE A 11 -7.60 -4.72 5.87
C PHE A 11 -7.03 -5.02 4.49
N LYS A 12 -7.89 -5.52 3.60
CA LYS A 12 -7.47 -5.84 2.24
C LYS A 12 -8.01 -4.81 1.25
N TRP A 13 -7.17 -4.40 0.31
CA TRP A 13 -7.55 -3.41 -0.69
C TRP A 13 -8.58 -4.00 -1.66
N GLY A 14 -9.25 -3.11 -2.40
CA GLY A 14 -10.25 -3.56 -3.35
C GLY A 14 -9.75 -3.53 -4.78
N PRO A 15 -10.66 -3.76 -5.73
CA PRO A 15 -10.33 -3.76 -7.16
C PRO A 15 -10.00 -2.37 -7.68
N ALA A 16 -10.79 -1.38 -7.26
CA ALA A 16 -10.57 -0.01 -7.69
C ALA A 16 -9.46 0.65 -6.87
N SER A 17 -9.61 0.61 -5.55
CA SER A 17 -8.61 1.21 -4.66
C SER A 17 -7.20 0.87 -5.11
N GLN A 18 -6.87 -0.41 -5.11
CA GLN A 18 -5.55 -0.86 -5.52
C GLN A 18 -5.09 -0.12 -6.78
N GLN A 19 -5.88 -0.23 -7.84
CA GLN A 19 -5.56 0.43 -9.11
C GLN A 19 -5.15 1.88 -8.87
N ILE A 20 -5.94 2.60 -8.08
CA ILE A 20 -5.65 3.99 -7.78
C ILE A 20 -4.27 4.16 -7.18
N LEU A 21 -3.88 3.21 -6.33
CA LEU A 21 -2.57 3.25 -5.70
C LEU A 21 -1.45 3.15 -6.73
N TYR A 22 -1.66 2.30 -7.73
CA TYR A 22 -0.67 2.11 -8.78
C TYR A 22 -0.53 3.37 -9.63
N GLN A 23 -1.65 3.95 -10.02
CA GLN A 23 -1.66 5.16 -10.83
C GLN A 23 -0.92 6.29 -10.12
N ALA A 24 -1.06 6.34 -8.80
CA ALA A 24 -0.40 7.37 -8.00
C ALA A 24 1.08 7.05 -7.80
N TYR A 25 1.38 5.78 -7.55
CA TYR A 25 2.76 5.35 -7.35
C TYR A 25 3.57 5.49 -8.62
N ASP A 26 2.92 5.29 -9.76
CA ASP A 26 3.58 5.39 -11.05
C ASP A 26 4.15 6.79 -11.27
N ARG A 27 3.46 7.79 -10.72
CA ARG A 27 3.89 9.17 -10.85
C ARG A 27 4.94 9.53 -9.79
N GLN A 28 4.66 9.16 -8.55
CA GLN A 28 5.58 9.43 -7.45
C GLN A 28 5.83 8.18 -6.63
N LYS A 29 7.09 7.96 -6.26
CA LYS A 29 7.47 6.79 -5.47
C LYS A 29 7.24 7.04 -3.99
N ASN A 30 7.49 8.27 -3.55
CA ASN A 30 7.32 8.64 -2.15
C ASN A 30 6.22 9.69 -2.01
N PRO A 31 4.97 9.23 -1.91
CA PRO A 31 3.81 10.13 -1.76
C PRO A 31 3.76 10.80 -0.40
N SER A 32 3.59 12.11 -0.40
CA SER A 32 3.53 12.87 0.85
C SER A 32 2.08 13.09 1.29
N LYS A 33 1.91 13.74 2.44
CA LYS A 33 0.58 14.00 2.97
C LYS A 33 -0.41 14.28 1.85
N GLU A 34 -0.04 15.19 0.95
CA GLU A 34 -0.90 15.54 -0.17
C GLU A 34 -1.16 14.33 -1.07
N GLU A 35 -0.10 13.82 -1.68
CA GLU A 35 -0.20 12.66 -2.57
C GLU A 35 -1.00 11.55 -1.90
N ARG A 36 -0.43 10.97 -0.84
CA ARG A 36 -1.08 9.90 -0.11
C ARG A 36 -2.55 10.21 0.12
N GLU A 37 -2.82 11.41 0.64
CA GLU A 37 -4.19 11.83 0.92
C GLU A 37 -5.08 11.64 -0.31
N ALA A 38 -4.61 12.11 -1.45
CA ALA A 38 -5.35 11.99 -2.71
C ALA A 38 -5.78 10.55 -2.94
N LEU A 39 -5.11 9.61 -2.28
CA LEU A 39 -5.44 8.19 -2.42
C LEU A 39 -6.40 7.74 -1.33
N VAL A 40 -6.34 8.42 -0.18
CA VAL A 40 -7.22 8.09 0.93
C VAL A 40 -8.67 8.42 0.62
N GLU A 41 -8.89 9.54 -0.06
CA GLU A 41 -10.23 9.97 -0.43
C GLU A 41 -10.68 9.32 -1.72
N GLU A 42 -9.78 9.27 -2.70
CA GLU A 42 -10.08 8.67 -4.00
C GLU A 42 -10.49 7.21 -3.83
N CYS A 43 -9.74 6.48 -3.02
CA CYS A 43 -10.02 5.06 -2.78
C CYS A 43 -11.39 4.89 -2.12
N ASN A 44 -11.49 5.32 -0.86
CA ASN A 44 -12.73 5.22 -0.11
C ASN A 44 -13.92 5.62 -0.99
N ARG A 45 -13.72 6.62 -1.84
CA ARG A 45 -14.78 7.09 -2.72
C ARG A 45 -15.16 6.03 -3.74
N ALA A 46 -14.19 5.61 -4.53
CA ALA A 46 -14.42 4.58 -5.55
C ALA A 46 -15.01 3.32 -4.94
N GLU A 47 -14.49 2.93 -3.78
CA GLU A 47 -14.97 1.74 -3.09
C GLU A 47 -16.49 1.78 -2.91
N CYS A 48 -16.99 2.94 -2.48
CA CYS A 48 -18.42 3.12 -2.27
C CYS A 48 -19.18 3.02 -3.59
N LEU A 49 -18.60 3.56 -4.65
CA LEU A 49 -19.23 3.53 -5.96
C LEU A 49 -19.36 2.10 -6.47
N GLN A 50 -18.23 1.40 -6.57
CA GLN A 50 -18.22 0.02 -7.05
C GLN A 50 -19.12 -0.86 -6.17
N ARG A 51 -19.09 -0.61 -4.87
CA ARG A 51 -19.89 -1.37 -3.92
C ARG A 51 -21.33 -0.85 -3.88
N GLY A 52 -21.62 0.11 -4.75
CA GLY A 52 -22.96 0.69 -4.78
C GLY A 52 -23.16 1.76 -3.72
N VAL A 53 -22.38 1.68 -2.65
CA VAL A 53 -22.48 2.65 -1.57
C VAL A 53 -22.20 4.07 -2.06
N SER A 54 -22.38 5.04 -1.18
CA SER A 54 -22.14 6.44 -1.54
C SER A 54 -20.76 6.89 -1.07
N PRO A 55 -20.11 7.72 -1.90
CA PRO A 55 -18.77 8.23 -1.60
C PRO A 55 -18.78 9.25 -0.45
N SER A 56 -19.98 9.59 0.01
CA SER A 56 -20.14 10.55 1.09
C SER A 56 -20.29 9.84 2.43
N LYS A 57 -20.57 8.53 2.37
CA LYS A 57 -20.73 7.74 3.58
C LYS A 57 -19.64 6.68 3.69
N ALA A 58 -18.43 7.04 3.27
CA ALA A 58 -17.30 6.13 3.32
C ALA A 58 -17.00 5.70 4.75
N HIS A 59 -17.38 6.54 5.70
CA HIS A 59 -17.16 6.25 7.13
C HIS A 59 -17.66 4.85 7.48
N GLY A 60 -18.66 4.39 6.74
CA GLY A 60 -19.22 3.07 7.00
C GLY A 60 -18.22 1.96 6.71
N LEU A 61 -17.40 2.17 5.69
CA LEU A 61 -16.40 1.18 5.31
C LEU A 61 -15.77 0.54 6.54
N GLY A 62 -15.59 1.34 7.58
CA GLY A 62 -14.99 0.83 8.81
C GLY A 62 -13.68 0.12 8.57
N SER A 63 -13.70 -1.20 8.62
CA SER A 63 -12.50 -2.01 8.40
C SER A 63 -11.95 -1.80 6.99
N ASN A 64 -12.86 -1.64 6.03
CA ASN A 64 -12.48 -1.44 4.63
C ASN A 64 -12.19 0.03 4.36
N LEU A 65 -12.16 0.83 5.42
CA LEU A 65 -11.90 2.26 5.29
C LEU A 65 -10.42 2.52 5.08
N VAL A 66 -10.10 3.46 4.19
CA VAL A 66 -8.71 3.80 3.90
C VAL A 66 -8.28 5.04 4.67
N THR A 67 -7.00 5.12 4.99
CA THR A 67 -6.45 6.25 5.74
C THR A 67 -4.99 6.51 5.36
N GLU A 68 -4.56 7.75 5.54
CA GLU A 68 -3.18 8.12 5.21
C GLU A 68 -2.22 6.98 5.51
N VAL A 69 -2.45 6.31 6.64
CA VAL A 69 -1.60 5.18 7.04
C VAL A 69 -1.73 4.02 6.05
N ARG A 70 -2.96 3.58 5.82
CA ARG A 70 -3.21 2.48 4.89
C ARG A 70 -2.36 2.62 3.64
N VAL A 71 -2.41 3.79 3.02
CA VAL A 71 -1.64 4.06 1.81
C VAL A 71 -0.14 4.05 2.09
N TYR A 72 0.24 4.60 3.24
CA TYR A 72 1.65 4.67 3.64
C TYR A 72 2.26 3.27 3.70
N ASN A 73 1.48 2.31 4.18
CA ASN A 73 1.95 0.94 4.29
C ASN A 73 2.05 0.29 2.91
N TRP A 74 1.02 0.47 2.10
CA TRP A 74 0.99 -0.10 0.76
C TRP A 74 2.23 0.30 -0.03
N PHE A 75 2.59 1.59 0.05
CA PHE A 75 3.75 2.11 -0.66
C PHE A 75 5.04 1.54 -0.06
N ALA A 76 5.07 1.42 1.26
CA ALA A 76 6.24 0.90 1.95
C ALA A 76 6.62 -0.48 1.42
N ASN A 77 5.62 -1.34 1.24
CA ASN A 77 5.85 -2.68 0.74
C ASN A 77 6.35 -2.65 -0.70
N ARG A 78 5.86 -1.67 -1.47
CA ARG A 78 6.25 -1.54 -2.86
C ARG A 78 7.69 -1.04 -2.98
N ARG A 79 8.15 -0.35 -1.95
CA ARG A 79 9.52 0.18 -1.93
C ARG A 79 10.47 -0.79 -1.23
N LYS A 80 9.92 -1.61 -0.33
CA LYS A 80 10.73 -2.58 0.40
C LYS A 80 10.97 -3.83 -0.44
N GLU A 81 10.01 -4.17 -1.29
CA GLU A 81 10.12 -5.34 -2.15
C GLU A 81 11.08 -5.07 -3.31
N GLU A 82 10.92 -3.92 -3.94
CA GLU A 82 11.77 -3.55 -5.07
C GLU A 82 13.24 -3.50 -4.66
N ALA A 83 13.47 -3.04 -3.43
CA ALA A 83 14.83 -2.94 -2.91
C ALA A 83 15.29 -4.26 -2.31
N PHE A 84 14.34 -5.16 -2.08
CA PHE A 84 14.64 -6.47 -1.51
C PHE A 84 15.67 -7.21 -2.36
N ARG A 85 15.29 -7.54 -3.59
CA ARG A 85 16.18 -8.26 -4.50
C ARG A 85 17.59 -7.68 -4.43
N GLN A 86 17.69 -6.42 -4.04
CA GLN A 86 18.99 -5.75 -3.93
C GLN A 86 19.56 -5.89 -2.53
N LYS A 87 18.68 -5.84 -1.53
CA LYS A 87 19.10 -5.96 -0.14
C LYS A 87 19.74 -7.32 0.13
N LEU A 88 19.10 -8.37 -0.36
CA LEU A 88 19.59 -9.73 -0.19
C LEU A 88 20.93 -9.92 -0.91
N ALA A 89 21.30 -8.92 -1.70
CA ALA A 89 22.55 -8.98 -2.45
C ALA A 89 23.68 -8.29 -1.70
N MET A 90 23.38 -7.13 -1.13
CA MET A 90 24.36 -6.37 -0.36
C MET A 90 24.81 -7.13 0.87
N ASP A 91 23.86 -7.77 1.55
CA ASP A 91 24.16 -8.54 2.75
C ASP A 91 25.22 -9.60 2.47
N ALA A 92 25.62 -10.31 3.51
CA ALA A 92 26.62 -11.36 3.38
C ALA A 92 25.98 -12.73 3.16
N TYR A 93 26.17 -13.28 1.97
CA TYR A 93 25.60 -14.59 1.64
C TYR A 93 26.00 -15.63 2.67
N SER A 94 25.34 -16.79 2.61
CA SER A 94 25.62 -17.88 3.55
C SER A 94 25.30 -19.22 2.91
N SER A 95 25.59 -20.30 3.65
CA SER A 95 25.33 -21.64 3.16
C SER A 95 23.91 -21.77 2.60
N ASN A 96 23.83 -22.07 1.31
CA ASN A 96 22.54 -22.21 0.65
C ASN A 96 22.32 -23.65 0.17
N SER A 97 21.08 -24.10 0.21
CA SER A 97 20.73 -25.45 -0.21
C SER A 97 19.34 -25.50 -0.83
N GLY A 98 19.20 -26.24 -1.92
CA GLY A 98 17.92 -26.35 -2.59
C GLY A 98 18.05 -26.67 -4.06
N PRO A 99 17.01 -27.28 -4.64
CA PRO A 99 16.99 -27.64 -6.06
C PRO A 99 16.90 -26.42 -6.97
N SER A 100 16.90 -25.24 -6.36
CA SER A 100 16.81 -23.99 -7.12
C SER A 100 17.75 -24.02 -8.31
N SER A 101 17.37 -23.32 -9.38
CA SER A 101 18.18 -23.26 -10.59
C SER A 101 18.85 -21.90 -10.74
N GLY A 102 18.07 -20.84 -10.52
CA GLY A 102 18.61 -19.50 -10.63
C GLY A 102 18.26 -18.63 -9.44
N GLY A 1 8.16 -23.17 7.34
CA GLY A 1 8.25 -22.10 8.32
C GLY A 1 7.33 -20.94 8.00
N SER A 2 7.03 -20.13 9.00
CA SER A 2 6.15 -18.99 8.83
C SER A 2 6.96 -17.71 8.59
N SER A 3 6.43 -16.83 7.75
CA SER A 3 7.11 -15.58 7.44
C SER A 3 6.11 -14.43 7.36
N GLY A 4 6.15 -13.54 8.36
CA GLY A 4 5.24 -12.42 8.37
C GLY A 4 5.70 -11.33 9.33
N SER A 5 4.74 -10.60 9.91
CA SER A 5 5.05 -9.53 10.84
C SER A 5 3.82 -9.14 11.66
N SER A 6 3.86 -9.48 12.94
CA SER A 6 2.74 -9.18 13.84
C SER A 6 2.14 -7.82 13.52
N GLY A 7 0.80 -7.78 13.46
CA GLY A 7 0.12 -6.54 13.15
C GLY A 7 -1.39 -6.67 13.25
N ARG A 8 -1.99 -5.89 14.14
CA ARG A 8 -3.44 -5.93 14.33
C ARG A 8 -4.14 -5.01 13.34
N ASN A 9 -3.66 -3.78 13.24
CA ASN A 9 -4.25 -2.79 12.33
C ASN A 9 -3.90 -3.12 10.88
N ARG A 10 -4.73 -3.95 10.26
CA ARG A 10 -4.52 -4.35 8.87
C ARG A 10 -5.85 -4.54 8.15
N PHE A 11 -5.78 -4.69 6.83
CA PHE A 11 -6.97 -4.89 6.02
C PHE A 11 -6.61 -5.31 4.60
N LYS A 12 -7.62 -5.49 3.76
CA LYS A 12 -7.41 -5.90 2.37
C LYS A 12 -7.95 -4.84 1.41
N TRP A 13 -7.11 -4.44 0.46
CA TRP A 13 -7.50 -3.43 -0.52
C TRP A 13 -8.57 -3.97 -1.46
N GLY A 14 -9.11 -3.09 -2.30
CA GLY A 14 -10.14 -3.51 -3.25
C GLY A 14 -9.64 -3.53 -4.67
N PRO A 15 -10.55 -3.81 -5.62
CA PRO A 15 -10.23 -3.87 -7.04
C PRO A 15 -9.92 -2.49 -7.62
N ALA A 16 -10.69 -1.50 -7.21
CA ALA A 16 -10.50 -0.13 -7.69
C ALA A 16 -9.43 0.58 -6.87
N SER A 17 -9.61 0.60 -5.55
CA SER A 17 -8.67 1.27 -4.66
C SER A 17 -7.22 0.97 -5.07
N GLN A 18 -6.90 -0.32 -5.15
CA GLN A 18 -5.56 -0.74 -5.53
C GLN A 18 -5.08 0.03 -6.77
N GLN A 19 -5.81 -0.12 -7.86
CA GLN A 19 -5.45 0.56 -9.11
C GLN A 19 -5.06 2.01 -8.84
N ILE A 20 -5.85 2.69 -8.02
CA ILE A 20 -5.58 4.08 -7.68
C ILE A 20 -4.20 4.25 -7.06
N LEU A 21 -3.83 3.31 -6.20
CA LEU A 21 -2.52 3.35 -5.54
C LEU A 21 -1.39 3.25 -6.57
N TYR A 22 -1.62 2.44 -7.60
CA TYR A 22 -0.61 2.25 -8.65
C TYR A 22 -0.44 3.52 -9.47
N GLN A 23 -1.57 4.10 -9.90
CA GLN A 23 -1.54 5.32 -10.70
C GLN A 23 -0.76 6.41 -10.00
N ALA A 24 -0.91 6.50 -8.68
CA ALA A 24 -0.20 7.50 -7.89
C ALA A 24 1.27 7.13 -7.71
N TYR A 25 1.51 5.87 -7.36
CA TYR A 25 2.87 5.39 -7.14
C TYR A 25 3.69 5.50 -8.42
N ASP A 26 3.02 5.40 -9.56
CA ASP A 26 3.68 5.49 -10.85
C ASP A 26 4.22 6.91 -11.09
N ARG A 27 3.52 7.90 -10.55
CA ARG A 27 3.93 9.29 -10.69
C ARG A 27 4.96 9.67 -9.64
N GLN A 28 4.67 9.34 -8.39
CA GLN A 28 5.56 9.65 -7.28
C GLN A 28 5.75 8.44 -6.37
N LYS A 29 7.00 8.10 -6.09
CA LYS A 29 7.32 6.97 -5.23
C LYS A 29 7.10 7.32 -3.76
N ASN A 30 7.39 8.56 -3.41
CA ASN A 30 7.22 9.02 -2.04
C ASN A 30 6.10 10.05 -1.93
N PRO A 31 4.85 9.57 -1.85
CA PRO A 31 3.67 10.43 -1.75
C PRO A 31 3.59 11.16 -0.41
N SER A 32 3.39 12.47 -0.46
CA SER A 32 3.30 13.28 0.75
C SER A 32 1.85 13.46 1.17
N LYS A 33 1.65 14.14 2.29
CA LYS A 33 0.30 14.39 2.81
C LYS A 33 -0.68 14.64 1.66
N GLU A 34 -0.27 15.46 0.70
CA GLU A 34 -1.12 15.77 -0.45
C GLU A 34 -1.33 14.53 -1.32
N GLU A 35 -0.24 14.00 -1.86
CA GLU A 35 -0.31 12.82 -2.71
C GLU A 35 -1.08 11.70 -2.03
N ARG A 36 -0.54 11.20 -0.92
CA ARG A 36 -1.18 10.13 -0.18
C ARG A 36 -2.66 10.40 0.02
N GLU A 37 -2.98 11.58 0.55
CA GLU A 37 -4.36 11.97 0.78
C GLU A 37 -5.21 11.72 -0.46
N ALA A 38 -4.75 12.22 -1.60
CA ALA A 38 -5.46 12.04 -2.85
C ALA A 38 -5.88 10.59 -3.06
N LEU A 39 -5.17 9.68 -2.39
CA LEU A 39 -5.48 8.26 -2.49
C LEU A 39 -6.42 7.81 -1.39
N VAL A 40 -6.36 8.50 -0.25
CA VAL A 40 -7.23 8.17 0.89
C VAL A 40 -8.67 8.50 0.58
N GLU A 41 -8.90 9.63 -0.07
CA GLU A 41 -10.25 10.06 -0.43
C GLU A 41 -10.72 9.39 -1.72
N GLU A 42 -9.84 9.36 -2.71
CA GLU A 42 -10.16 8.76 -4.00
C GLU A 42 -10.53 7.29 -3.83
N CYS A 43 -9.73 6.56 -3.05
CA CYS A 43 -9.98 5.14 -2.82
C CYS A 43 -11.32 4.94 -2.13
N ASN A 44 -11.42 5.39 -0.87
CA ASN A 44 -12.65 5.26 -0.11
C ASN A 44 -13.87 5.61 -0.96
N ARG A 45 -13.68 6.54 -1.89
CA ARG A 45 -14.76 6.98 -2.76
C ARG A 45 -15.11 5.88 -3.77
N ALA A 46 -14.12 5.50 -4.58
CA ALA A 46 -14.32 4.46 -5.59
C ALA A 46 -14.85 3.19 -4.97
N GLU A 47 -14.30 2.83 -3.80
CA GLU A 47 -14.73 1.62 -3.11
C GLU A 47 -16.24 1.62 -2.88
N CYS A 48 -16.76 2.77 -2.46
CA CYS A 48 -18.19 2.90 -2.20
C CYS A 48 -19.00 2.77 -3.49
N LEU A 49 -18.48 3.34 -4.57
CA LEU A 49 -19.14 3.28 -5.86
C LEU A 49 -19.26 1.84 -6.36
N GLN A 50 -18.12 1.15 -6.43
CA GLN A 50 -18.11 -0.24 -6.87
C GLN A 50 -18.98 -1.11 -5.98
N ARG A 51 -18.82 -0.96 -4.67
CA ARG A 51 -19.60 -1.74 -3.71
C ARG A 51 -21.04 -1.25 -3.66
N GLY A 52 -21.36 -0.27 -4.50
CA GLY A 52 -22.70 0.28 -4.52
C GLY A 52 -22.91 1.36 -3.48
N VAL A 53 -22.10 1.33 -2.43
CA VAL A 53 -22.20 2.31 -1.36
C VAL A 53 -21.98 3.73 -1.88
N SER A 54 -22.15 4.71 -1.02
CA SER A 54 -21.97 6.11 -1.39
C SER A 54 -20.60 6.61 -0.97
N PRO A 55 -19.98 7.44 -1.83
CA PRO A 55 -18.66 8.01 -1.55
C PRO A 55 -18.69 9.05 -0.43
N SER A 56 -19.90 9.39 0.01
CA SER A 56 -20.06 10.38 1.08
C SER A 56 -20.24 9.68 2.43
N LYS A 57 -20.41 8.37 2.39
CA LYS A 57 -20.58 7.58 3.61
C LYS A 57 -19.46 6.56 3.77
N ALA A 58 -18.34 6.82 3.13
CA ALA A 58 -17.18 5.93 3.21
C ALA A 58 -16.86 5.59 4.65
N HIS A 59 -17.16 6.50 5.57
CA HIS A 59 -16.90 6.30 6.99
C HIS A 59 -17.40 4.93 7.44
N GLY A 60 -18.48 4.46 6.81
CA GLY A 60 -19.04 3.17 7.16
C GLY A 60 -18.12 2.02 6.81
N LEU A 61 -17.31 2.20 5.78
CA LEU A 61 -16.37 1.17 5.34
C LEU A 61 -15.74 0.46 6.54
N GLY A 62 -15.52 1.23 7.62
CA GLY A 62 -14.93 0.66 8.81
C GLY A 62 -13.61 -0.04 8.53
N SER A 63 -13.66 -1.36 8.42
CA SER A 63 -12.45 -2.15 8.16
C SER A 63 -11.96 -1.93 6.73
N ASN A 64 -12.89 -1.64 5.83
CA ASN A 64 -12.55 -1.40 4.43
C ASN A 64 -12.28 0.07 4.17
N LEU A 65 -12.15 0.85 5.25
CA LEU A 65 -11.88 2.27 5.15
C LEU A 65 -10.39 2.52 4.95
N VAL A 66 -10.07 3.49 4.10
CA VAL A 66 -8.68 3.84 3.82
C VAL A 66 -8.25 5.07 4.60
N THR A 67 -6.99 5.09 5.03
CA THR A 67 -6.45 6.19 5.80
C THR A 67 -4.99 6.45 5.45
N GLU A 68 -4.54 7.68 5.69
CA GLU A 68 -3.15 8.05 5.40
C GLU A 68 -2.21 6.87 5.66
N VAL A 69 -2.44 6.16 6.76
CA VAL A 69 -1.61 5.01 7.11
C VAL A 69 -1.72 3.92 6.06
N ARG A 70 -2.94 3.45 5.80
CA ARG A 70 -3.16 2.41 4.82
C ARG A 70 -2.30 2.62 3.58
N VAL A 71 -2.35 3.84 3.03
CA VAL A 71 -1.56 4.16 1.85
C VAL A 71 -0.07 4.14 2.16
N TYR A 72 0.29 4.61 3.35
CA TYR A 72 1.69 4.64 3.77
C TYR A 72 2.28 3.23 3.81
N ASN A 73 1.48 2.29 4.29
CA ASN A 73 1.92 0.89 4.38
C ASN A 73 2.03 0.25 3.00
N TRP A 74 1.04 0.53 2.15
CA TRP A 74 1.01 -0.02 0.80
C TRP A 74 2.23 0.46 0.01
N PHE A 75 2.58 1.73 0.18
CA PHE A 75 3.72 2.29 -0.53
C PHE A 75 5.04 1.79 0.06
N ALA A 76 5.05 1.57 1.37
CA ALA A 76 6.23 1.09 2.05
C ALA A 76 6.62 -0.30 1.57
N ASN A 77 5.62 -1.13 1.30
CA ASN A 77 5.85 -2.48 0.82
C ASN A 77 6.28 -2.49 -0.64
N ARG A 78 5.69 -1.58 -1.42
CA ARG A 78 6.01 -1.47 -2.84
C ARG A 78 7.46 -1.08 -3.05
N ARG A 79 8.04 -0.42 -2.05
CA ARG A 79 9.43 0.01 -2.13
C ARG A 79 10.36 -1.02 -1.48
N LYS A 80 9.83 -1.75 -0.50
CA LYS A 80 10.60 -2.77 0.20
C LYS A 80 10.77 -4.02 -0.65
N GLU A 81 9.74 -4.32 -1.45
CA GLU A 81 9.77 -5.48 -2.31
C GLU A 81 10.77 -5.30 -3.45
N GLU A 82 10.73 -4.12 -4.08
CA GLU A 82 11.62 -3.82 -5.19
C GLU A 82 13.08 -3.87 -4.74
N ALA A 83 13.33 -3.39 -3.53
CA ALA A 83 14.69 -3.39 -2.97
C ALA A 83 15.04 -4.74 -2.35
N PHE A 84 14.01 -5.56 -2.13
CA PHE A 84 14.21 -6.88 -1.55
C PHE A 84 15.19 -7.70 -2.38
N ARG A 85 14.78 -8.03 -3.60
CA ARG A 85 15.62 -8.82 -4.50
C ARG A 85 17.06 -8.33 -4.46
N GLN A 86 17.25 -7.07 -4.07
CA GLN A 86 18.58 -6.48 -4.00
C GLN A 86 19.18 -6.66 -2.62
N LYS A 87 18.35 -6.55 -1.59
CA LYS A 87 18.80 -6.71 -0.21
C LYS A 87 19.33 -8.12 0.02
N LEU A 88 18.58 -9.12 -0.44
CA LEU A 88 18.99 -10.51 -0.27
C LEU A 88 20.24 -10.82 -1.08
N ALA A 89 20.63 -9.87 -1.94
CA ALA A 89 21.82 -10.03 -2.77
C ALA A 89 23.05 -9.45 -2.08
N MET A 90 22.86 -8.39 -1.31
CA MET A 90 23.95 -7.75 -0.60
C MET A 90 24.67 -8.75 0.30
N ASP A 91 23.91 -9.63 0.93
CA ASP A 91 24.47 -10.64 1.81
C ASP A 91 25.22 -11.72 1.02
N ALA A 92 25.85 -12.64 1.74
CA ALA A 92 26.60 -13.71 1.10
C ALA A 92 26.86 -14.85 2.08
N TYR A 93 27.26 -16.00 1.55
CA TYR A 93 27.54 -17.17 2.38
C TYR A 93 26.40 -17.41 3.37
N SER A 94 25.17 -17.30 2.88
CA SER A 94 24.00 -17.51 3.72
C SER A 94 23.00 -18.44 3.04
N SER A 95 22.08 -19.00 3.83
CA SER A 95 21.07 -19.91 3.30
C SER A 95 19.70 -19.25 3.30
N ASN A 96 19.65 -18.00 2.86
CA ASN A 96 18.40 -17.25 2.80
C ASN A 96 17.49 -17.79 1.71
N SER A 97 16.29 -17.23 1.61
CA SER A 97 15.33 -17.65 0.60
C SER A 97 16.00 -17.82 -0.76
N GLY A 98 15.80 -18.97 -1.39
CA GLY A 98 16.40 -19.22 -2.69
C GLY A 98 16.25 -18.04 -3.63
N PRO A 99 17.30 -17.79 -4.43
CA PRO A 99 17.31 -16.68 -5.38
C PRO A 99 16.36 -16.92 -6.55
N SER A 100 15.39 -16.03 -6.71
CA SER A 100 14.41 -16.15 -7.79
C SER A 100 14.92 -15.47 -9.05
N SER A 101 15.39 -14.23 -8.91
CA SER A 101 15.90 -13.47 -10.05
C SER A 101 15.09 -13.77 -11.31
N GLY A 102 13.77 -13.76 -11.17
CA GLY A 102 12.92 -14.03 -12.32
C GLY A 102 12.02 -15.23 -12.09
N GLY A 1 -17.35 -11.06 15.80
CA GLY A 1 -17.08 -9.82 16.51
C GLY A 1 -17.02 -8.63 15.57
N SER A 2 -18.18 -8.04 15.30
CA SER A 2 -18.26 -6.88 14.41
C SER A 2 -17.18 -5.86 14.76
N SER A 3 -16.79 -5.84 16.02
CA SER A 3 -15.77 -4.90 16.49
C SER A 3 -14.37 -5.37 16.09
N GLY A 4 -13.50 -4.41 15.77
CA GLY A 4 -12.16 -4.74 15.37
C GLY A 4 -11.13 -3.76 15.92
N SER A 5 -9.94 -4.27 16.22
CA SER A 5 -8.88 -3.43 16.76
C SER A 5 -7.70 -3.34 15.79
N SER A 6 -6.83 -2.38 16.02
CA SER A 6 -5.66 -2.18 15.16
C SER A 6 -4.48 -3.02 15.64
N GLY A 7 -4.21 -4.10 14.93
CA GLY A 7 -3.11 -4.98 15.28
C GLY A 7 -3.07 -6.24 14.45
N ARG A 8 -4.21 -6.91 14.33
CA ARG A 8 -4.31 -8.14 13.55
C ARG A 8 -5.08 -7.91 12.26
N ASN A 9 -6.22 -7.23 12.37
CA ASN A 9 -7.07 -6.95 11.23
C ASN A 9 -6.22 -6.55 10.02
N ARG A 10 -6.20 -7.41 9.00
CA ARG A 10 -5.44 -7.15 7.79
C ARG A 10 -6.32 -6.57 6.70
N PHE A 11 -6.47 -5.25 6.71
CA PHE A 11 -7.30 -4.57 5.72
C PHE A 11 -6.82 -4.88 4.30
N LYS A 12 -7.69 -5.49 3.51
CA LYS A 12 -7.37 -5.85 2.14
C LYS A 12 -7.89 -4.81 1.16
N TRP A 13 -7.04 -4.38 0.24
CA TRP A 13 -7.42 -3.38 -0.75
C TRP A 13 -8.47 -3.93 -1.71
N GLY A 14 -9.20 -3.04 -2.38
CA GLY A 14 -10.21 -3.46 -3.31
C GLY A 14 -9.73 -3.46 -4.75
N PRO A 15 -10.65 -3.72 -5.70
CA PRO A 15 -10.32 -3.75 -7.12
C PRO A 15 -10.00 -2.37 -7.67
N ALA A 16 -10.81 -1.39 -7.32
CA ALA A 16 -10.61 -0.01 -7.78
C ALA A 16 -9.52 0.68 -6.97
N SER A 17 -9.68 0.67 -5.65
CA SER A 17 -8.71 1.31 -4.76
C SER A 17 -7.28 0.97 -5.19
N GLN A 18 -6.97 -0.33 -5.23
CA GLN A 18 -5.64 -0.77 -5.62
C GLN A 18 -5.15 -0.03 -6.86
N GLN A 19 -5.93 -0.12 -7.94
CA GLN A 19 -5.58 0.54 -9.18
C GLN A 19 -5.16 1.98 -8.94
N ILE A 20 -5.92 2.68 -8.11
CA ILE A 20 -5.64 4.08 -7.79
C ILE A 20 -4.24 4.22 -7.18
N LEU A 21 -3.88 3.27 -6.32
CA LEU A 21 -2.57 3.30 -5.68
C LEU A 21 -1.46 3.20 -6.70
N TYR A 22 -1.66 2.37 -7.72
CA TYR A 22 -0.67 2.20 -8.77
C TYR A 22 -0.50 3.46 -9.60
N GLN A 23 -1.62 4.03 -10.02
CA GLN A 23 -1.61 5.25 -10.82
C GLN A 23 -0.86 6.37 -10.08
N ALA A 24 -0.96 6.37 -8.77
CA ALA A 24 -0.29 7.39 -7.96
C ALA A 24 1.18 7.05 -7.76
N TYR A 25 1.47 5.78 -7.49
CA TYR A 25 2.84 5.32 -7.28
C TYR A 25 3.66 5.49 -8.56
N ASP A 26 3.02 5.29 -9.70
CA ASP A 26 3.69 5.42 -10.99
C ASP A 26 4.29 6.81 -11.15
N ARG A 27 3.55 7.83 -10.71
CA ARG A 27 4.00 9.21 -10.82
C ARG A 27 5.07 9.50 -9.76
N GLN A 28 4.77 9.15 -8.51
CA GLN A 28 5.70 9.38 -7.41
C GLN A 28 5.90 8.11 -6.59
N LYS A 29 7.12 7.91 -6.10
CA LYS A 29 7.45 6.74 -5.30
C LYS A 29 7.19 7.00 -3.83
N ASN A 30 7.45 8.23 -3.39
CA ASN A 30 7.25 8.62 -2.00
C ASN A 30 6.19 9.71 -1.89
N PRO A 31 4.92 9.29 -1.84
CA PRO A 31 3.79 10.22 -1.72
C PRO A 31 3.72 10.89 -0.36
N SER A 32 3.58 12.21 -0.37
CA SER A 32 3.50 12.98 0.88
C SER A 32 2.05 13.14 1.33
N LYS A 33 1.86 13.82 2.46
CA LYS A 33 0.53 14.04 3.00
C LYS A 33 -0.47 14.32 1.88
N GLU A 34 -0.10 15.21 0.98
CA GLU A 34 -0.98 15.57 -0.14
C GLU A 34 -1.20 14.36 -1.06
N GLU A 35 -0.13 13.85 -1.64
CA GLU A 35 -0.23 12.70 -2.53
C GLU A 35 -1.01 11.57 -1.87
N ARG A 36 -0.43 10.97 -0.84
CA ARG A 36 -1.07 9.87 -0.14
C ARG A 36 -2.54 10.18 0.12
N GLU A 37 -2.82 11.40 0.56
CA GLU A 37 -4.18 11.82 0.85
C GLU A 37 -5.08 11.61 -0.38
N ALA A 38 -4.61 12.08 -1.53
CA ALA A 38 -5.37 11.95 -2.77
C ALA A 38 -5.78 10.51 -3.00
N LEU A 39 -5.09 9.58 -2.34
CA LEU A 39 -5.39 8.16 -2.49
C LEU A 39 -6.33 7.68 -1.38
N VAL A 40 -6.32 8.39 -0.25
CA VAL A 40 -7.17 8.04 0.88
C VAL A 40 -8.63 8.34 0.57
N GLU A 41 -8.88 9.46 -0.11
CA GLU A 41 -10.23 9.86 -0.46
C GLU A 41 -10.68 9.18 -1.76
N GLU A 42 -9.79 9.17 -2.75
CA GLU A 42 -10.09 8.56 -4.03
C GLU A 42 -10.50 7.10 -3.86
N CYS A 43 -9.70 6.37 -3.07
CA CYS A 43 -9.98 4.95 -2.83
C CYS A 43 -11.33 4.77 -2.16
N ASN A 44 -11.44 5.26 -0.92
CA ASN A 44 -12.69 5.14 -0.17
C ASN A 44 -13.89 5.56 -1.03
N ARG A 45 -13.68 6.53 -1.90
CA ARG A 45 -14.74 7.02 -2.78
C ARG A 45 -15.12 5.95 -3.80
N ALA A 46 -14.14 5.50 -4.57
CA ALA A 46 -14.37 4.48 -5.59
C ALA A 46 -14.96 3.22 -4.98
N GLU A 47 -14.45 2.84 -3.81
CA GLU A 47 -14.92 1.65 -3.12
C GLU A 47 -16.44 1.70 -2.91
N CYS A 48 -16.93 2.86 -2.50
CA CYS A 48 -18.36 3.05 -2.27
C CYS A 48 -19.14 2.91 -3.57
N LEU A 49 -18.59 3.47 -4.65
CA LEU A 49 -19.24 3.40 -5.95
C LEU A 49 -19.41 1.96 -6.41
N GLN A 50 -18.30 1.25 -6.55
CA GLN A 50 -18.32 -0.15 -6.99
C GLN A 50 -19.22 -0.97 -6.07
N ARG A 51 -19.10 -0.75 -4.77
CA ARG A 51 -19.90 -1.49 -3.80
C ARG A 51 -21.33 -0.94 -3.74
N GLY A 52 -21.63 0.00 -4.63
CA GLY A 52 -22.96 0.59 -4.68
C GLY A 52 -23.13 1.68 -3.65
N VAL A 53 -22.35 1.63 -2.58
CA VAL A 53 -22.42 2.63 -1.53
C VAL A 53 -22.12 4.03 -2.07
N SER A 54 -22.30 5.04 -1.23
CA SER A 54 -22.05 6.42 -1.62
C SER A 54 -20.66 6.87 -1.19
N PRO A 55 -20.00 7.65 -2.05
CA PRO A 55 -18.65 8.17 -1.78
C PRO A 55 -18.64 9.22 -0.67
N SER A 56 -19.83 9.52 -0.15
CA SER A 56 -19.95 10.51 0.92
C SER A 56 -20.09 9.83 2.28
N LYS A 57 -20.51 8.57 2.25
CA LYS A 57 -20.68 7.80 3.49
C LYS A 57 -19.60 6.75 3.63
N ALA A 58 -18.38 7.11 3.25
CA ALA A 58 -17.24 6.19 3.35
C ALA A 58 -16.97 5.81 4.80
N HIS A 59 -17.26 6.73 5.72
CA HIS A 59 -17.04 6.49 7.13
C HIS A 59 -17.58 5.13 7.55
N GLY A 60 -18.55 4.63 6.79
CA GLY A 60 -19.12 3.34 7.09
C GLY A 60 -18.19 2.19 6.79
N LEU A 61 -17.39 2.34 5.74
CA LEU A 61 -16.44 1.31 5.34
C LEU A 61 -15.84 0.62 6.56
N GLY A 62 -15.62 1.39 7.62
CA GLY A 62 -15.05 0.85 8.84
C GLY A 62 -13.74 0.14 8.59
N SER A 63 -13.74 -1.18 8.69
CA SER A 63 -12.55 -1.98 8.48
C SER A 63 -12.02 -1.81 7.06
N ASN A 64 -12.93 -1.55 6.12
CA ASN A 64 -12.57 -1.36 4.72
C ASN A 64 -12.29 0.10 4.42
N LEU A 65 -12.21 0.91 5.48
CA LEU A 65 -11.95 2.34 5.32
C LEU A 65 -10.45 2.61 5.15
N VAL A 66 -10.12 3.43 4.16
CA VAL A 66 -8.72 3.78 3.91
C VAL A 66 -8.28 4.97 4.75
N THR A 67 -6.98 5.06 5.00
CA THR A 67 -6.43 6.15 5.79
C THR A 67 -4.97 6.40 5.44
N GLU A 68 -4.51 7.64 5.66
CA GLU A 68 -3.13 8.01 5.37
C GLU A 68 -2.20 6.84 5.63
N VAL A 69 -2.44 6.13 6.73
CA VAL A 69 -1.62 4.99 7.11
C VAL A 69 -1.74 3.86 6.09
N ARG A 70 -2.98 3.45 5.82
CA ARG A 70 -3.24 2.38 4.88
C ARG A 70 -2.37 2.54 3.62
N VAL A 71 -2.42 3.73 3.02
CA VAL A 71 -1.64 4.00 1.82
C VAL A 71 -0.15 3.96 2.11
N TYR A 72 0.24 4.56 3.23
CA TYR A 72 1.65 4.59 3.63
C TYR A 72 2.24 3.19 3.63
N ASN A 73 1.52 2.24 4.22
CA ASN A 73 1.98 0.86 4.28
C ASN A 73 2.11 0.26 2.89
N TRP A 74 1.03 0.34 2.12
CA TRP A 74 1.01 -0.20 0.76
C TRP A 74 2.25 0.25 -0.01
N PHE A 75 2.54 1.54 0.06
CA PHE A 75 3.69 2.10 -0.64
C PHE A 75 5.00 1.57 -0.05
N ALA A 76 5.06 1.51 1.28
CA ALA A 76 6.24 1.02 1.97
C ALA A 76 6.61 -0.38 1.49
N ASN A 77 5.61 -1.25 1.39
CA ASN A 77 5.83 -2.63 0.95
C ASN A 77 6.29 -2.67 -0.50
N ARG A 78 5.75 -1.77 -1.32
CA ARG A 78 6.11 -1.70 -2.73
C ARG A 78 7.55 -1.25 -2.90
N ARG A 79 8.00 -0.36 -2.01
CA ARG A 79 9.36 0.15 -2.06
C ARG A 79 10.33 -0.79 -1.36
N LYS A 80 9.80 -1.60 -0.45
CA LYS A 80 10.61 -2.55 0.29
C LYS A 80 10.89 -3.80 -0.53
N GLU A 81 9.94 -4.17 -1.38
CA GLU A 81 10.08 -5.34 -2.23
C GLU A 81 11.05 -5.06 -3.39
N GLU A 82 10.92 -3.88 -3.99
CA GLU A 82 11.77 -3.50 -5.09
C GLU A 82 13.23 -3.42 -4.66
N ALA A 83 13.46 -2.90 -3.46
CA ALA A 83 14.81 -2.78 -2.92
C ALA A 83 15.31 -4.12 -2.38
N PHE A 84 14.38 -5.04 -2.13
CA PHE A 84 14.73 -6.35 -1.61
C PHE A 84 15.78 -7.03 -2.50
N ARG A 85 15.37 -7.35 -3.72
CA ARG A 85 16.26 -8.01 -4.67
C ARG A 85 17.64 -7.36 -4.66
N GLN A 86 17.70 -6.10 -4.24
CA GLN A 86 18.95 -5.36 -4.17
C GLN A 86 19.62 -5.54 -2.82
N LYS A 87 18.82 -5.60 -1.77
CA LYS A 87 19.34 -5.78 -0.41
C LYS A 87 20.06 -7.11 -0.29
N LEU A 88 19.38 -8.19 -0.67
CA LEU A 88 19.95 -9.53 -0.60
C LEU A 88 21.24 -9.62 -1.41
N ALA A 89 21.46 -8.63 -2.27
CA ALA A 89 22.66 -8.59 -3.11
C ALA A 89 23.83 -7.96 -2.35
N MET A 90 23.53 -6.94 -1.56
CA MET A 90 24.56 -6.25 -0.79
C MET A 90 25.18 -7.19 0.24
N ASP A 91 24.34 -7.99 0.89
CA ASP A 91 24.81 -8.93 1.91
C ASP A 91 25.70 -10.00 1.28
N ALA A 92 26.30 -10.83 2.12
CA ALA A 92 27.18 -11.90 1.65
C ALA A 92 26.38 -13.09 1.17
N TYR A 93 27.05 -14.02 0.50
CA TYR A 93 26.40 -15.21 -0.03
C TYR A 93 25.61 -15.92 1.08
N SER A 94 24.37 -16.27 0.77
CA SER A 94 23.50 -16.96 1.73
C SER A 94 23.43 -18.45 1.41
N SER A 95 23.86 -19.27 2.37
CA SER A 95 23.84 -20.72 2.20
C SER A 95 22.41 -21.22 2.01
N ASN A 96 22.25 -22.22 1.13
CA ASN A 96 20.94 -22.80 0.87
C ASN A 96 20.36 -23.44 2.11
N SER A 97 19.04 -23.42 2.22
CA SER A 97 18.35 -24.01 3.37
C SER A 97 17.43 -25.15 2.94
N GLY A 98 17.18 -26.08 3.85
CA GLY A 98 16.32 -27.20 3.55
C GLY A 98 15.28 -27.44 4.61
N PRO A 99 14.38 -26.48 4.80
CA PRO A 99 13.31 -26.57 5.81
C PRO A 99 12.26 -27.61 5.44
N SER A 100 12.05 -28.57 6.34
CA SER A 100 11.08 -29.63 6.11
C SER A 100 9.67 -29.05 5.98
N SER A 101 8.94 -29.51 4.97
CA SER A 101 7.58 -29.05 4.74
C SER A 101 6.56 -29.93 5.45
N GLY A 102 5.39 -29.39 5.71
CA GLY A 102 4.34 -30.14 6.39
C GLY A 102 4.31 -31.59 5.95
N GLY A 1 9.39 11.90 19.82
CA GLY A 1 9.48 12.03 18.38
C GLY A 1 8.17 11.72 17.69
N SER A 2 7.91 10.44 17.45
CA SER A 2 6.69 10.00 16.78
C SER A 2 6.52 8.50 16.87
N SER A 3 5.32 8.06 17.27
CA SER A 3 5.04 6.65 17.40
C SER A 3 4.13 6.17 16.27
N GLY A 4 4.26 4.89 15.91
CA GLY A 4 3.45 4.33 14.85
C GLY A 4 2.10 3.85 15.35
N SER A 5 1.41 3.07 14.51
CA SER A 5 0.10 2.54 14.88
C SER A 5 0.22 1.12 15.44
N SER A 6 0.50 1.03 16.73
CA SER A 6 0.64 -0.26 17.39
C SER A 6 -0.69 -1.00 17.43
N GLY A 7 -0.87 -1.95 16.53
CA GLY A 7 -2.11 -2.71 16.48
C GLY A 7 -2.13 -3.72 15.34
N ARG A 8 -3.29 -4.31 15.11
CA ARG A 8 -3.44 -5.30 14.04
C ARG A 8 -4.41 -4.80 12.97
N ASN A 9 -3.88 -4.09 11.98
CA ASN A 9 -4.71 -3.56 10.90
C ASN A 9 -5.27 -4.68 10.04
N ARG A 10 -6.59 -4.86 10.11
CA ARG A 10 -7.25 -5.90 9.34
C ARG A 10 -8.00 -5.31 8.15
N PHE A 11 -7.33 -4.46 7.40
CA PHE A 11 -7.94 -3.82 6.23
C PHE A 11 -7.30 -4.32 4.94
N LYS A 12 -8.13 -4.64 3.96
CA LYS A 12 -7.64 -5.14 2.67
C LYS A 12 -8.06 -4.20 1.54
N TRP A 13 -7.17 -4.04 0.56
CA TRP A 13 -7.45 -3.17 -0.57
C TRP A 13 -8.44 -3.83 -1.53
N GLY A 14 -9.10 -3.00 -2.34
CA GLY A 14 -10.07 -3.52 -3.29
C GLY A 14 -9.54 -3.51 -4.71
N PRO A 15 -10.43 -3.81 -5.68
CA PRO A 15 -10.07 -3.85 -7.09
C PRO A 15 -9.77 -2.46 -7.66
N ALA A 16 -10.59 -1.48 -7.29
CA ALA A 16 -10.41 -0.11 -7.75
C ALA A 16 -9.34 0.61 -6.93
N SER A 17 -9.51 0.59 -5.61
CA SER A 17 -8.58 1.25 -4.71
C SER A 17 -7.13 0.95 -5.11
N GLN A 18 -6.80 -0.35 -5.15
CA GLN A 18 -5.45 -0.76 -5.52
C GLN A 18 -4.95 0.01 -6.74
N GLN A 19 -5.67 -0.11 -7.84
CA GLN A 19 -5.30 0.58 -9.08
C GLN A 19 -4.92 2.03 -8.80
N ILE A 20 -5.75 2.71 -8.02
CA ILE A 20 -5.50 4.11 -7.68
C ILE A 20 -4.12 4.29 -7.06
N LEU A 21 -3.75 3.36 -6.18
CA LEU A 21 -2.46 3.41 -5.51
C LEU A 21 -1.33 3.30 -6.53
N TYR A 22 -1.52 2.47 -7.55
CA TYR A 22 -0.51 2.28 -8.59
C TYR A 22 -0.35 3.54 -9.42
N GLN A 23 -1.47 4.13 -9.83
CA GLN A 23 -1.45 5.34 -10.64
C GLN A 23 -0.71 6.45 -9.92
N ALA A 24 -0.82 6.49 -8.60
CA ALA A 24 -0.15 7.51 -7.79
C ALA A 24 1.31 7.13 -7.53
N TYR A 25 1.55 5.86 -7.28
CA TYR A 25 2.90 5.38 -7.01
C TYR A 25 3.76 5.44 -8.26
N ASP A 26 3.12 5.25 -9.42
CA ASP A 26 3.83 5.29 -10.69
C ASP A 26 4.43 6.67 -10.94
N ARG A 27 3.73 7.70 -10.48
CA ARG A 27 4.19 9.08 -10.65
C ARG A 27 5.23 9.44 -9.59
N GLN A 28 4.90 9.17 -8.33
CA GLN A 28 5.80 9.47 -7.23
C GLN A 28 5.92 8.28 -6.28
N LYS A 29 7.15 7.97 -5.89
CA LYS A 29 7.42 6.85 -4.99
C LYS A 29 7.11 7.24 -3.55
N ASN A 30 7.49 8.45 -3.17
CA ASN A 30 7.25 8.94 -1.81
C ASN A 30 6.16 10.01 -1.81
N PRO A 31 4.90 9.56 -1.74
CA PRO A 31 3.74 10.45 -1.71
C PRO A 31 3.64 11.24 -0.40
N SER A 32 3.45 12.55 -0.52
CA SER A 32 3.34 13.41 0.65
C SER A 32 1.88 13.54 1.10
N LYS A 33 1.68 14.15 2.26
CA LYS A 33 0.33 14.34 2.79
C LYS A 33 -0.67 14.62 1.67
N GLU A 34 -0.24 15.43 0.69
CA GLU A 34 -1.10 15.78 -0.43
C GLU A 34 -1.35 14.55 -1.32
N GLU A 35 -0.27 13.95 -1.81
CA GLU A 35 -0.37 12.78 -2.67
C GLU A 35 -1.15 11.67 -1.97
N ARG A 36 -0.60 11.16 -0.88
CA ARG A 36 -1.25 10.10 -0.12
C ARG A 36 -2.73 10.40 0.10
N GLU A 37 -3.02 11.62 0.52
CA GLU A 37 -4.40 12.05 0.76
C GLU A 37 -5.28 11.78 -0.45
N ALA A 38 -4.81 12.25 -1.62
CA ALA A 38 -5.55 12.07 -2.85
C ALA A 38 -5.93 10.61 -3.06
N LEU A 39 -5.23 9.71 -2.37
CA LEU A 39 -5.49 8.29 -2.47
C LEU A 39 -6.45 7.82 -1.37
N VAL A 40 -6.44 8.54 -0.26
CA VAL A 40 -7.30 8.21 0.88
C VAL A 40 -8.76 8.48 0.55
N GLU A 41 -9.01 9.61 -0.11
CA GLU A 41 -10.37 9.99 -0.47
C GLU A 41 -10.81 9.28 -1.75
N GLU A 42 -9.92 9.26 -2.74
CA GLU A 42 -10.22 8.60 -4.01
C GLU A 42 -10.58 7.13 -3.80
N CYS A 43 -9.78 6.45 -3.00
CA CYS A 43 -10.01 5.04 -2.71
C CYS A 43 -11.36 4.83 -2.03
N ASN A 44 -11.47 5.31 -0.80
CA ASN A 44 -12.72 5.18 -0.04
C ASN A 44 -13.92 5.53 -0.91
N ARG A 45 -13.72 6.46 -1.83
CA ARG A 45 -14.78 6.90 -2.72
C ARG A 45 -15.11 5.82 -3.76
N ALA A 46 -14.10 5.43 -4.53
CA ALA A 46 -14.28 4.41 -5.56
C ALA A 46 -14.82 3.12 -4.95
N GLU A 47 -14.31 2.75 -3.79
CA GLU A 47 -14.74 1.54 -3.10
C GLU A 47 -16.26 1.53 -2.91
N CYS A 48 -16.80 2.68 -2.53
CA CYS A 48 -18.24 2.81 -2.31
C CYS A 48 -19.00 2.66 -3.61
N LEU A 49 -18.48 3.26 -4.68
CA LEU A 49 -19.12 3.19 -5.99
C LEU A 49 -19.21 1.75 -6.48
N GLN A 50 -18.07 1.10 -6.59
CA GLN A 50 -18.02 -0.29 -7.05
C GLN A 50 -18.91 -1.17 -6.18
N ARG A 51 -18.80 -1.01 -4.87
CA ARG A 51 -19.60 -1.80 -3.93
C ARG A 51 -21.04 -1.31 -3.90
N GLY A 52 -21.35 -0.33 -4.76
CA GLY A 52 -22.70 0.20 -4.82
C GLY A 52 -22.94 1.27 -3.76
N VAL A 53 -22.16 1.24 -2.69
CA VAL A 53 -22.29 2.21 -1.61
C VAL A 53 -22.06 3.63 -2.12
N SER A 54 -22.28 4.61 -1.26
CA SER A 54 -22.10 6.01 -1.61
C SER A 54 -20.73 6.51 -1.19
N PRO A 55 -20.10 7.33 -2.04
CA PRO A 55 -18.78 7.91 -1.76
C PRO A 55 -18.81 8.93 -0.63
N SER A 56 -20.01 9.25 -0.16
CA SER A 56 -20.18 10.22 0.92
C SER A 56 -20.31 9.52 2.26
N LYS A 57 -20.67 8.24 2.23
CA LYS A 57 -20.83 7.45 3.44
C LYS A 57 -19.69 6.46 3.60
N ALA A 58 -18.49 6.86 3.17
CA ALA A 58 -17.33 6.00 3.27
C ALA A 58 -16.99 5.70 4.73
N HIS A 59 -17.28 6.63 5.61
CA HIS A 59 -17.02 6.46 7.03
C HIS A 59 -17.56 5.12 7.52
N GLY A 60 -18.47 4.54 6.77
CA GLY A 60 -19.05 3.27 7.14
C GLY A 60 -18.13 2.10 6.83
N LEU A 61 -17.36 2.22 5.76
CA LEU A 61 -16.43 1.18 5.36
C LEU A 61 -15.82 0.49 6.58
N GLY A 62 -15.50 1.28 7.61
CA GLY A 62 -14.92 0.73 8.82
C GLY A 62 -13.65 -0.05 8.54
N SER A 63 -13.78 -1.37 8.47
CA SER A 63 -12.62 -2.23 8.22
C SER A 63 -12.10 -2.05 6.80
N ASN A 64 -12.99 -1.62 5.90
CA ASN A 64 -12.62 -1.40 4.51
C ASN A 64 -12.33 0.08 4.25
N LEU A 65 -12.13 0.83 5.31
CA LEU A 65 -11.85 2.26 5.21
C LEU A 65 -10.36 2.52 5.04
N VAL A 66 -10.02 3.50 4.22
CA VAL A 66 -8.63 3.85 3.97
C VAL A 66 -8.22 5.09 4.76
N THR A 67 -6.96 5.12 5.19
CA THR A 67 -6.44 6.24 5.96
C THR A 67 -4.99 6.54 5.59
N GLU A 68 -4.58 7.79 5.78
CA GLU A 68 -3.22 8.22 5.47
C GLU A 68 -2.24 7.08 5.74
N VAL A 69 -2.47 6.33 6.82
CA VAL A 69 -1.60 5.23 7.18
C VAL A 69 -1.69 4.10 6.16
N ARG A 70 -2.90 3.61 5.93
CA ARG A 70 -3.13 2.53 4.98
C ARG A 70 -2.28 2.73 3.72
N VAL A 71 -2.35 3.93 3.16
CA VAL A 71 -1.60 4.26 1.95
C VAL A 71 -0.09 4.30 2.24
N TYR A 72 0.25 4.74 3.44
CA TYR A 72 1.66 4.83 3.84
C TYR A 72 2.31 3.45 3.89
N ASN A 73 1.52 2.46 4.31
CA ASN A 73 2.03 1.09 4.40
C ASN A 73 2.14 0.45 3.02
N TRP A 74 1.07 0.53 2.25
CA TRP A 74 1.05 -0.04 0.90
C TRP A 74 2.28 0.41 0.11
N PHE A 75 2.57 1.71 0.16
CA PHE A 75 3.71 2.27 -0.55
C PHE A 75 5.02 1.72 0.01
N ALA A 76 5.08 1.56 1.32
CA ALA A 76 6.27 1.03 1.98
C ALA A 76 6.62 -0.35 1.46
N ASN A 77 5.61 -1.20 1.30
CA ASN A 77 5.81 -2.55 0.81
C ASN A 77 6.21 -2.54 -0.67
N ARG A 78 5.79 -1.50 -1.38
CA ARG A 78 6.10 -1.37 -2.80
C ARG A 78 7.58 -1.07 -3.00
N ARG A 79 8.16 -0.32 -2.07
CA ARG A 79 9.57 0.04 -2.15
C ARG A 79 10.45 -1.02 -1.48
N LYS A 80 9.88 -1.72 -0.50
CA LYS A 80 10.60 -2.76 0.22
C LYS A 80 10.72 -4.02 -0.63
N GLU A 81 9.73 -4.24 -1.50
CA GLU A 81 9.73 -5.41 -2.37
C GLU A 81 10.66 -5.21 -3.56
N GLU A 82 10.49 -4.07 -4.24
CA GLU A 82 11.31 -3.75 -5.40
C GLU A 82 12.79 -3.80 -5.05
N ALA A 83 13.11 -3.48 -3.81
CA ALA A 83 14.50 -3.49 -3.34
C ALA A 83 14.88 -4.86 -2.81
N PHE A 84 13.89 -5.71 -2.56
CA PHE A 84 14.13 -7.05 -2.05
C PHE A 84 15.04 -7.84 -2.98
N ARG A 85 14.57 -8.08 -4.19
CA ARG A 85 15.35 -8.83 -5.18
C ARG A 85 16.79 -8.34 -5.21
N GLN A 86 17.01 -7.12 -4.74
CA GLN A 86 18.35 -6.53 -4.73
C GLN A 86 19.02 -6.77 -3.37
N LYS A 87 18.22 -6.69 -2.30
CA LYS A 87 18.74 -6.89 -0.95
C LYS A 87 19.24 -8.32 -0.77
N LEU A 88 18.47 -9.28 -1.29
CA LEU A 88 18.85 -10.69 -1.18
C LEU A 88 20.11 -10.99 -1.98
N ALA A 89 20.59 -9.99 -2.71
CA ALA A 89 21.79 -10.14 -3.52
C ALA A 89 23.01 -9.58 -2.79
N MET A 90 22.83 -8.50 -2.06
CA MET A 90 23.92 -7.88 -1.30
C MET A 90 24.30 -8.74 -0.11
N ASP A 91 23.31 -9.33 0.55
CA ASP A 91 23.56 -10.17 1.71
C ASP A 91 24.27 -11.46 1.30
N ALA A 92 24.78 -12.19 2.29
CA ALA A 92 25.49 -13.43 2.04
C ALA A 92 24.54 -14.62 2.11
N TYR A 93 24.76 -15.62 1.25
CA TYR A 93 23.93 -16.81 1.22
C TYR A 93 24.77 -18.07 1.37
N SER A 94 24.11 -19.19 1.59
CA SER A 94 24.79 -20.48 1.76
C SER A 94 24.88 -21.21 0.43
N SER A 95 26.08 -21.67 0.10
CA SER A 95 26.31 -22.40 -1.14
C SER A 95 25.22 -23.44 -1.37
N ASN A 96 24.40 -23.22 -2.40
CA ASN A 96 23.32 -24.14 -2.72
C ASN A 96 23.87 -25.53 -3.06
N SER A 97 24.92 -25.56 -3.88
CA SER A 97 25.54 -26.82 -4.29
C SER A 97 25.58 -27.80 -3.13
N GLY A 98 25.63 -29.09 -3.45
CA GLY A 98 25.68 -30.11 -2.43
C GLY A 98 26.95 -30.06 -1.61
N PRO A 99 28.10 -30.27 -2.27
CA PRO A 99 29.40 -30.24 -1.61
C PRO A 99 29.81 -28.85 -1.15
N SER A 100 30.17 -28.71 0.12
CA SER A 100 30.57 -27.42 0.68
C SER A 100 31.12 -27.59 2.09
N SER A 101 31.81 -26.56 2.57
CA SER A 101 32.40 -26.60 3.91
C SER A 101 33.25 -27.84 4.10
N GLY A 102 34.21 -28.03 3.20
CA GLY A 102 35.11 -29.17 3.28
C GLY A 102 35.65 -29.59 1.92
N GLY A 1 12.08 -8.81 15.74
CA GLY A 1 11.05 -8.44 14.78
C GLY A 1 9.72 -8.16 15.46
N SER A 2 9.23 -6.92 15.29
CA SER A 2 7.96 -6.53 15.88
C SER A 2 6.79 -7.20 15.17
N SER A 3 6.75 -7.05 13.85
CA SER A 3 5.68 -7.64 13.05
C SER A 3 5.48 -9.11 13.41
N GLY A 4 4.31 -9.64 13.07
CA GLY A 4 4.02 -11.03 13.36
C GLY A 4 3.34 -11.74 12.20
N SER A 5 2.93 -12.98 12.43
CA SER A 5 2.27 -13.77 11.38
C SER A 5 0.77 -13.85 11.63
N SER A 6 0.40 -14.25 12.85
CA SER A 6 -1.01 -14.38 13.22
C SER A 6 -1.33 -13.50 14.42
N GLY A 7 -2.61 -13.16 14.56
CA GLY A 7 -3.04 -12.32 15.67
C GLY A 7 -4.16 -11.37 15.29
N ARG A 8 -3.96 -10.65 14.19
CA ARG A 8 -4.95 -9.69 13.71
C ARG A 8 -4.97 -9.63 12.20
N ASN A 9 -6.15 -9.45 11.62
CA ASN A 9 -6.30 -9.37 10.17
C ASN A 9 -5.75 -8.06 9.63
N ARG A 10 -5.32 -8.09 8.37
CA ARG A 10 -4.76 -6.89 7.74
C ARG A 10 -5.73 -6.32 6.72
N PHE A 11 -5.85 -5.00 6.70
CA PHE A 11 -6.76 -4.33 5.78
C PHE A 11 -6.35 -4.60 4.33
N LYS A 12 -7.14 -5.42 3.65
CA LYS A 12 -6.87 -5.77 2.26
C LYS A 12 -7.50 -4.76 1.31
N TRP A 13 -6.70 -4.19 0.42
CA TRP A 13 -7.17 -3.21 -0.54
C TRP A 13 -8.20 -3.83 -1.48
N GLY A 14 -8.89 -2.98 -2.23
CA GLY A 14 -9.90 -3.47 -3.16
C GLY A 14 -9.39 -3.52 -4.59
N PRO A 15 -10.27 -3.89 -5.52
CA PRO A 15 -9.92 -3.99 -6.95
C PRO A 15 -9.67 -2.63 -7.58
N ALA A 16 -10.41 -1.62 -7.13
CA ALA A 16 -10.26 -0.26 -7.66
C ALA A 16 -9.21 0.52 -6.87
N SER A 17 -9.33 0.48 -5.55
CA SER A 17 -8.39 1.19 -4.69
C SER A 17 -6.95 0.92 -5.11
N GLN A 18 -6.59 -0.36 -5.16
CA GLN A 18 -5.24 -0.76 -5.55
C GLN A 18 -4.78 0.02 -6.78
N GLN A 19 -5.50 -0.13 -7.88
CA GLN A 19 -5.16 0.56 -9.12
C GLN A 19 -4.81 2.02 -8.85
N ILE A 20 -5.62 2.68 -8.03
CA ILE A 20 -5.39 4.07 -7.69
C ILE A 20 -4.02 4.27 -7.05
N LEU A 21 -3.64 3.33 -6.19
CA LEU A 21 -2.35 3.40 -5.52
C LEU A 21 -1.20 3.34 -6.53
N TYR A 22 -1.38 2.52 -7.57
CA TYR A 22 -0.36 2.37 -8.61
C TYR A 22 -0.23 3.65 -9.43
N GLN A 23 -1.36 4.19 -9.87
CA GLN A 23 -1.36 5.40 -10.68
C GLN A 23 -0.61 6.52 -9.96
N ALA A 24 -0.83 6.64 -8.65
CA ALA A 24 -0.16 7.66 -7.86
C ALA A 24 1.31 7.33 -7.64
N TYR A 25 1.58 6.06 -7.34
CA TYR A 25 2.94 5.62 -7.10
C TYR A 25 3.79 5.75 -8.36
N ASP A 26 3.16 5.57 -9.52
CA ASP A 26 3.85 5.67 -10.79
C ASP A 26 4.42 7.08 -10.99
N ARG A 27 3.72 8.07 -10.48
CA ARG A 27 4.15 9.46 -10.60
C ARG A 27 5.19 9.80 -9.53
N GLN A 28 4.86 9.48 -8.28
CA GLN A 28 5.76 9.75 -7.17
C GLN A 28 5.93 8.51 -6.29
N LYS A 29 7.18 8.21 -5.94
CA LYS A 29 7.47 7.05 -5.11
C LYS A 29 7.16 7.34 -3.64
N ASN A 30 7.47 8.55 -3.21
CA ASN A 30 7.21 8.96 -1.82
C ASN A 30 6.15 10.05 -1.76
N PRO A 31 4.87 9.62 -1.71
CA PRO A 31 3.74 10.54 -1.65
C PRO A 31 3.65 11.26 -0.31
N SER A 32 3.37 12.57 -0.35
CA SER A 32 3.27 13.37 0.86
C SER A 32 1.81 13.54 1.27
N LYS A 33 1.59 14.22 2.39
CA LYS A 33 0.25 14.45 2.90
C LYS A 33 -0.74 14.66 1.76
N GLU A 34 -0.35 15.49 0.79
CA GLU A 34 -1.21 15.77 -0.37
C GLU A 34 -1.39 14.52 -1.22
N GLU A 35 -0.28 13.98 -1.73
CA GLU A 35 -0.32 12.80 -2.56
C GLU A 35 -1.10 11.68 -1.88
N ARG A 36 -0.60 11.22 -0.74
CA ARG A 36 -1.25 10.15 0.01
C ARG A 36 -2.72 10.45 0.21
N GLU A 37 -3.04 11.68 0.62
CA GLU A 37 -4.42 12.08 0.84
C GLU A 37 -5.27 11.79 -0.38
N ALA A 38 -4.79 12.20 -1.55
CA ALA A 38 -5.52 11.99 -2.79
C ALA A 38 -5.86 10.52 -2.98
N LEU A 39 -5.13 9.65 -2.29
CA LEU A 39 -5.36 8.21 -2.38
C LEU A 39 -6.29 7.74 -1.26
N VAL A 40 -6.36 8.51 -0.19
CA VAL A 40 -7.22 8.18 0.95
C VAL A 40 -8.69 8.44 0.62
N GLU A 41 -8.94 9.51 -0.11
CA GLU A 41 -10.30 9.87 -0.49
C GLU A 41 -10.71 9.17 -1.79
N GLU A 42 -9.79 9.15 -2.75
CA GLU A 42 -10.06 8.51 -4.03
C GLU A 42 -10.43 7.04 -3.84
N CYS A 43 -9.65 6.34 -3.03
CA CYS A 43 -9.89 4.93 -2.77
C CYS A 43 -11.26 4.73 -2.12
N ASN A 44 -11.39 5.21 -0.89
CA ASN A 44 -12.65 5.08 -0.14
C ASN A 44 -13.84 5.44 -1.03
N ARG A 45 -13.64 6.41 -1.91
CA ARG A 45 -14.70 6.86 -2.81
C ARG A 45 -15.04 5.77 -3.82
N ALA A 46 -14.03 5.34 -4.58
CA ALA A 46 -14.23 4.30 -5.58
C ALA A 46 -14.79 3.03 -4.95
N GLU A 47 -14.23 2.64 -3.81
CA GLU A 47 -14.68 1.44 -3.11
C GLU A 47 -16.20 1.45 -2.94
N CYS A 48 -16.73 2.60 -2.55
CA CYS A 48 -18.17 2.75 -2.34
C CYS A 48 -18.93 2.56 -3.64
N LEU A 49 -18.38 3.11 -4.72
CA LEU A 49 -19.01 3.02 -6.04
C LEU A 49 -19.10 1.57 -6.50
N GLN A 50 -17.96 0.90 -6.56
CA GLN A 50 -17.91 -0.50 -6.98
C GLN A 50 -18.78 -1.37 -6.09
N ARG A 51 -18.75 -1.08 -4.79
CA ARG A 51 -19.54 -1.84 -3.82
C ARG A 51 -20.98 -1.35 -3.79
N GLY A 52 -21.30 -0.42 -4.69
CA GLY A 52 -22.64 0.12 -4.75
C GLY A 52 -22.87 1.23 -3.74
N VAL A 53 -22.10 1.21 -2.66
CA VAL A 53 -22.21 2.21 -1.61
C VAL A 53 -21.97 3.61 -2.17
N SER A 54 -22.16 4.62 -1.33
CA SER A 54 -21.97 6.01 -1.75
C SER A 54 -20.60 6.52 -1.30
N PRO A 55 -19.95 7.31 -2.17
CA PRO A 55 -18.63 7.87 -1.90
C PRO A 55 -18.68 8.95 -0.81
N SER A 56 -19.86 9.16 -0.24
CA SER A 56 -20.03 10.16 0.80
C SER A 56 -20.18 9.49 2.17
N LYS A 57 -20.63 8.24 2.16
CA LYS A 57 -20.83 7.49 3.39
C LYS A 57 -19.68 6.50 3.61
N ALA A 58 -18.49 6.86 3.15
CA ALA A 58 -17.32 6.01 3.30
C ALA A 58 -17.10 5.62 4.75
N HIS A 59 -17.50 6.51 5.66
CA HIS A 59 -17.35 6.26 7.10
C HIS A 59 -17.81 4.85 7.46
N GLY A 60 -18.77 4.34 6.69
CA GLY A 60 -19.30 3.01 6.95
C GLY A 60 -18.27 1.92 6.67
N LEU A 61 -17.44 2.14 5.66
CA LEU A 61 -16.40 1.18 5.30
C LEU A 61 -15.78 0.56 6.54
N GLY A 62 -15.67 1.35 7.60
CA GLY A 62 -15.08 0.87 8.84
C GLY A 62 -13.73 0.23 8.62
N SER A 63 -13.70 -1.11 8.65
CA SER A 63 -12.45 -1.84 8.46
C SER A 63 -11.90 -1.62 7.06
N ASN A 64 -12.79 -1.55 6.08
CA ASN A 64 -12.39 -1.34 4.69
C ASN A 64 -12.15 0.13 4.41
N LEU A 65 -12.09 0.93 5.47
CA LEU A 65 -11.85 2.37 5.34
C LEU A 65 -10.37 2.67 5.20
N VAL A 66 -10.03 3.51 4.22
CA VAL A 66 -8.64 3.87 3.98
C VAL A 66 -8.26 5.11 4.80
N THR A 67 -6.96 5.25 5.06
CA THR A 67 -6.46 6.38 5.82
C THR A 67 -5.00 6.68 5.49
N GLU A 68 -4.59 7.92 5.70
CA GLU A 68 -3.22 8.33 5.42
C GLU A 68 -2.24 7.19 5.71
N VAL A 69 -2.46 6.51 6.83
CA VAL A 69 -1.61 5.40 7.24
C VAL A 69 -1.68 4.26 6.23
N ARG A 70 -2.90 3.81 5.94
CA ARG A 70 -3.12 2.72 4.99
C ARG A 70 -2.26 2.90 3.75
N VAL A 71 -2.38 4.06 3.11
CA VAL A 71 -1.62 4.36 1.91
C VAL A 71 -0.11 4.38 2.21
N TYR A 72 0.26 4.98 3.33
CA TYR A 72 1.65 5.07 3.73
C TYR A 72 2.29 3.68 3.80
N ASN A 73 1.57 2.74 4.39
CA ASN A 73 2.06 1.36 4.52
C ASN A 73 2.19 0.70 3.16
N TRP A 74 1.11 0.72 2.39
CA TRP A 74 1.10 0.13 1.06
C TRP A 74 2.33 0.56 0.27
N PHE A 75 2.55 1.87 0.19
CA PHE A 75 3.69 2.41 -0.53
C PHE A 75 5.00 1.83 -0.01
N ALA A 76 5.08 1.67 1.30
CA ALA A 76 6.28 1.13 1.93
C ALA A 76 6.56 -0.30 1.44
N ASN A 77 5.52 -1.11 1.38
CA ASN A 77 5.65 -2.50 0.92
C ASN A 77 6.01 -2.55 -0.55
N ARG A 78 5.55 -1.56 -1.31
CA ARG A 78 5.82 -1.49 -2.74
C ARG A 78 7.28 -1.17 -3.00
N ARG A 79 7.92 -0.54 -2.01
CA ARG A 79 9.33 -0.16 -2.14
C ARG A 79 10.23 -1.24 -1.54
N LYS A 80 9.69 -2.02 -0.61
CA LYS A 80 10.45 -3.08 0.03
C LYS A 80 10.52 -4.31 -0.86
N GLU A 81 9.47 -4.55 -1.64
CA GLU A 81 9.42 -5.68 -2.54
C GLU A 81 10.34 -5.48 -3.74
N GLU A 82 10.20 -4.32 -4.39
CA GLU A 82 11.01 -4.00 -5.56
C GLU A 82 12.50 -4.11 -5.22
N ALA A 83 12.86 -3.67 -4.02
CA ALA A 83 14.25 -3.71 -3.57
C ALA A 83 14.61 -5.09 -3.02
N PHE A 84 13.59 -5.87 -2.69
CA PHE A 84 13.79 -7.21 -2.14
C PHE A 84 14.68 -8.04 -3.07
N ARG A 85 14.16 -8.37 -4.25
CA ARG A 85 14.90 -9.16 -5.21
C ARG A 85 16.36 -8.70 -5.29
N GLN A 86 16.61 -7.45 -4.91
CA GLN A 86 17.95 -6.89 -4.94
C GLN A 86 18.68 -7.17 -3.63
N LYS A 87 17.97 -7.03 -2.51
CA LYS A 87 18.55 -7.28 -1.20
C LYS A 87 19.07 -8.71 -1.09
N LEU A 88 18.26 -9.66 -1.50
CA LEU A 88 18.64 -11.07 -1.46
C LEU A 88 19.74 -11.37 -2.45
N ALA A 89 20.05 -10.39 -3.31
CA ALA A 89 21.09 -10.55 -4.32
C ALA A 89 22.43 -10.07 -3.78
N MET A 90 22.40 -9.16 -2.82
CA MET A 90 23.62 -8.63 -2.23
C MET A 90 24.37 -9.72 -1.46
N ASP A 91 23.63 -10.56 -0.76
CA ASP A 91 24.22 -11.64 0.01
C ASP A 91 25.03 -12.57 -0.89
N ALA A 92 25.70 -13.55 -0.27
CA ALA A 92 26.50 -14.51 -1.01
C ALA A 92 25.68 -15.72 -1.44
N TYR A 93 25.68 -16.01 -2.74
CA TYR A 93 24.94 -17.14 -3.27
C TYR A 93 25.80 -18.39 -3.32
N SER A 94 25.16 -19.54 -3.57
CA SER A 94 25.87 -20.81 -3.64
C SER A 94 26.41 -21.05 -5.05
N SER A 95 27.26 -22.06 -5.19
CA SER A 95 27.85 -22.40 -6.48
C SER A 95 26.77 -22.70 -7.51
N ASN A 96 26.78 -21.95 -8.60
CA ASN A 96 25.79 -22.13 -9.66
C ASN A 96 26.40 -21.81 -11.03
N SER A 97 25.72 -22.24 -12.09
CA SER A 97 26.20 -22.02 -13.44
C SER A 97 25.48 -20.83 -14.08
N GLY A 98 26.14 -19.67 -14.09
CA GLY A 98 25.55 -18.48 -14.67
C GLY A 98 26.51 -17.76 -15.60
N PRO A 99 26.27 -16.46 -15.81
CA PRO A 99 27.10 -15.62 -16.69
C PRO A 99 28.48 -15.36 -16.10
N SER A 100 29.51 -15.70 -16.86
CA SER A 100 30.89 -15.51 -16.41
C SER A 100 31.62 -14.50 -17.29
N SER A 101 32.27 -13.54 -16.67
CA SER A 101 33.00 -12.50 -17.40
C SER A 101 33.95 -11.75 -16.47
N GLY A 102 35.24 -11.94 -16.69
CA GLY A 102 36.24 -11.26 -15.85
C GLY A 102 37.62 -11.86 -16.03
N GLY A 1 5.25 13.13 13.04
CA GLY A 1 4.13 12.25 12.80
C GLY A 1 3.55 11.67 14.07
N SER A 2 2.23 11.74 14.21
CA SER A 2 1.56 11.23 15.40
C SER A 2 0.10 10.90 15.10
N SER A 3 -0.20 9.61 14.99
CA SER A 3 -1.56 9.16 14.70
C SER A 3 -1.99 8.08 15.68
N GLY A 4 -1.17 7.05 15.83
CA GLY A 4 -1.48 5.97 16.74
C GLY A 4 -0.29 5.07 17.00
N SER A 5 -0.56 3.86 17.50
CA SER A 5 0.50 2.91 17.80
C SER A 5 0.40 1.68 16.89
N SER A 6 1.51 1.34 16.25
CA SER A 6 1.55 0.19 15.34
C SER A 6 0.65 -0.93 15.86
N GLY A 7 -0.12 -1.53 14.96
CA GLY A 7 -1.01 -2.61 15.33
C GLY A 7 -1.59 -3.34 14.14
N ARG A 8 -1.53 -4.67 14.18
CA ARG A 8 -2.05 -5.49 13.09
C ARG A 8 -3.55 -5.33 12.95
N ASN A 9 -4.01 -5.06 11.73
CA ASN A 9 -5.43 -4.89 11.48
C ASN A 9 -5.87 -5.69 10.25
N ARG A 10 -7.09 -6.19 10.28
CA ARG A 10 -7.63 -6.97 9.17
C ARG A 10 -8.18 -6.06 8.08
N PHE A 11 -7.29 -5.50 7.27
CA PHE A 11 -7.69 -4.62 6.19
C PHE A 11 -7.15 -5.10 4.85
N LYS A 12 -8.00 -5.09 3.83
CA LYS A 12 -7.60 -5.53 2.50
C LYS A 12 -8.05 -4.53 1.44
N TRP A 13 -7.16 -4.21 0.51
CA TRP A 13 -7.47 -3.26 -0.56
C TRP A 13 -8.52 -3.83 -1.50
N GLY A 14 -9.28 -2.94 -2.15
CA GLY A 14 -10.30 -3.38 -3.06
C GLY A 14 -9.81 -3.46 -4.49
N PRO A 15 -10.73 -3.78 -5.42
CA PRO A 15 -10.40 -3.90 -6.85
C PRO A 15 -10.09 -2.55 -7.48
N ALA A 16 -10.81 -1.52 -7.06
CA ALA A 16 -10.62 -0.17 -7.58
C ALA A 16 -9.51 0.55 -6.83
N SER A 17 -9.61 0.58 -5.51
CA SER A 17 -8.62 1.25 -4.67
C SER A 17 -7.21 0.92 -5.14
N GLN A 18 -6.86 -0.36 -5.11
CA GLN A 18 -5.54 -0.81 -5.53
C GLN A 18 -5.08 -0.05 -6.77
N GLN A 19 -5.83 -0.18 -7.86
CA GLN A 19 -5.50 0.49 -9.11
C GLN A 19 -5.10 1.94 -8.85
N ILE A 20 -5.90 2.63 -8.06
CA ILE A 20 -5.64 4.03 -7.73
C ILE A 20 -4.25 4.21 -7.14
N LEU A 21 -3.88 3.29 -6.24
CA LEU A 21 -2.57 3.35 -5.60
C LEU A 21 -1.45 3.26 -6.64
N TYR A 22 -1.62 2.37 -7.61
CA TYR A 22 -0.64 2.19 -8.66
C TYR A 22 -0.48 3.46 -9.51
N GLN A 23 -1.62 4.00 -9.93
CA GLN A 23 -1.62 5.22 -10.75
C GLN A 23 -0.87 6.34 -10.04
N ALA A 24 -0.92 6.34 -8.71
CA ALA A 24 -0.25 7.37 -7.93
C ALA A 24 1.24 7.07 -7.81
N TYR A 25 1.56 5.84 -7.43
CA TYR A 25 2.95 5.42 -7.27
C TYR A 25 3.73 5.63 -8.56
N ASP A 26 3.08 5.37 -9.69
CA ASP A 26 3.72 5.54 -10.99
C ASP A 26 4.20 6.98 -11.19
N ARG A 27 3.47 7.92 -10.60
CA ARG A 27 3.82 9.33 -10.70
C ARG A 27 4.85 9.72 -9.64
N GLN A 28 4.57 9.35 -8.40
CA GLN A 28 5.46 9.66 -7.29
C GLN A 28 5.75 8.42 -6.45
N LYS A 29 7.03 8.14 -6.23
CA LYS A 29 7.43 6.98 -5.43
C LYS A 29 7.18 7.22 -3.95
N ASN A 30 7.41 8.46 -3.51
CA ASN A 30 7.21 8.82 -2.11
C ASN A 30 6.11 9.87 -1.97
N PRO A 31 4.86 9.42 -1.89
CA PRO A 31 3.70 10.31 -1.76
C PRO A 31 3.65 10.98 -0.39
N SER A 32 3.44 12.30 -0.39
CA SER A 32 3.38 13.06 0.85
C SER A 32 1.92 13.25 1.29
N LYS A 33 1.74 13.90 2.43
CA LYS A 33 0.41 14.16 2.96
C LYS A 33 -0.58 14.46 1.84
N GLU A 34 -0.16 15.31 0.89
CA GLU A 34 -1.01 15.67 -0.24
C GLU A 34 -1.24 14.47 -1.15
N GLU A 35 -0.15 13.85 -1.58
CA GLU A 35 -0.24 12.68 -2.47
C GLU A 35 -1.04 11.57 -1.82
N ARG A 36 -0.50 11.00 -0.74
CA ARG A 36 -1.16 9.92 -0.03
C ARG A 36 -2.64 10.24 0.17
N GLU A 37 -2.93 11.45 0.63
CA GLU A 37 -4.31 11.87 0.88
C GLU A 37 -5.17 11.66 -0.37
N ALA A 38 -4.69 12.17 -1.51
CA ALA A 38 -5.41 12.04 -2.77
C ALA A 38 -5.84 10.59 -3.00
N LEU A 39 -5.16 9.67 -2.34
CA LEU A 39 -5.47 8.24 -2.49
C LEU A 39 -6.43 7.78 -1.39
N VAL A 40 -6.37 8.46 -0.24
CA VAL A 40 -7.24 8.12 0.88
C VAL A 40 -8.70 8.42 0.56
N GLU A 41 -8.92 9.52 -0.15
CA GLU A 41 -10.28 9.93 -0.52
C GLU A 41 -10.71 9.25 -1.82
N GLU A 42 -9.80 9.19 -2.78
CA GLU A 42 -10.09 8.56 -4.07
C GLU A 42 -10.49 7.10 -3.89
N CYS A 43 -9.74 6.39 -3.06
CA CYS A 43 -10.00 4.98 -2.80
C CYS A 43 -11.37 4.81 -2.14
N ASN A 44 -11.48 5.25 -0.90
CA ASN A 44 -12.74 5.14 -0.15
C ASN A 44 -13.93 5.53 -1.03
N ARG A 45 -13.71 6.49 -1.92
CA ARG A 45 -14.76 6.95 -2.83
C ARG A 45 -15.15 5.86 -3.82
N ALA A 46 -14.18 5.43 -4.62
CA ALA A 46 -14.41 4.39 -5.61
C ALA A 46 -15.01 3.14 -4.97
N GLU A 47 -14.53 2.81 -3.77
CA GLU A 47 -15.01 1.64 -3.05
C GLU A 47 -16.52 1.69 -2.87
N CYS A 48 -17.03 2.87 -2.52
CA CYS A 48 -18.46 3.06 -2.32
C CYS A 48 -19.22 2.90 -3.63
N LEU A 49 -18.66 3.46 -4.70
CA LEU A 49 -19.29 3.38 -6.01
C LEU A 49 -19.43 1.93 -6.47
N GLN A 50 -18.30 1.23 -6.58
CA GLN A 50 -18.31 -0.17 -6.99
C GLN A 50 -19.23 -1.00 -6.11
N ARG A 51 -19.14 -0.78 -4.80
CA ARG A 51 -19.96 -1.52 -3.84
C ARG A 51 -21.39 -0.96 -3.83
N GLY A 52 -21.66 -0.01 -4.70
CA GLY A 52 -22.98 0.58 -4.78
C GLY A 52 -23.18 1.70 -3.76
N VAL A 53 -22.43 1.64 -2.67
CA VAL A 53 -22.51 2.65 -1.62
C VAL A 53 -22.21 4.04 -2.17
N SER A 54 -22.39 5.06 -1.32
CA SER A 54 -22.14 6.43 -1.73
C SER A 54 -20.77 6.90 -1.25
N PRO A 55 -20.07 7.68 -2.09
CA PRO A 55 -18.75 8.20 -1.78
C PRO A 55 -18.79 9.26 -0.69
N SER A 56 -19.99 9.58 -0.22
CA SER A 56 -20.16 10.59 0.82
C SER A 56 -20.31 9.92 2.19
N LYS A 57 -20.68 8.65 2.19
CA LYS A 57 -20.86 7.90 3.43
C LYS A 57 -19.74 6.89 3.62
N ALA A 58 -18.55 7.22 3.11
CA ALA A 58 -17.40 6.34 3.22
C ALA A 58 -17.13 5.97 4.68
N HIS A 59 -17.26 6.96 5.57
CA HIS A 59 -17.03 6.73 6.99
C HIS A 59 -17.62 5.39 7.43
N GLY A 60 -18.67 4.95 6.73
CA GLY A 60 -19.31 3.69 7.06
C GLY A 60 -18.69 2.52 6.33
N LEU A 61 -17.37 2.58 6.12
CA LEU A 61 -16.67 1.51 5.42
C LEU A 61 -16.06 0.52 6.42
N GLY A 62 -15.94 0.95 7.67
CA GLY A 62 -15.38 0.09 8.69
C GLY A 62 -13.90 -0.16 8.50
N SER A 63 -13.51 -1.43 8.51
CA SER A 63 -12.10 -1.79 8.33
C SER A 63 -11.64 -1.51 6.91
N ASN A 64 -12.55 -1.63 5.96
CA ASN A 64 -12.25 -1.39 4.55
C ASN A 64 -11.93 0.08 4.31
N LEU A 65 -12.08 0.89 5.35
CA LEU A 65 -11.81 2.32 5.26
C LEU A 65 -10.32 2.58 5.02
N VAL A 66 -10.03 3.52 4.14
CA VAL A 66 -8.64 3.87 3.83
C VAL A 66 -8.20 5.09 4.62
N THR A 67 -6.92 5.08 5.04
CA THR A 67 -6.37 6.19 5.81
C THR A 67 -4.91 6.41 5.47
N GLU A 68 -4.44 7.65 5.66
CA GLU A 68 -3.06 7.99 5.37
C GLU A 68 -2.12 6.83 5.67
N VAL A 69 -2.39 6.13 6.77
CA VAL A 69 -1.57 4.98 7.16
C VAL A 69 -1.69 3.85 6.15
N ARG A 70 -2.92 3.45 5.85
CA ARG A 70 -3.16 2.37 4.90
C ARG A 70 -2.30 2.54 3.66
N VAL A 71 -2.33 3.75 3.08
CA VAL A 71 -1.54 4.03 1.88
C VAL A 71 -0.05 4.00 2.19
N TYR A 72 0.32 4.52 3.35
CA TYR A 72 1.73 4.55 3.75
C TYR A 72 2.32 3.15 3.76
N ASN A 73 1.57 2.20 4.29
CA ASN A 73 2.01 0.81 4.35
C ASN A 73 2.11 0.21 2.96
N TRP A 74 1.06 0.37 2.18
CA TRP A 74 1.03 -0.16 0.81
C TRP A 74 2.25 0.30 0.01
N PHE A 75 2.51 1.60 0.06
CA PHE A 75 3.65 2.17 -0.66
C PHE A 75 4.97 1.64 -0.10
N ALA A 76 5.02 1.49 1.22
CA ALA A 76 6.22 0.99 1.88
C ALA A 76 6.61 -0.38 1.36
N ASN A 77 5.63 -1.27 1.25
CA ASN A 77 5.87 -2.62 0.76
C ASN A 77 6.33 -2.60 -0.70
N ARG A 78 5.82 -1.64 -1.46
CA ARG A 78 6.18 -1.51 -2.87
C ARG A 78 7.63 -1.07 -3.02
N ARG A 79 8.15 -0.39 -2.00
CA ARG A 79 9.54 0.08 -2.01
C ARG A 79 10.46 -0.92 -1.35
N LYS A 80 9.92 -1.72 -0.43
CA LYS A 80 10.69 -2.72 0.28
C LYS A 80 10.94 -3.94 -0.59
N GLU A 81 10.00 -4.23 -1.49
CA GLU A 81 10.12 -5.37 -2.40
C GLU A 81 11.14 -5.08 -3.49
N GLU A 82 11.01 -3.92 -4.13
CA GLU A 82 11.92 -3.54 -5.21
C GLU A 82 13.37 -3.58 -4.71
N ALA A 83 13.60 -3.07 -3.51
CA ALA A 83 14.94 -3.03 -2.93
C ALA A 83 15.33 -4.41 -2.41
N PHE A 84 14.35 -5.27 -2.19
CA PHE A 84 14.59 -6.61 -1.68
C PHE A 84 15.61 -7.34 -2.56
N ARG A 85 15.24 -7.59 -3.80
CA ARG A 85 16.12 -8.29 -4.74
C ARG A 85 17.55 -7.76 -4.63
N GLN A 86 17.69 -6.54 -4.13
CA GLN A 86 19.00 -5.93 -3.98
C GLN A 86 19.57 -6.22 -2.59
N LYS A 87 18.72 -6.12 -1.57
CA LYS A 87 19.15 -6.37 -0.20
C LYS A 87 19.64 -7.80 -0.03
N LEU A 88 18.93 -8.74 -0.64
CA LEU A 88 19.29 -10.15 -0.57
C LEU A 88 20.58 -10.42 -1.34
N ALA A 89 21.12 -9.38 -1.96
CA ALA A 89 22.36 -9.50 -2.72
C ALA A 89 23.54 -8.96 -1.94
N MET A 90 23.30 -7.92 -1.16
CA MET A 90 24.35 -7.30 -0.36
C MET A 90 24.84 -8.26 0.72
N ASP A 91 23.92 -9.01 1.31
CA ASP A 91 24.26 -9.97 2.35
C ASP A 91 25.33 -10.93 1.87
N ALA A 92 25.72 -11.87 2.74
CA ALA A 92 26.74 -12.85 2.41
C ALA A 92 26.17 -13.96 1.54
N TYR A 93 27.04 -14.85 1.08
CA TYR A 93 26.63 -15.96 0.23
C TYR A 93 25.61 -15.50 -0.80
N SER A 94 25.93 -14.42 -1.50
CA SER A 94 25.05 -13.88 -2.52
C SER A 94 25.53 -14.26 -3.92
N SER A 95 24.75 -13.86 -4.93
CA SER A 95 25.09 -14.17 -6.32
C SER A 95 26.54 -13.79 -6.63
N ASN A 96 26.99 -14.14 -7.82
CA ASN A 96 28.36 -13.82 -8.24
C ASN A 96 28.80 -12.48 -7.67
N SER A 97 30.01 -12.46 -7.10
CA SER A 97 30.56 -11.24 -6.52
C SER A 97 32.08 -11.28 -6.49
N GLY A 98 32.70 -10.12 -6.64
CA GLY A 98 34.15 -10.04 -6.63
C GLY A 98 34.77 -10.93 -5.57
N PRO A 99 35.93 -11.50 -5.87
CA PRO A 99 36.66 -12.39 -4.96
C PRO A 99 37.23 -11.63 -3.76
N SER A 100 36.97 -12.16 -2.57
CA SER A 100 37.46 -11.54 -1.33
C SER A 100 37.14 -12.40 -0.13
N SER A 101 38.17 -12.76 0.64
CA SER A 101 38.01 -13.59 1.82
C SER A 101 38.15 -12.76 3.09
N GLY A 102 37.93 -13.39 4.24
CA GLY A 102 38.03 -12.70 5.50
C GLY A 102 37.75 -13.60 6.68
N GLY A 1 11.91 -16.68 3.83
CA GLY A 1 12.88 -16.39 4.88
C GLY A 1 12.33 -16.63 6.26
N SER A 2 12.78 -15.82 7.22
CA SER A 2 12.33 -15.95 8.60
C SER A 2 10.82 -15.82 8.70
N SER A 3 10.20 -16.70 9.48
CA SER A 3 8.75 -16.69 9.66
C SER A 3 8.37 -16.04 10.98
N GLY A 4 8.04 -14.75 10.93
CA GLY A 4 7.66 -14.02 12.13
C GLY A 4 6.70 -12.89 11.85
N SER A 5 5.41 -13.13 12.09
CA SER A 5 4.39 -12.12 11.86
C SER A 5 3.44 -12.03 13.04
N SER A 6 2.59 -11.00 13.03
CA SER A 6 1.64 -10.79 14.12
C SER A 6 0.31 -10.28 13.57
N GLY A 7 -0.73 -11.10 13.69
CA GLY A 7 -2.04 -10.71 13.19
C GLY A 7 -2.25 -11.07 11.74
N ARG A 8 -3.24 -11.91 11.47
CA ARG A 8 -3.54 -12.33 10.10
C ARG A 8 -4.53 -11.39 9.45
N ASN A 9 -5.74 -11.33 10.02
CA ASN A 9 -6.79 -10.47 9.49
C ASN A 9 -6.31 -9.03 9.38
N ARG A 10 -6.11 -8.56 8.15
CA ARG A 10 -5.65 -7.20 7.92
C ARG A 10 -6.37 -6.57 6.73
N PHE A 11 -6.78 -5.32 6.88
CA PHE A 11 -7.48 -4.61 5.81
C PHE A 11 -6.93 -4.99 4.45
N LYS A 12 -7.82 -5.41 3.55
CA LYS A 12 -7.42 -5.81 2.21
C LYS A 12 -7.91 -4.79 1.18
N TRP A 13 -6.98 -4.30 0.36
CA TRP A 13 -7.31 -3.32 -0.67
C TRP A 13 -8.37 -3.86 -1.61
N GLY A 14 -9.06 -2.97 -2.31
CA GLY A 14 -10.09 -3.37 -3.24
C GLY A 14 -9.62 -3.38 -4.67
N PRO A 15 -10.54 -3.64 -5.61
CA PRO A 15 -10.23 -3.68 -7.04
C PRO A 15 -9.93 -2.29 -7.60
N ALA A 16 -10.70 -1.30 -7.16
CA ALA A 16 -10.52 0.07 -7.62
C ALA A 16 -9.39 0.75 -6.86
N SER A 17 -9.45 0.69 -5.53
CA SER A 17 -8.43 1.31 -4.69
C SER A 17 -7.03 1.00 -5.22
N GLN A 18 -6.68 -0.27 -5.23
CA GLN A 18 -5.37 -0.70 -5.70
C GLN A 18 -4.96 0.09 -6.95
N GLN A 19 -5.74 -0.04 -8.01
CA GLN A 19 -5.45 0.66 -9.26
C GLN A 19 -5.08 2.11 -8.98
N ILE A 20 -5.85 2.76 -8.13
CA ILE A 20 -5.61 4.16 -7.78
C ILE A 20 -4.21 4.34 -7.20
N LEU A 21 -3.81 3.41 -6.34
CA LEU A 21 -2.50 3.47 -5.72
C LEU A 21 -1.38 3.42 -6.76
N TYR A 22 -1.59 2.62 -7.80
CA TYR A 22 -0.61 2.49 -8.87
C TYR A 22 -0.48 3.80 -9.66
N GLN A 23 -1.62 4.35 -10.05
CA GLN A 23 -1.63 5.60 -10.80
C GLN A 23 -0.85 6.69 -10.08
N ALA A 24 -0.91 6.68 -8.76
CA ALA A 24 -0.20 7.66 -7.94
C ALA A 24 1.27 7.29 -7.80
N TYR A 25 1.53 6.02 -7.48
CA TYR A 25 2.89 5.53 -7.31
C TYR A 25 3.69 5.68 -8.61
N ASP A 26 2.99 5.60 -9.73
CA ASP A 26 3.63 5.73 -11.05
C ASP A 26 4.18 7.14 -11.25
N ARG A 27 3.57 8.10 -10.57
CA ARG A 27 3.99 9.49 -10.68
C ARG A 27 5.06 9.83 -9.64
N GLN A 28 4.80 9.45 -8.40
CA GLN A 28 5.74 9.71 -7.31
C GLN A 28 5.90 8.47 -6.42
N LYS A 29 7.14 8.14 -6.09
CA LYS A 29 7.44 6.99 -5.25
C LYS A 29 7.18 7.31 -3.78
N ASN A 30 7.50 8.53 -3.39
CA ASN A 30 7.31 8.97 -2.01
C ASN A 30 6.18 9.99 -1.91
N PRO A 31 4.93 9.49 -1.84
CA PRO A 31 3.75 10.35 -1.74
C PRO A 31 3.66 11.05 -0.39
N SER A 32 3.45 12.36 -0.43
CA SER A 32 3.33 13.15 0.80
C SER A 32 1.87 13.32 1.21
N LYS A 33 1.65 13.93 2.37
CA LYS A 33 0.31 14.15 2.87
C LYS A 33 -0.67 14.44 1.73
N GLU A 34 -0.23 15.26 0.79
CA GLU A 34 -1.06 15.63 -0.35
C GLU A 34 -1.28 14.43 -1.26
N GLU A 35 -0.19 13.88 -1.80
CA GLU A 35 -0.28 12.72 -2.68
C GLU A 35 -1.04 11.58 -2.02
N ARG A 36 -0.51 11.08 -0.91
CA ARG A 36 -1.14 9.99 -0.18
C ARG A 36 -2.63 10.25 0.02
N GLU A 37 -2.95 11.45 0.52
CA GLU A 37 -4.34 11.82 0.75
C GLU A 37 -5.19 11.58 -0.49
N ALA A 38 -4.74 12.12 -1.62
CA ALA A 38 -5.47 11.96 -2.88
C ALA A 38 -5.85 10.50 -3.12
N LEU A 39 -5.16 9.60 -2.44
CA LEU A 39 -5.42 8.16 -2.57
C LEU A 39 -6.37 7.68 -1.47
N VAL A 40 -6.33 8.36 -0.33
CA VAL A 40 -7.20 8.01 0.79
C VAL A 40 -8.65 8.33 0.49
N GLU A 41 -8.88 9.47 -0.13
CA GLU A 41 -10.24 9.90 -0.48
C GLU A 41 -10.71 9.23 -1.77
N GLU A 42 -9.82 9.18 -2.76
CA GLU A 42 -10.14 8.57 -4.04
C GLU A 42 -10.51 7.10 -3.86
N CYS A 43 -9.71 6.39 -3.07
CA CYS A 43 -9.96 4.97 -2.82
C CYS A 43 -11.30 4.76 -2.13
N ASN A 44 -11.41 5.25 -0.90
CA ASN A 44 -12.64 5.12 -0.12
C ASN A 44 -13.85 5.48 -0.97
N ARG A 45 -13.69 6.48 -1.83
CA ARG A 45 -14.77 6.92 -2.71
C ARG A 45 -15.14 5.83 -3.71
N ALA A 46 -14.15 5.39 -4.48
CA ALA A 46 -14.38 4.35 -5.48
C ALA A 46 -14.94 3.08 -4.84
N GLU A 47 -14.40 2.73 -3.68
CA GLU A 47 -14.84 1.54 -2.96
C GLU A 47 -16.35 1.56 -2.75
N CYS A 48 -16.87 2.73 -2.40
CA CYS A 48 -18.31 2.89 -2.17
C CYS A 48 -19.09 2.72 -3.47
N LEU A 49 -18.60 3.33 -4.53
CA LEU A 49 -19.26 3.25 -5.84
C LEU A 49 -19.36 1.80 -6.30
N GLN A 50 -18.20 1.14 -6.40
CA GLN A 50 -18.16 -0.25 -6.84
C GLN A 50 -19.05 -1.13 -5.96
N ARG A 51 -18.96 -0.92 -4.65
CA ARG A 51 -19.75 -1.69 -3.70
C ARG A 51 -21.19 -1.18 -3.64
N GLY A 52 -21.50 -0.24 -4.53
CA GLY A 52 -22.85 0.32 -4.56
C GLY A 52 -23.05 1.41 -3.52
N VAL A 53 -22.24 1.37 -2.46
CA VAL A 53 -22.34 2.35 -1.39
C VAL A 53 -22.10 3.76 -1.92
N SER A 54 -22.28 4.75 -1.06
CA SER A 54 -22.08 6.15 -1.44
C SER A 54 -20.70 6.64 -1.00
N PRO A 55 -20.07 7.45 -1.86
CA PRO A 55 -18.74 8.01 -1.59
C PRO A 55 -18.77 9.04 -0.48
N SER A 56 -19.96 9.35 0.03
CA SER A 56 -20.12 10.33 1.09
C SER A 56 -20.26 9.64 2.44
N LYS A 57 -20.51 8.34 2.41
CA LYS A 57 -20.66 7.56 3.64
C LYS A 57 -19.53 6.55 3.80
N ALA A 58 -18.34 6.93 3.32
CA ALA A 58 -17.17 6.06 3.42
C ALA A 58 -16.88 5.68 4.86
N HIS A 59 -17.21 6.58 5.79
CA HIS A 59 -16.99 6.34 7.20
C HIS A 59 -17.51 4.96 7.61
N GLY A 60 -18.50 4.47 6.87
CA GLY A 60 -19.08 3.17 7.17
C GLY A 60 -18.15 2.03 6.84
N LEU A 61 -17.32 2.22 5.82
CA LEU A 61 -16.38 1.20 5.39
C LEU A 61 -15.73 0.53 6.60
N GLY A 62 -15.43 1.33 7.62
CA GLY A 62 -14.80 0.79 8.81
C GLY A 62 -13.57 -0.02 8.52
N SER A 63 -13.74 -1.34 8.42
CA SER A 63 -12.62 -2.24 8.14
C SER A 63 -12.08 -2.00 6.73
N ASN A 64 -12.98 -1.68 5.81
CA ASN A 64 -12.58 -1.43 4.43
C ASN A 64 -12.31 0.06 4.20
N LEU A 65 -12.08 0.78 5.29
CA LEU A 65 -11.81 2.21 5.21
C LEU A 65 -10.32 2.47 5.04
N VAL A 66 -9.98 3.40 4.15
CA VAL A 66 -8.58 3.74 3.90
C VAL A 66 -8.15 4.94 4.74
N THR A 67 -6.85 5.04 4.99
CA THR A 67 -6.30 6.14 5.79
C THR A 67 -4.84 6.39 5.43
N GLU A 68 -4.38 7.61 5.70
CA GLU A 68 -3.00 7.99 5.41
C GLU A 68 -2.06 6.81 5.64
N VAL A 69 -2.27 6.10 6.74
CA VAL A 69 -1.43 4.95 7.07
C VAL A 69 -1.56 3.85 6.03
N ARG A 70 -2.80 3.44 5.76
CA ARG A 70 -3.07 2.40 4.78
C ARG A 70 -2.21 2.59 3.53
N VAL A 71 -2.28 3.79 2.96
CA VAL A 71 -1.51 4.11 1.76
C VAL A 71 -0.02 4.07 2.04
N TYR A 72 0.38 4.56 3.21
CA TYR A 72 1.78 4.59 3.59
C TYR A 72 2.36 3.18 3.60
N ASN A 73 1.57 2.22 4.05
CA ASN A 73 2.00 0.82 4.11
C ASN A 73 2.11 0.22 2.71
N TRP A 74 1.10 0.49 1.88
CA TRP A 74 1.07 -0.03 0.52
C TRP A 74 2.29 0.47 -0.26
N PHE A 75 2.69 1.71 -0.02
CA PHE A 75 3.83 2.30 -0.71
C PHE A 75 5.14 1.79 -0.10
N ALA A 76 5.16 1.62 1.21
CA ALA A 76 6.35 1.14 1.91
C ALA A 76 6.71 -0.27 1.46
N ASN A 77 5.69 -1.12 1.30
CA ASN A 77 5.91 -2.49 0.88
C ASN A 77 6.31 -2.56 -0.60
N ARG A 78 5.71 -1.68 -1.40
CA ARG A 78 6.01 -1.64 -2.83
C ARG A 78 7.46 -1.24 -3.08
N ARG A 79 8.00 -0.42 -2.17
CA ARG A 79 9.38 0.03 -2.29
C ARG A 79 10.33 -0.87 -1.51
N LYS A 80 9.83 -1.42 -0.40
CA LYS A 80 10.63 -2.30 0.45
C LYS A 80 10.74 -3.69 -0.17
N GLU A 81 9.70 -4.08 -0.90
CA GLU A 81 9.68 -5.39 -1.56
C GLU A 81 10.54 -5.38 -2.81
N GLU A 82 10.36 -4.36 -3.64
CA GLU A 82 11.12 -4.24 -4.89
C GLU A 82 12.61 -4.17 -4.60
N ALA A 83 12.98 -3.62 -3.45
CA ALA A 83 14.37 -3.49 -3.06
C ALA A 83 14.82 -4.71 -2.25
N PHE A 84 13.86 -5.46 -1.73
CA PHE A 84 14.16 -6.64 -0.93
C PHE A 84 15.04 -7.62 -1.70
N ARG A 85 14.50 -8.16 -2.79
CA ARG A 85 15.23 -9.10 -3.62
C ARG A 85 16.66 -8.63 -3.86
N GLN A 86 16.86 -7.31 -3.76
CA GLN A 86 18.19 -6.73 -3.96
C GLN A 86 18.97 -6.69 -2.66
N LYS A 87 18.28 -6.38 -1.56
CA LYS A 87 18.91 -6.32 -0.25
C LYS A 87 19.51 -7.66 0.13
N LEU A 88 18.74 -8.73 -0.04
CA LEU A 88 19.19 -10.08 0.29
C LEU A 88 20.33 -10.50 -0.62
N ALA A 89 20.63 -9.67 -1.63
CA ALA A 89 21.70 -9.95 -2.57
C ALA A 89 23.01 -9.31 -2.12
N MET A 90 22.91 -8.13 -1.51
CA MET A 90 24.08 -7.41 -1.04
C MET A 90 24.90 -8.28 -0.09
N ASP A 91 24.23 -9.17 0.62
CA ASP A 91 24.90 -10.07 1.57
C ASP A 91 25.87 -10.99 0.85
N ALA A 92 26.64 -11.74 1.61
CA ALA A 92 27.62 -12.68 1.04
C ALA A 92 27.01 -14.06 0.87
N TYR A 93 26.14 -14.45 1.79
CA TYR A 93 25.49 -15.75 1.74
C TYR A 93 23.98 -15.61 1.60
N SER A 94 23.46 -15.94 0.42
CA SER A 94 22.03 -15.83 0.15
C SER A 94 21.62 -16.77 -0.98
N SER A 95 20.34 -17.14 -1.00
CA SER A 95 19.83 -18.04 -2.03
C SER A 95 18.88 -17.29 -2.98
N ASN A 96 18.74 -17.81 -4.19
CA ASN A 96 17.87 -17.20 -5.18
C ASN A 96 16.41 -17.53 -4.91
N SER A 97 15.51 -16.80 -5.57
CA SER A 97 14.07 -17.02 -5.39
C SER A 97 13.45 -17.59 -6.65
N GLY A 98 12.28 -18.20 -6.50
CA GLY A 98 11.59 -18.78 -7.64
C GLY A 98 11.44 -17.81 -8.79
N PRO A 99 10.97 -18.31 -9.94
CA PRO A 99 10.77 -17.49 -11.14
C PRO A 99 9.62 -16.51 -10.98
N SER A 100 9.79 -15.30 -11.50
CA SER A 100 8.77 -14.27 -11.42
C SER A 100 7.64 -14.55 -12.41
N SER A 101 6.46 -14.01 -12.11
CA SER A 101 5.30 -14.20 -12.98
C SER A 101 4.70 -12.85 -13.39
N GLY A 102 4.29 -12.76 -14.65
CA GLY A 102 3.71 -11.53 -15.16
C GLY A 102 2.22 -11.65 -15.39
N GLY A 1 -9.58 -8.64 24.12
CA GLY A 1 -10.41 -8.68 25.32
C GLY A 1 -11.49 -7.63 25.31
N SER A 2 -11.60 -6.90 26.42
CA SER A 2 -12.61 -5.85 26.53
C SER A 2 -12.12 -4.54 25.92
N SER A 3 -10.86 -4.21 26.19
CA SER A 3 -10.26 -2.99 25.67
C SER A 3 -10.07 -3.08 24.16
N GLY A 4 -9.48 -4.18 23.71
CA GLY A 4 -9.25 -4.39 22.29
C GLY A 4 -7.81 -4.12 21.90
N SER A 5 -7.05 -5.18 21.66
CA SER A 5 -5.64 -5.04 21.29
C SER A 5 -5.50 -4.34 19.94
N SER A 6 -4.49 -3.49 19.82
CA SER A 6 -4.25 -2.75 18.59
C SER A 6 -3.89 -3.69 17.45
N GLY A 7 -4.76 -3.76 16.45
CA GLY A 7 -4.52 -4.63 15.31
C GLY A 7 -5.33 -5.92 15.37
N ARG A 8 -6.62 -5.80 15.11
CA ARG A 8 -7.51 -6.96 15.13
C ARG A 8 -7.51 -7.68 13.79
N ASN A 9 -7.74 -6.93 12.72
CA ASN A 9 -7.75 -7.49 11.37
C ASN A 9 -6.77 -6.78 10.47
N ARG A 10 -6.62 -7.29 9.24
CA ARG A 10 -5.70 -6.70 8.28
C ARG A 10 -6.47 -6.10 7.10
N PHE A 11 -6.52 -4.77 7.05
CA PHE A 11 -7.21 -4.08 5.98
C PHE A 11 -6.87 -4.68 4.62
N LYS A 12 -7.83 -4.64 3.69
CA LYS A 12 -7.63 -5.19 2.36
C LYS A 12 -8.07 -4.19 1.29
N TRP A 13 -7.19 -3.95 0.32
CA TRP A 13 -7.50 -3.01 -0.76
C TRP A 13 -8.51 -3.62 -1.74
N GLY A 14 -9.42 -2.78 -2.22
CA GLY A 14 -10.44 -3.24 -3.15
C GLY A 14 -9.91 -3.35 -4.57
N PRO A 15 -10.80 -3.68 -5.51
CA PRO A 15 -10.45 -3.82 -6.93
C PRO A 15 -10.13 -2.48 -7.58
N ALA A 16 -10.87 -1.45 -7.19
CA ALA A 16 -10.66 -0.11 -7.74
C ALA A 16 -9.58 0.63 -6.97
N SER A 17 -9.67 0.59 -5.65
CA SER A 17 -8.69 1.27 -4.79
C SER A 17 -7.27 0.94 -5.23
N GLN A 18 -6.92 -0.34 -5.16
CA GLN A 18 -5.58 -0.78 -5.54
C GLN A 18 -5.10 -0.04 -6.78
N GLN A 19 -5.85 -0.15 -7.87
CA GLN A 19 -5.49 0.50 -9.11
C GLN A 19 -5.08 1.96 -8.86
N ILE A 20 -5.89 2.67 -8.10
CA ILE A 20 -5.62 4.07 -7.78
C ILE A 20 -4.22 4.23 -7.17
N LEU A 21 -3.88 3.31 -6.28
CA LEU A 21 -2.57 3.34 -5.62
C LEU A 21 -1.44 3.24 -6.64
N TYR A 22 -1.63 2.38 -7.64
CA TYR A 22 -0.62 2.19 -8.68
C TYR A 22 -0.46 3.46 -9.51
N GLN A 23 -1.57 4.04 -9.94
CA GLN A 23 -1.56 5.26 -10.74
C GLN A 23 -0.80 6.37 -10.02
N ALA A 24 -0.89 6.37 -8.70
CA ALA A 24 -0.21 7.38 -7.89
C ALA A 24 1.26 7.06 -7.73
N TYR A 25 1.56 5.81 -7.38
CA TYR A 25 2.94 5.38 -7.19
C TYR A 25 3.74 5.55 -8.47
N ASP A 26 3.09 5.34 -9.61
CA ASP A 26 3.74 5.48 -10.90
C ASP A 26 4.28 6.89 -11.10
N ARG A 27 3.59 7.86 -10.51
CA ARG A 27 4.00 9.25 -10.62
C ARG A 27 5.05 9.61 -9.56
N GLN A 28 4.75 9.27 -8.31
CA GLN A 28 5.67 9.54 -7.21
C GLN A 28 5.92 8.29 -6.38
N LYS A 29 7.18 8.02 -6.09
CA LYS A 29 7.55 6.84 -5.30
C LYS A 29 7.24 7.07 -3.82
N ASN A 30 7.46 8.29 -3.36
CA ASN A 30 7.20 8.63 -1.96
C ASN A 30 6.09 9.68 -1.85
N PRO A 31 4.84 9.20 -1.75
CA PRO A 31 3.67 10.07 -1.63
C PRO A 31 3.60 10.79 -0.30
N SER A 32 3.42 12.10 -0.34
CA SER A 32 3.34 12.91 0.87
C SER A 32 1.89 13.16 1.27
N LYS A 33 1.70 13.82 2.40
CA LYS A 33 0.37 14.13 2.90
C LYS A 33 -0.59 14.41 1.74
N GLU A 34 -0.17 15.27 0.82
CA GLU A 34 -0.99 15.62 -0.33
C GLU A 34 -1.24 14.40 -1.21
N GLU A 35 -0.16 13.83 -1.75
CA GLU A 35 -0.26 12.67 -2.61
C GLU A 35 -1.05 11.54 -1.92
N ARG A 36 -0.49 11.00 -0.84
CA ARG A 36 -1.14 9.94 -0.10
C ARG A 36 -2.63 10.22 0.08
N GLU A 37 -2.94 11.39 0.62
CA GLU A 37 -4.32 11.78 0.84
C GLU A 37 -5.17 11.54 -0.41
N ALA A 38 -4.72 12.09 -1.53
CA ALA A 38 -5.43 11.94 -2.79
C ALA A 38 -5.85 10.49 -3.02
N LEU A 39 -5.17 9.57 -2.34
CA LEU A 39 -5.47 8.15 -2.46
C LEU A 39 -6.42 7.70 -1.36
N VAL A 40 -6.38 8.39 -0.22
CA VAL A 40 -7.24 8.07 0.90
C VAL A 40 -8.69 8.39 0.59
N GLU A 41 -8.91 9.53 -0.06
CA GLU A 41 -10.26 9.96 -0.42
C GLU A 41 -10.72 9.29 -1.71
N GLU A 42 -9.84 9.27 -2.70
CA GLU A 42 -10.16 8.66 -3.99
C GLU A 42 -10.58 7.20 -3.81
N CYS A 43 -9.79 6.46 -3.04
CA CYS A 43 -10.08 5.05 -2.79
C CYS A 43 -11.43 4.88 -2.10
N ASN A 44 -11.51 5.38 -0.86
CA ASN A 44 -12.75 5.29 -0.09
C ASN A 44 -13.95 5.68 -0.94
N ARG A 45 -13.71 6.54 -1.93
CA ARG A 45 -14.78 7.00 -2.81
C ARG A 45 -15.14 5.94 -3.83
N ALA A 46 -14.15 5.51 -4.60
CA ALA A 46 -14.37 4.48 -5.63
C ALA A 46 -14.92 3.20 -5.01
N GLU A 47 -14.47 2.88 -3.80
CA GLU A 47 -14.92 1.69 -3.10
C GLU A 47 -16.43 1.71 -2.91
N CYS A 48 -16.95 2.87 -2.51
CA CYS A 48 -18.39 3.03 -2.27
C CYS A 48 -19.16 2.88 -3.58
N LEU A 49 -18.61 3.41 -4.65
CA LEU A 49 -19.26 3.35 -5.96
C LEU A 49 -19.40 1.90 -6.42
N GLN A 50 -18.27 1.20 -6.48
CA GLN A 50 -18.27 -0.20 -6.91
C GLN A 50 -19.19 -1.04 -6.02
N ARG A 51 -19.10 -0.83 -4.71
CA ARG A 51 -19.92 -1.57 -3.76
C ARG A 51 -21.34 -1.02 -3.74
N GLY A 52 -21.63 -0.08 -4.63
CA GLY A 52 -22.96 0.51 -4.69
C GLY A 52 -23.14 1.61 -3.67
N VAL A 53 -22.35 1.57 -2.59
CA VAL A 53 -22.45 2.57 -1.55
C VAL A 53 -22.17 3.96 -2.09
N SER A 54 -22.34 4.97 -1.24
CA SER A 54 -22.11 6.35 -1.63
C SER A 54 -20.73 6.83 -1.19
N PRO A 55 -20.07 7.60 -2.05
CA PRO A 55 -18.73 8.13 -1.77
C PRO A 55 -18.75 9.20 -0.67
N SER A 56 -19.94 9.52 -0.18
CA SER A 56 -20.10 10.52 0.87
C SER A 56 -20.27 9.85 2.23
N LYS A 57 -20.47 8.53 2.22
CA LYS A 57 -20.64 7.78 3.45
C LYS A 57 -19.55 6.73 3.62
N ALA A 58 -18.34 7.07 3.15
CA ALA A 58 -17.21 6.16 3.25
C ALA A 58 -16.88 5.83 4.71
N HIS A 59 -17.27 6.74 5.61
CA HIS A 59 -17.02 6.55 7.03
C HIS A 59 -17.55 5.19 7.49
N GLY A 60 -18.46 4.62 6.72
CA GLY A 60 -19.03 3.33 7.06
C GLY A 60 -18.10 2.18 6.72
N LEU A 61 -17.31 2.35 5.67
CA LEU A 61 -16.38 1.32 5.23
C LEU A 61 -15.82 0.55 6.43
N GLY A 62 -15.63 1.24 7.54
CA GLY A 62 -15.10 0.60 8.73
C GLY A 62 -13.80 -0.11 8.49
N SER A 63 -13.81 -1.43 8.59
CA SER A 63 -12.61 -2.24 8.38
C SER A 63 -12.10 -2.08 6.94
N ASN A 64 -12.93 -1.51 6.09
CA ASN A 64 -12.57 -1.30 4.68
C ASN A 64 -12.31 0.17 4.41
N LEU A 65 -12.09 0.94 5.47
CA LEU A 65 -11.83 2.37 5.32
C LEU A 65 -10.35 2.63 5.09
N VAL A 66 -10.06 3.57 4.19
CA VAL A 66 -8.68 3.92 3.87
C VAL A 66 -8.24 5.19 4.62
N THR A 67 -6.95 5.26 4.94
CA THR A 67 -6.41 6.41 5.66
C THR A 67 -4.94 6.63 5.30
N GLU A 68 -4.48 7.87 5.48
CA GLU A 68 -3.09 8.22 5.18
C GLU A 68 -2.17 7.05 5.50
N VAL A 69 -2.38 6.41 6.65
CA VAL A 69 -1.56 5.28 7.06
C VAL A 69 -1.68 4.13 6.08
N ARG A 70 -2.91 3.66 5.87
CA ARG A 70 -3.16 2.55 4.96
C ARG A 70 -2.30 2.67 3.70
N VAL A 71 -2.30 3.86 3.11
CA VAL A 71 -1.51 4.11 1.91
C VAL A 71 -0.02 4.07 2.20
N TYR A 72 0.37 4.60 3.36
CA TYR A 72 1.76 4.63 3.76
C TYR A 72 2.34 3.22 3.84
N ASN A 73 1.52 2.28 4.30
CA ASN A 73 1.94 0.89 4.42
C ASN A 73 2.02 0.22 3.06
N TRP A 74 1.00 0.46 2.23
CA TRP A 74 0.95 -0.12 0.89
C TRP A 74 2.17 0.30 0.07
N PHE A 75 2.57 1.57 0.20
CA PHE A 75 3.72 2.09 -0.52
C PHE A 75 5.02 1.52 0.04
N ALA A 76 5.05 1.34 1.36
CA ALA A 76 6.23 0.81 2.01
C ALA A 76 6.60 -0.57 1.47
N ASN A 77 5.59 -1.42 1.29
CA ASN A 77 5.82 -2.76 0.78
C ASN A 77 6.26 -2.72 -0.68
N ARG A 78 5.70 -1.79 -1.44
CA ARG A 78 6.04 -1.64 -2.85
C ARG A 78 7.47 -1.15 -3.01
N ARG A 79 7.98 -0.48 -1.99
CA ARG A 79 9.35 0.05 -2.03
C ARG A 79 10.31 -0.91 -1.34
N LYS A 80 9.78 -1.75 -0.46
CA LYS A 80 10.60 -2.72 0.25
C LYS A 80 10.89 -3.94 -0.61
N GLU A 81 10.00 -4.21 -1.56
CA GLU A 81 10.17 -5.35 -2.46
C GLU A 81 11.16 -5.03 -3.57
N GLU A 82 11.03 -3.85 -4.15
CA GLU A 82 11.91 -3.42 -5.23
C GLU A 82 13.37 -3.41 -4.77
N ALA A 83 13.58 -3.02 -3.51
CA ALA A 83 14.93 -2.97 -2.95
C ALA A 83 15.36 -4.34 -2.46
N PHE A 84 14.40 -5.23 -2.21
CA PHE A 84 14.69 -6.57 -1.74
C PHE A 84 15.71 -7.26 -2.64
N ARG A 85 15.28 -7.58 -3.86
CA ARG A 85 16.16 -8.25 -4.82
C ARG A 85 17.55 -7.63 -4.80
N GLN A 86 17.64 -6.37 -4.36
CA GLN A 86 18.90 -5.67 -4.29
C GLN A 86 19.58 -5.89 -2.95
N LYS A 87 18.78 -5.98 -1.89
CA LYS A 87 19.30 -6.19 -0.55
C LYS A 87 19.91 -7.59 -0.42
N LEU A 88 19.23 -8.58 -0.96
CA LEU A 88 19.71 -9.96 -0.91
C LEU A 88 20.96 -10.13 -1.76
N ALA A 89 21.30 -9.10 -2.53
CA ALA A 89 22.48 -9.14 -3.39
C ALA A 89 23.69 -8.52 -2.69
N MET A 90 23.43 -7.50 -1.87
CA MET A 90 24.49 -6.82 -1.15
C MET A 90 24.83 -7.54 0.15
N ASP A 91 23.98 -8.50 0.53
CA ASP A 91 24.18 -9.26 1.74
C ASP A 91 24.88 -10.59 1.44
N ALA A 92 25.24 -11.32 2.48
CA ALA A 92 25.91 -12.61 2.33
C ALA A 92 24.96 -13.77 2.61
N TYR A 93 24.02 -13.54 3.51
CA TYR A 93 23.05 -14.57 3.88
C TYR A 93 21.67 -14.25 3.31
N SER A 94 21.40 -14.74 2.11
CA SER A 94 20.11 -14.50 1.45
C SER A 94 19.13 -15.63 1.76
N SER A 95 19.60 -16.87 1.59
CA SER A 95 18.76 -18.03 1.84
C SER A 95 17.79 -17.77 3.00
N ASN A 96 16.53 -18.13 2.79
CA ASN A 96 15.51 -17.94 3.82
C ASN A 96 14.25 -18.74 3.48
N SER A 97 13.41 -18.95 4.49
CA SER A 97 12.18 -19.71 4.31
C SER A 97 10.99 -18.78 4.16
N GLY A 98 10.34 -18.82 3.00
CA GLY A 98 9.19 -17.98 2.75
C GLY A 98 8.00 -18.34 3.61
N PRO A 99 7.02 -17.43 3.69
CA PRO A 99 5.81 -17.65 4.48
C PRO A 99 4.90 -18.71 3.88
N SER A 100 4.71 -18.65 2.57
CA SER A 100 3.86 -19.61 1.87
C SER A 100 4.11 -21.02 2.38
N SER A 101 5.36 -21.48 2.26
CA SER A 101 5.73 -22.82 2.70
C SER A 101 5.76 -22.89 4.23
N GLY A 102 5.32 -24.02 4.77
CA GLY A 102 5.31 -24.20 6.21
C GLY A 102 6.68 -24.58 6.75
N GLY A 1 -8.22 9.74 12.09
CA GLY A 1 -7.07 8.87 12.00
C GLY A 1 -6.44 8.61 13.36
N SER A 2 -6.93 7.59 14.05
CA SER A 2 -6.42 7.23 15.37
C SER A 2 -4.90 7.34 15.41
N SER A 3 -4.36 7.60 16.59
CA SER A 3 -2.92 7.73 16.76
C SER A 3 -2.29 6.39 17.14
N GLY A 4 -1.51 5.82 16.22
CA GLY A 4 -0.87 4.55 16.48
C GLY A 4 -1.85 3.39 16.46
N SER A 5 -1.73 2.54 15.44
CA SER A 5 -2.62 1.38 15.31
C SER A 5 -2.21 0.27 16.27
N SER A 6 -2.67 0.38 17.52
CA SER A 6 -2.35 -0.61 18.53
C SER A 6 -3.14 -1.90 18.30
N GLY A 7 -2.46 -3.04 18.42
CA GLY A 7 -3.11 -4.32 18.22
C GLY A 7 -2.85 -4.89 16.84
N ARG A 8 -3.77 -5.73 16.37
CA ARG A 8 -3.63 -6.36 15.06
C ARG A 8 -4.82 -6.02 14.17
N ASN A 9 -4.68 -4.96 13.38
CA ASN A 9 -5.75 -4.53 12.48
C ASN A 9 -5.58 -5.14 11.09
N ARG A 10 -6.58 -5.91 10.66
CA ARG A 10 -6.53 -6.55 9.35
C ARG A 10 -7.31 -5.74 8.32
N PHE A 11 -6.68 -5.48 7.18
CA PHE A 11 -7.32 -4.72 6.11
C PHE A 11 -6.81 -5.16 4.74
N LYS A 12 -7.72 -5.26 3.78
CA LYS A 12 -7.36 -5.67 2.43
C LYS A 12 -7.85 -4.66 1.40
N TRP A 13 -6.97 -4.27 0.48
CA TRP A 13 -7.33 -3.30 -0.55
C TRP A 13 -8.34 -3.89 -1.52
N GLY A 14 -9.04 -3.03 -2.25
CA GLY A 14 -10.04 -3.48 -3.20
C GLY A 14 -9.52 -3.48 -4.63
N PRO A 15 -10.41 -3.76 -5.59
CA PRO A 15 -10.07 -3.78 -7.02
C PRO A 15 -9.76 -2.39 -7.56
N ALA A 16 -10.63 -1.44 -7.26
CA ALA A 16 -10.46 -0.06 -7.73
C ALA A 16 -9.39 0.66 -6.90
N SER A 17 -9.55 0.61 -5.58
CA SER A 17 -8.61 1.27 -4.69
C SER A 17 -7.16 0.97 -5.09
N GLN A 18 -6.80 -0.30 -5.09
CA GLN A 18 -5.46 -0.72 -5.46
C GLN A 18 -4.98 0.03 -6.70
N GLN A 19 -5.72 -0.13 -7.80
CA GLN A 19 -5.36 0.54 -9.05
C GLN A 19 -4.97 1.99 -8.81
N ILE A 20 -5.77 2.69 -8.00
CA ILE A 20 -5.50 4.09 -7.69
C ILE A 20 -4.11 4.26 -7.08
N LEU A 21 -3.76 3.36 -6.19
CA LEU A 21 -2.45 3.40 -5.52
C LEU A 21 -1.32 3.30 -6.54
N TYR A 22 -1.50 2.42 -7.54
CA TYR A 22 -0.49 2.24 -8.57
C TYR A 22 -0.33 3.51 -9.40
N GLN A 23 -1.45 4.07 -9.83
CA GLN A 23 -1.42 5.28 -10.64
C GLN A 23 -0.66 6.40 -9.93
N ALA A 24 -0.75 6.42 -8.61
CA ALA A 24 -0.06 7.43 -7.82
C ALA A 24 1.41 7.06 -7.61
N TYR A 25 1.66 5.80 -7.26
CA TYR A 25 3.02 5.33 -7.04
C TYR A 25 3.84 5.41 -8.31
N ASP A 26 3.17 5.28 -9.45
CA ASP A 26 3.84 5.35 -10.74
C ASP A 26 4.40 6.75 -11.00
N ARG A 27 3.78 7.75 -10.39
CA ARG A 27 4.22 9.13 -10.55
C ARG A 27 5.27 9.49 -9.51
N GLN A 28 4.99 9.17 -8.25
CA GLN A 28 5.91 9.46 -7.16
C GLN A 28 6.05 8.26 -6.22
N LYS A 29 7.29 7.94 -5.87
CA LYS A 29 7.56 6.81 -4.98
C LYS A 29 7.25 7.18 -3.53
N ASN A 30 7.51 8.43 -3.18
CA ASN A 30 7.25 8.91 -1.81
C ASN A 30 6.17 9.98 -1.81
N PRO A 31 4.91 9.54 -1.74
CA PRO A 31 3.75 10.45 -1.73
C PRO A 31 3.65 11.24 -0.43
N SER A 32 3.50 12.55 -0.54
CA SER A 32 3.40 13.41 0.63
C SER A 32 1.95 13.54 1.09
N LYS A 33 1.75 14.15 2.24
CA LYS A 33 0.41 14.33 2.80
C LYS A 33 -0.61 14.61 1.69
N GLU A 34 -0.18 15.37 0.69
CA GLU A 34 -1.05 15.71 -0.43
C GLU A 34 -1.30 14.49 -1.31
N GLU A 35 -0.23 13.88 -1.79
CA GLU A 35 -0.33 12.70 -2.65
C GLU A 35 -1.10 11.58 -1.95
N ARG A 36 -0.56 11.12 -0.82
CA ARG A 36 -1.19 10.04 -0.06
C ARG A 36 -2.66 10.34 0.16
N GLU A 37 -2.96 11.57 0.60
CA GLU A 37 -4.33 11.98 0.86
C GLU A 37 -5.21 11.73 -0.37
N ALA A 38 -4.74 12.20 -1.53
CA ALA A 38 -5.48 12.03 -2.77
C ALA A 38 -5.86 10.57 -3.00
N LEU A 39 -5.15 9.67 -2.33
CA LEU A 39 -5.41 8.23 -2.45
C LEU A 39 -6.34 7.76 -1.35
N VAL A 40 -6.39 8.50 -0.25
CA VAL A 40 -7.25 8.15 0.87
C VAL A 40 -8.72 8.43 0.56
N GLU A 41 -8.96 9.53 -0.16
CA GLU A 41 -10.31 9.91 -0.53
C GLU A 41 -10.73 9.23 -1.82
N GLU A 42 -9.83 9.21 -2.80
CA GLU A 42 -10.10 8.59 -4.08
C GLU A 42 -10.48 7.12 -3.92
N CYS A 43 -9.72 6.41 -3.09
CA CYS A 43 -9.97 4.99 -2.84
C CYS A 43 -11.33 4.79 -2.18
N ASN A 44 -11.46 5.27 -0.95
CA ASN A 44 -12.70 5.15 -0.20
C ASN A 44 -13.91 5.50 -1.07
N ARG A 45 -13.71 6.47 -1.97
CA ARG A 45 -14.78 6.91 -2.86
C ARG A 45 -15.12 5.82 -3.86
N ALA A 46 -14.14 5.41 -4.65
CA ALA A 46 -14.34 4.37 -5.65
C ALA A 46 -14.90 3.10 -5.02
N GLU A 47 -14.36 2.72 -3.87
CA GLU A 47 -14.80 1.53 -3.16
C GLU A 47 -16.32 1.55 -2.96
N CYS A 48 -16.84 2.70 -2.55
CA CYS A 48 -18.27 2.86 -2.33
C CYS A 48 -19.05 2.72 -3.62
N LEU A 49 -18.51 3.30 -4.69
CA LEU A 49 -19.16 3.24 -6.00
C LEU A 49 -19.29 1.80 -6.48
N GLN A 50 -18.15 1.11 -6.58
CA GLN A 50 -18.13 -0.28 -7.03
C GLN A 50 -19.02 -1.14 -6.14
N ARG A 51 -18.92 -0.95 -4.83
CA ARG A 51 -19.71 -1.71 -3.87
C ARG A 51 -21.14 -1.20 -3.82
N GLY A 52 -21.46 -0.26 -4.71
CA GLY A 52 -22.81 0.29 -4.76
C GLY A 52 -23.02 1.37 -3.73
N VAL A 53 -22.22 1.35 -2.66
CA VAL A 53 -22.31 2.34 -1.60
C VAL A 53 -22.05 3.74 -2.13
N SER A 54 -22.25 4.75 -1.27
CA SER A 54 -22.04 6.14 -1.66
C SER A 54 -20.67 6.62 -1.21
N PRO A 55 -20.02 7.43 -2.06
CA PRO A 55 -18.70 7.99 -1.77
C PRO A 55 -18.73 9.03 -0.65
N SER A 56 -19.93 9.33 -0.18
CA SER A 56 -20.10 10.31 0.89
C SER A 56 -20.29 9.61 2.25
N LYS A 57 -20.54 8.32 2.20
CA LYS A 57 -20.74 7.53 3.42
C LYS A 57 -19.61 6.51 3.59
N ALA A 58 -18.42 6.87 3.13
CA ALA A 58 -17.26 5.99 3.24
C ALA A 58 -16.98 5.64 4.69
N HIS A 59 -17.34 6.54 5.60
CA HIS A 59 -17.13 6.32 7.03
C HIS A 59 -17.60 4.93 7.44
N GLY A 60 -18.55 4.39 6.69
CA GLY A 60 -19.07 3.07 7.00
C GLY A 60 -18.08 1.96 6.71
N LEU A 61 -17.30 2.14 5.66
CA LEU A 61 -16.30 1.15 5.26
C LEU A 61 -15.68 0.50 6.49
N GLY A 62 -15.60 1.26 7.58
CA GLY A 62 -15.01 0.73 8.80
C GLY A 62 -13.67 0.08 8.58
N SER A 63 -13.61 -1.24 8.68
CA SER A 63 -12.37 -1.98 8.50
C SER A 63 -11.85 -1.81 7.07
N ASN A 64 -12.77 -1.58 6.13
CA ASN A 64 -12.40 -1.41 4.73
C ASN A 64 -12.14 0.07 4.43
N LEU A 65 -12.15 0.89 5.47
CA LEU A 65 -11.93 2.33 5.32
C LEU A 65 -10.44 2.62 5.11
N VAL A 66 -10.14 3.52 4.18
CA VAL A 66 -8.77 3.90 3.89
C VAL A 66 -8.36 5.14 4.68
N THR A 67 -7.07 5.22 5.02
CA THR A 67 -6.56 6.37 5.76
C THR A 67 -5.09 6.63 5.42
N GLU A 68 -4.65 7.86 5.65
CA GLU A 68 -3.27 8.24 5.36
C GLU A 68 -2.31 7.09 5.67
N VAL A 69 -2.58 6.39 6.77
CA VAL A 69 -1.75 5.27 7.18
C VAL A 69 -1.83 4.13 6.16
N ARG A 70 -3.03 3.65 5.91
CA ARG A 70 -3.24 2.56 4.96
C ARG A 70 -2.35 2.74 3.73
N VAL A 71 -2.41 3.92 3.12
CA VAL A 71 -1.61 4.22 1.94
C VAL A 71 -0.12 4.23 2.27
N TYR A 72 0.22 4.80 3.42
CA TYR A 72 1.61 4.88 3.85
C TYR A 72 2.24 3.50 3.89
N ASN A 73 1.52 2.53 4.46
CA ASN A 73 2.01 1.16 4.56
C ASN A 73 2.11 0.52 3.19
N TRP A 74 1.02 0.55 2.43
CA TRP A 74 0.99 -0.03 1.10
C TRP A 74 2.19 0.42 0.28
N PHE A 75 2.43 1.73 0.25
CA PHE A 75 3.55 2.30 -0.49
C PHE A 75 4.88 1.74 0.03
N ALA A 76 5.01 1.68 1.34
CA ALA A 76 6.22 1.17 1.97
C ALA A 76 6.58 -0.22 1.44
N ASN A 77 5.60 -1.12 1.44
CA ASN A 77 5.81 -2.47 0.96
C ASN A 77 6.24 -2.48 -0.50
N ARG A 78 5.78 -1.47 -1.25
CA ARG A 78 6.12 -1.36 -2.66
C ARG A 78 7.59 -1.02 -2.84
N ARG A 79 8.17 -0.31 -1.87
CA ARG A 79 9.57 0.08 -1.92
C ARG A 79 10.46 -1.06 -1.43
N LYS A 80 9.98 -1.80 -0.44
CA LYS A 80 10.73 -2.92 0.13
C LYS A 80 10.80 -4.08 -0.85
N GLU A 81 9.69 -4.32 -1.55
CA GLU A 81 9.61 -5.39 -2.52
C GLU A 81 10.50 -5.11 -3.73
N GLU A 82 10.36 -3.91 -4.29
CA GLU A 82 11.16 -3.51 -5.45
C GLU A 82 12.65 -3.65 -5.16
N ALA A 83 13.03 -3.37 -3.91
CA ALA A 83 14.43 -3.46 -3.51
C ALA A 83 14.78 -4.87 -3.05
N PHE A 84 13.75 -5.67 -2.79
CA PHE A 84 13.95 -7.05 -2.34
C PHE A 84 14.79 -7.83 -3.34
N ARG A 85 14.25 -8.02 -4.54
CA ARG A 85 14.94 -8.75 -5.59
C ARG A 85 16.40 -8.33 -5.68
N GLN A 86 16.69 -7.13 -5.19
CA GLN A 86 18.04 -6.59 -5.22
C GLN A 86 18.79 -6.96 -3.95
N LYS A 87 18.10 -6.89 -2.82
CA LYS A 87 18.70 -7.21 -1.52
C LYS A 87 19.23 -8.64 -1.51
N LEU A 88 18.37 -9.59 -1.87
CA LEU A 88 18.75 -11.00 -1.90
C LEU A 88 19.94 -11.22 -2.82
N ALA A 89 20.24 -10.22 -3.65
CA ALA A 89 21.37 -10.31 -4.58
C ALA A 89 22.65 -9.84 -3.91
N MET A 90 22.55 -8.79 -3.10
CA MET A 90 23.71 -8.24 -2.41
C MET A 90 24.11 -9.13 -1.23
N ASP A 91 23.11 -9.61 -0.50
CA ASP A 91 23.35 -10.47 0.66
C ASP A 91 24.01 -11.78 0.22
N ALA A 92 24.57 -12.50 1.20
CA ALA A 92 25.24 -13.76 0.92
C ALA A 92 24.32 -14.94 1.25
N TYR A 93 24.77 -16.15 0.93
CA TYR A 93 23.99 -17.35 1.18
C TYR A 93 24.62 -18.18 2.30
N SER A 94 24.02 -19.33 2.57
CA SER A 94 24.52 -20.22 3.61
C SER A 94 25.99 -20.55 3.39
N SER A 95 26.80 -20.34 4.43
CA SER A 95 28.23 -20.62 4.34
C SER A 95 28.81 -20.14 3.01
N ASN A 96 28.55 -18.87 2.70
CA ASN A 96 29.03 -18.28 1.45
C ASN A 96 30.56 -18.18 1.46
N SER A 97 31.10 -17.58 2.52
CA SER A 97 32.54 -17.41 2.64
C SER A 97 32.97 -17.52 4.10
N GLY A 98 34.29 -17.56 4.33
CA GLY A 98 34.81 -17.67 5.68
C GLY A 98 35.72 -16.51 6.03
N PRO A 99 35.81 -16.21 7.34
CA PRO A 99 36.66 -15.12 7.83
C PRO A 99 38.15 -15.44 7.70
N SER A 100 38.71 -15.16 6.52
CA SER A 100 40.12 -15.42 6.27
C SER A 100 41.00 -14.47 7.10
N SER A 101 41.32 -14.89 8.32
CA SER A 101 42.15 -14.09 9.20
C SER A 101 43.41 -14.84 9.61
N GLY A 102 44.30 -14.16 10.32
CA GLY A 102 45.53 -14.79 10.75
C GLY A 102 46.77 -14.13 10.14
N GLY A 1 14.36 -7.82 14.72
CA GLY A 1 14.73 -8.66 13.60
C GLY A 1 13.64 -8.72 12.54
N SER A 2 14.01 -8.41 11.31
CA SER A 2 13.05 -8.43 10.20
C SER A 2 11.74 -7.77 10.61
N SER A 3 11.84 -6.65 11.32
CA SER A 3 10.67 -5.92 11.78
C SER A 3 10.01 -5.16 10.63
N GLY A 4 8.74 -4.82 10.78
CA GLY A 4 8.03 -4.10 9.76
C GLY A 4 7.05 -3.09 10.33
N SER A 5 5.77 -3.46 10.37
CA SER A 5 4.74 -2.58 10.90
C SER A 5 3.90 -3.28 11.96
N SER A 6 4.33 -3.20 13.21
CA SER A 6 3.62 -3.84 14.30
C SER A 6 2.41 -3.01 14.72
N GLY A 7 1.26 -3.33 14.12
CA GLY A 7 0.04 -2.61 14.45
C GLY A 7 -1.20 -3.42 14.12
N ARG A 8 -2.10 -2.82 13.34
CA ARG A 8 -3.34 -3.49 12.96
C ARG A 8 -3.17 -4.26 11.66
N ASN A 9 -2.60 -3.61 10.66
CA ASN A 9 -2.38 -4.23 9.36
C ASN A 9 -3.52 -5.18 9.01
N ARG A 10 -4.73 -4.79 9.37
CA ARG A 10 -5.92 -5.60 9.09
C ARG A 10 -6.85 -4.90 8.11
N PHE A 11 -6.55 -5.01 6.82
CA PHE A 11 -7.36 -4.38 5.79
C PHE A 11 -6.90 -4.81 4.40
N LYS A 12 -7.84 -5.28 3.59
CA LYS A 12 -7.52 -5.73 2.24
C LYS A 12 -7.98 -4.70 1.21
N TRP A 13 -7.07 -4.29 0.34
CA TRP A 13 -7.39 -3.32 -0.71
C TRP A 13 -8.43 -3.86 -1.67
N GLY A 14 -9.30 -2.98 -2.16
CA GLY A 14 -10.34 -3.40 -3.09
C GLY A 14 -9.84 -3.43 -4.53
N PRO A 15 -10.77 -3.67 -5.46
CA PRO A 15 -10.45 -3.72 -6.89
C PRO A 15 -10.10 -2.36 -7.46
N ALA A 16 -10.94 -1.37 -7.17
CA ALA A 16 -10.71 -0.01 -7.65
C ALA A 16 -9.62 0.68 -6.85
N SER A 17 -9.71 0.59 -5.52
CA SER A 17 -8.74 1.21 -4.64
C SER A 17 -7.32 0.85 -5.06
N GLN A 18 -7.02 -0.43 -5.09
CA GLN A 18 -5.69 -0.91 -5.48
C GLN A 18 -5.20 -0.18 -6.71
N GLN A 19 -5.93 -0.31 -7.81
CA GLN A 19 -5.57 0.34 -9.07
C GLN A 19 -5.14 1.78 -8.83
N ILE A 20 -5.94 2.51 -8.04
CA ILE A 20 -5.64 3.91 -7.74
C ILE A 20 -4.26 4.04 -7.10
N LEU A 21 -3.92 3.10 -6.23
CA LEU A 21 -2.63 3.12 -5.56
C LEU A 21 -1.49 3.01 -6.56
N TYR A 22 -1.66 2.14 -7.55
CA TYR A 22 -0.65 1.94 -8.59
C TYR A 22 -0.47 3.20 -9.43
N GLN A 23 -1.59 3.76 -9.89
CA GLN A 23 -1.55 4.97 -10.72
C GLN A 23 -0.80 6.08 -10.00
N ALA A 24 -0.95 6.15 -8.69
CA ALA A 24 -0.29 7.17 -7.89
C ALA A 24 1.18 6.84 -7.68
N TYR A 25 1.46 5.59 -7.35
CA TYR A 25 2.84 5.14 -7.12
C TYR A 25 3.65 5.25 -8.41
N ASP A 26 3.00 5.01 -9.55
CA ASP A 26 3.67 5.07 -10.84
C ASP A 26 4.24 6.46 -11.08
N ARG A 27 3.52 7.48 -10.62
CA ARG A 27 3.96 8.87 -10.80
C ARG A 27 5.00 9.24 -9.76
N GLN A 28 4.72 8.94 -8.50
CA GLN A 28 5.64 9.24 -7.41
C GLN A 28 5.82 8.03 -6.49
N LYS A 29 7.07 7.72 -6.18
CA LYS A 29 7.38 6.59 -5.31
C LYS A 29 7.11 6.93 -3.85
N ASN A 30 7.49 8.14 -3.45
CA ASN A 30 7.29 8.58 -2.08
C ASN A 30 6.18 9.63 -2.01
N PRO A 31 4.93 9.17 -1.86
CA PRO A 31 3.76 10.04 -1.78
C PRO A 31 3.72 10.83 -0.47
N SER A 32 3.54 12.14 -0.58
CA SER A 32 3.49 13.01 0.59
C SER A 32 2.05 13.23 1.03
N LYS A 33 1.88 13.91 2.17
CA LYS A 33 0.55 14.19 2.70
C LYS A 33 -0.45 14.43 1.58
N GLU A 34 -0.08 15.28 0.63
CA GLU A 34 -0.94 15.60 -0.50
C GLU A 34 -1.16 14.37 -1.38
N GLU A 35 -0.06 13.73 -1.76
CA GLU A 35 -0.13 12.53 -2.60
C GLU A 35 -0.92 11.42 -1.91
N ARG A 36 -0.38 10.91 -0.81
CA ARG A 36 -1.03 9.85 -0.07
C ARG A 36 -2.51 10.15 0.14
N GLU A 37 -2.80 11.38 0.57
CA GLU A 37 -4.17 11.80 0.81
C GLU A 37 -5.04 11.54 -0.43
N ALA A 38 -4.58 12.04 -1.57
CA ALA A 38 -5.31 11.88 -2.82
C ALA A 38 -5.75 10.43 -3.01
N LEU A 39 -5.08 9.52 -2.32
CA LEU A 39 -5.40 8.10 -2.41
C LEU A 39 -6.36 7.68 -1.30
N VAL A 40 -6.29 8.38 -0.17
CA VAL A 40 -7.16 8.09 0.96
C VAL A 40 -8.61 8.43 0.64
N GLU A 41 -8.81 9.51 -0.09
CA GLU A 41 -10.15 9.94 -0.47
C GLU A 41 -10.60 9.27 -1.76
N GLU A 42 -9.70 9.19 -2.73
CA GLU A 42 -10.00 8.57 -4.01
C GLU A 42 -10.46 7.13 -3.82
N CYS A 43 -9.72 6.38 -3.01
CA CYS A 43 -10.05 4.98 -2.74
C CYS A 43 -11.40 4.86 -2.06
N ASN A 44 -11.50 5.37 -0.84
CA ASN A 44 -12.74 5.31 -0.08
C ASN A 44 -13.93 5.74 -0.95
N ARG A 45 -13.69 6.69 -1.85
CA ARG A 45 -14.73 7.18 -2.73
C ARG A 45 -15.13 6.11 -3.74
N ALA A 46 -14.17 5.63 -4.51
CA ALA A 46 -14.43 4.60 -5.51
C ALA A 46 -15.06 3.36 -4.88
N GLU A 47 -14.54 2.97 -3.72
CA GLU A 47 -15.05 1.80 -3.01
C GLU A 47 -16.56 1.90 -2.82
N CYS A 48 -17.04 3.09 -2.49
CA CYS A 48 -18.46 3.30 -2.28
C CYS A 48 -19.23 3.20 -3.60
N LEU A 49 -18.64 3.74 -4.66
CA LEU A 49 -19.26 3.71 -5.98
C LEU A 49 -19.45 2.27 -6.46
N GLN A 50 -18.36 1.52 -6.53
CA GLN A 50 -18.41 0.14 -6.97
C GLN A 50 -19.35 -0.68 -6.10
N ARG A 51 -19.24 -0.49 -4.78
CA ARG A 51 -20.08 -1.21 -3.84
C ARG A 51 -21.49 -0.64 -3.81
N GLY A 52 -21.75 0.32 -4.70
CA GLY A 52 -23.06 0.93 -4.76
C GLY A 52 -23.23 2.02 -3.73
N VAL A 53 -22.46 1.96 -2.66
CA VAL A 53 -22.53 2.95 -1.58
C VAL A 53 -22.22 4.34 -2.11
N SER A 54 -22.36 5.34 -1.25
CA SER A 54 -22.10 6.72 -1.62
C SER A 54 -20.71 7.16 -1.16
N PRO A 55 -20.03 7.95 -2.01
CA PRO A 55 -18.68 8.45 -1.70
C PRO A 55 -18.68 9.48 -0.59
N SER A 56 -19.87 9.86 -0.14
CA SER A 56 -20.01 10.85 0.92
C SER A 56 -20.16 10.17 2.28
N LYS A 57 -20.55 8.89 2.26
CA LYS A 57 -20.73 8.12 3.48
C LYS A 57 -19.65 7.06 3.62
N ALA A 58 -18.45 7.38 3.12
CA ALA A 58 -17.33 6.45 3.20
C ALA A 58 -17.07 6.02 4.63
N HIS A 59 -17.28 6.93 5.57
CA HIS A 59 -17.07 6.65 6.99
C HIS A 59 -17.68 5.30 7.37
N GLY A 60 -18.72 4.91 6.64
CA GLY A 60 -19.37 3.64 6.91
C GLY A 60 -18.74 2.48 6.17
N LEU A 61 -17.41 2.48 6.10
CA LEU A 61 -16.68 1.43 5.41
C LEU A 61 -16.07 0.45 6.41
N GLY A 62 -15.93 0.89 7.66
CA GLY A 62 -15.36 0.05 8.69
C GLY A 62 -13.92 -0.29 8.43
N SER A 63 -13.61 -1.58 8.34
CA SER A 63 -12.25 -2.04 8.10
C SER A 63 -11.81 -1.71 6.67
N ASN A 64 -12.78 -1.66 5.76
CA ASN A 64 -12.50 -1.36 4.37
C ASN A 64 -12.16 0.12 4.19
N LEU A 65 -12.13 0.85 5.29
CA LEU A 65 -11.82 2.27 5.26
C LEU A 65 -10.32 2.50 5.02
N VAL A 66 -10.00 3.52 4.23
CA VAL A 66 -8.61 3.84 3.93
C VAL A 66 -8.15 5.07 4.72
N THR A 67 -6.87 5.07 5.09
CA THR A 67 -6.30 6.18 5.85
C THR A 67 -4.82 6.37 5.53
N GLU A 68 -4.32 7.57 5.75
CA GLU A 68 -2.92 7.87 5.48
C GLU A 68 -2.02 6.68 5.80
N VAL A 69 -2.37 5.96 6.87
CA VAL A 69 -1.60 4.79 7.28
C VAL A 69 -1.71 3.67 6.24
N ARG A 70 -2.95 3.32 5.89
CA ARG A 70 -3.20 2.27 4.91
C ARG A 70 -2.33 2.46 3.67
N VAL A 71 -2.37 3.67 3.11
CA VAL A 71 -1.59 3.99 1.92
C VAL A 71 -0.10 3.94 2.21
N TYR A 72 0.27 4.35 3.42
CA TYR A 72 1.67 4.35 3.83
C TYR A 72 2.24 2.94 3.86
N ASN A 73 1.42 1.99 4.30
CA ASN A 73 1.84 0.60 4.38
C ASN A 73 1.93 -0.02 2.99
N TRP A 74 0.93 0.25 2.16
CA TRP A 74 0.91 -0.28 0.80
C TRP A 74 2.12 0.20 0.01
N PHE A 75 2.47 1.47 0.18
CA PHE A 75 3.61 2.05 -0.52
C PHE A 75 4.92 1.54 0.06
N ALA A 76 4.95 1.34 1.37
CA ALA A 76 6.14 0.85 2.05
C ALA A 76 6.60 -0.48 1.46
N ASN A 77 5.65 -1.38 1.24
CA ASN A 77 5.95 -2.70 0.69
C ASN A 77 6.35 -2.58 -0.78
N ARG A 78 5.76 -1.62 -1.47
CA ARG A 78 6.06 -1.41 -2.89
C ARG A 78 7.46 -0.85 -3.07
N ARG A 79 7.99 -0.23 -2.03
CA ARG A 79 9.33 0.35 -2.08
C ARG A 79 10.35 -0.58 -1.42
N LYS A 80 9.88 -1.42 -0.51
CA LYS A 80 10.75 -2.37 0.18
C LYS A 80 11.06 -3.57 -0.70
N GLU A 81 10.15 -3.88 -1.62
CA GLU A 81 10.32 -5.01 -2.53
C GLU A 81 11.33 -4.67 -3.63
N GLU A 82 11.18 -3.48 -4.22
CA GLU A 82 12.07 -3.04 -5.28
C GLU A 82 13.50 -2.91 -4.77
N ALA A 83 13.63 -2.53 -3.50
CA ALA A 83 14.95 -2.37 -2.90
C ALA A 83 15.47 -3.69 -2.34
N PHE A 84 14.58 -4.66 -2.20
CA PHE A 84 14.95 -5.97 -1.69
C PHE A 84 16.08 -6.58 -2.51
N ARG A 85 15.79 -6.89 -3.77
CA ARG A 85 16.78 -7.47 -4.66
C ARG A 85 18.13 -6.79 -4.50
N GLN A 86 18.10 -5.53 -4.08
CA GLN A 86 19.33 -4.76 -3.89
C GLN A 86 19.91 -4.99 -2.50
N LYS A 87 19.03 -5.03 -1.50
CA LYS A 87 19.45 -5.25 -0.12
C LYS A 87 20.22 -6.56 0.01
N LEU A 88 19.65 -7.63 -0.53
CA LEU A 88 20.29 -8.95 -0.48
C LEU A 88 21.60 -8.96 -1.25
N ALA A 89 21.87 -7.86 -1.96
CA ALA A 89 23.10 -7.74 -2.72
C ALA A 89 24.19 -7.04 -1.92
N MET A 90 23.78 -6.35 -0.85
CA MET A 90 24.73 -5.64 0.00
C MET A 90 25.28 -6.55 1.08
N ASP A 91 24.92 -7.83 1.02
CA ASP A 91 25.37 -8.81 2.00
C ASP A 91 26.24 -9.87 1.34
N ALA A 92 26.70 -9.58 0.13
CA ALA A 92 27.54 -10.51 -0.61
C ALA A 92 28.91 -9.90 -0.91
N TYR A 93 29.78 -10.68 -1.53
CA TYR A 93 31.12 -10.21 -1.87
C TYR A 93 31.10 -8.75 -2.27
N SER A 94 31.89 -7.94 -1.57
CA SER A 94 31.95 -6.51 -1.86
C SER A 94 33.06 -5.84 -1.04
N SER A 95 33.52 -4.70 -1.51
CA SER A 95 34.58 -3.96 -0.83
C SER A 95 34.45 -4.10 0.69
N ASN A 96 35.58 -4.04 1.39
CA ASN A 96 35.58 -4.16 2.84
C ASN A 96 35.27 -2.81 3.49
N SER A 97 36.04 -1.80 3.15
CA SER A 97 35.85 -0.47 3.71
C SER A 97 34.37 -0.10 3.75
N GLY A 98 34.04 0.93 4.52
CA GLY A 98 32.65 1.36 4.62
C GLY A 98 31.92 0.70 5.78
N PRO A 99 32.32 1.06 7.01
CA PRO A 99 31.71 0.51 8.23
C PRO A 99 30.28 1.00 8.43
N SER A 100 29.68 0.59 9.54
CA SER A 100 28.31 0.98 9.86
C SER A 100 28.02 0.80 11.35
N SER A 101 27.56 1.88 11.98
CA SER A 101 27.25 1.86 13.41
C SER A 101 26.17 2.88 13.75
N GLY A 102 25.04 2.38 14.25
CA GLY A 102 23.95 3.27 14.61
C GLY A 102 24.03 3.76 16.04
N GLY A 1 -5.67 -13.90 21.98
CA GLY A 1 -6.10 -15.27 21.81
C GLY A 1 -7.27 -15.39 20.84
N SER A 2 -8.47 -15.20 21.35
CA SER A 2 -9.68 -15.29 20.52
C SER A 2 -9.82 -14.07 19.63
N SER A 3 -9.76 -12.88 20.24
CA SER A 3 -9.89 -11.64 19.50
C SER A 3 -8.59 -10.83 19.57
N GLY A 4 -7.88 -10.76 18.45
CA GLY A 4 -6.64 -10.03 18.40
C GLY A 4 -5.55 -10.78 17.67
N SER A 5 -5.34 -12.04 18.03
CA SER A 5 -4.31 -12.86 17.40
C SER A 5 -4.86 -13.55 16.16
N SER A 6 -5.99 -14.24 16.32
CA SER A 6 -6.62 -14.96 15.22
C SER A 6 -7.57 -14.04 14.44
N GLY A 7 -6.99 -13.24 13.55
CA GLY A 7 -7.80 -12.32 12.76
C GLY A 7 -6.95 -11.30 12.02
N ARG A 8 -6.99 -11.36 10.70
CA ARG A 8 -6.22 -10.43 9.88
C ARG A 8 -6.20 -9.04 10.49
N ASN A 9 -5.00 -8.55 10.80
CA ASN A 9 -4.85 -7.22 11.40
C ASN A 9 -4.99 -6.12 10.35
N ARG A 10 -4.39 -6.33 9.19
CA ARG A 10 -4.45 -5.37 8.11
C ARG A 10 -5.66 -5.62 7.21
N PHE A 11 -6.19 -4.56 6.62
CA PHE A 11 -7.35 -4.67 5.75
C PHE A 11 -6.94 -5.08 4.34
N LYS A 12 -7.92 -5.49 3.54
CA LYS A 12 -7.66 -5.91 2.17
C LYS A 12 -8.15 -4.87 1.18
N TRP A 13 -7.24 -4.36 0.36
CA TRP A 13 -7.58 -3.35 -0.64
C TRP A 13 -8.64 -3.88 -1.60
N GLY A 14 -9.32 -2.96 -2.28
CA GLY A 14 -10.35 -3.36 -3.23
C GLY A 14 -9.84 -3.39 -4.66
N PRO A 15 -10.75 -3.63 -5.61
CA PRO A 15 -10.42 -3.69 -7.04
C PRO A 15 -10.05 -2.32 -7.60
N ALA A 16 -10.87 -1.33 -7.31
CA ALA A 16 -10.64 0.02 -7.79
C ALA A 16 -9.54 0.71 -6.99
N SER A 17 -9.71 0.72 -5.67
CA SER A 17 -8.73 1.34 -4.77
C SER A 17 -7.31 1.01 -5.21
N GLN A 18 -6.98 -0.29 -5.21
CA GLN A 18 -5.66 -0.73 -5.61
C GLN A 18 -5.16 0.03 -6.82
N GLN A 19 -5.87 -0.11 -7.94
CA GLN A 19 -5.50 0.57 -9.18
C GLN A 19 -5.11 2.01 -8.90
N ILE A 20 -5.91 2.71 -8.10
CA ILE A 20 -5.63 4.10 -7.77
C ILE A 20 -4.25 4.26 -7.15
N LEU A 21 -3.89 3.33 -6.27
CA LEU A 21 -2.59 3.36 -5.62
C LEU A 21 -1.46 3.27 -6.64
N TYR A 22 -1.64 2.42 -7.63
CA TYR A 22 -0.64 2.23 -8.68
C TYR A 22 -0.47 3.50 -9.50
N GLN A 23 -1.59 4.06 -9.94
CA GLN A 23 -1.58 5.28 -10.74
C GLN A 23 -0.80 6.39 -10.03
N ALA A 24 -0.86 6.39 -8.70
CA ALA A 24 -0.16 7.39 -7.90
C ALA A 24 1.32 7.06 -7.79
N TYR A 25 1.62 5.85 -7.35
CA TYR A 25 3.00 5.41 -7.19
C TYR A 25 3.78 5.58 -8.49
N ASP A 26 3.10 5.41 -9.61
CA ASP A 26 3.72 5.56 -10.92
C ASP A 26 4.26 6.96 -11.12
N ARG A 27 3.55 7.94 -10.58
CA ARG A 27 3.95 9.33 -10.70
C ARG A 27 5.05 9.67 -9.70
N GLN A 28 4.83 9.30 -8.44
CA GLN A 28 5.80 9.56 -7.38
C GLN A 28 6.00 8.32 -6.52
N LYS A 29 7.26 8.05 -6.17
CA LYS A 29 7.59 6.89 -5.35
C LYS A 29 7.27 7.16 -3.88
N ASN A 30 7.56 8.38 -3.43
CA ASN A 30 7.30 8.76 -2.05
C ASN A 30 6.19 9.81 -1.97
N PRO A 31 4.94 9.34 -1.88
CA PRO A 31 3.77 10.22 -1.78
C PRO A 31 3.70 10.96 -0.46
N SER A 32 3.47 12.28 -0.54
CA SER A 32 3.39 13.10 0.66
C SER A 32 1.94 13.29 1.09
N LYS A 33 1.75 13.93 2.24
CA LYS A 33 0.41 14.17 2.77
C LYS A 33 -0.57 14.48 1.64
N GLU A 34 -0.10 15.22 0.64
CA GLU A 34 -0.94 15.58 -0.50
C GLU A 34 -1.20 14.36 -1.39
N GLU A 35 -0.12 13.76 -1.88
CA GLU A 35 -0.22 12.59 -2.75
C GLU A 35 -1.04 11.50 -2.08
N ARG A 36 -0.56 11.02 -0.93
CA ARG A 36 -1.23 9.97 -0.19
C ARG A 36 -2.71 10.30 0.00
N GLU A 37 -2.98 11.49 0.53
CA GLU A 37 -4.35 11.93 0.76
C GLU A 37 -5.21 11.72 -0.48
N ALA A 38 -4.72 12.16 -1.63
CA ALA A 38 -5.43 12.02 -2.89
C ALA A 38 -5.86 10.57 -3.10
N LEU A 39 -5.16 9.64 -2.46
CA LEU A 39 -5.47 8.23 -2.59
C LEU A 39 -6.41 7.77 -1.47
N VAL A 40 -6.38 8.50 -0.35
CA VAL A 40 -7.23 8.16 0.79
C VAL A 40 -8.70 8.48 0.49
N GLU A 41 -8.93 9.61 -0.17
CA GLU A 41 -10.28 10.02 -0.52
C GLU A 41 -10.75 9.34 -1.80
N GLU A 42 -9.88 9.32 -2.81
CA GLU A 42 -10.21 8.71 -4.09
C GLU A 42 -10.60 7.25 -3.91
N CYS A 43 -9.79 6.52 -3.15
CA CYS A 43 -10.05 5.10 -2.89
C CYS A 43 -11.39 4.91 -2.20
N ASN A 44 -11.49 5.37 -0.96
CA ASN A 44 -12.72 5.24 -0.19
C ASN A 44 -13.93 5.61 -1.05
N ARG A 45 -13.76 6.59 -1.92
CA ARG A 45 -14.83 7.03 -2.79
C ARG A 45 -15.20 5.95 -3.80
N ALA A 46 -14.23 5.55 -4.63
CA ALA A 46 -14.46 4.53 -5.63
C ALA A 46 -15.01 3.25 -5.00
N GLU A 47 -14.43 2.85 -3.87
CA GLU A 47 -14.87 1.66 -3.17
C GLU A 47 -16.38 1.68 -2.93
N CYS A 48 -16.88 2.83 -2.50
CA CYS A 48 -18.31 2.98 -2.23
C CYS A 48 -19.12 2.84 -3.51
N LEU A 49 -18.61 3.43 -4.59
CA LEU A 49 -19.29 3.36 -5.89
C LEU A 49 -19.41 1.92 -6.36
N GLN A 50 -18.28 1.23 -6.48
CA GLN A 50 -18.25 -0.15 -6.93
C GLN A 50 -19.16 -1.02 -6.04
N ARG A 51 -19.07 -0.80 -4.74
CA ARG A 51 -19.88 -1.57 -3.79
C ARG A 51 -21.31 -1.02 -3.72
N GLY A 52 -21.61 -0.06 -4.59
CA GLY A 52 -22.94 0.52 -4.62
C GLY A 52 -23.11 1.60 -3.56
N VAL A 53 -22.30 1.53 -2.51
CA VAL A 53 -22.37 2.51 -1.43
C VAL A 53 -22.10 3.93 -1.94
N SER A 54 -22.26 4.90 -1.06
CA SER A 54 -22.04 6.30 -1.43
C SER A 54 -20.65 6.77 -0.99
N PRO A 55 -20.00 7.58 -1.84
CA PRO A 55 -18.67 8.11 -1.57
C PRO A 55 -18.67 9.14 -0.44
N SER A 56 -19.87 9.45 0.06
CA SER A 56 -20.01 10.42 1.14
C SER A 56 -20.17 9.72 2.49
N LYS A 57 -20.46 8.42 2.44
CA LYS A 57 -20.64 7.63 3.66
C LYS A 57 -19.53 6.61 3.81
N ALA A 58 -18.32 6.98 3.38
CA ALA A 58 -17.17 6.10 3.47
C ALA A 58 -16.90 5.70 4.92
N HIS A 59 -17.20 6.61 5.84
CA HIS A 59 -16.99 6.35 7.27
C HIS A 59 -17.49 4.96 7.65
N GLY A 60 -18.45 4.45 6.88
CA GLY A 60 -19.00 3.13 7.15
C GLY A 60 -18.02 2.03 6.82
N LEU A 61 -17.25 2.21 5.76
CA LEU A 61 -16.28 1.21 5.34
C LEU A 61 -15.63 0.53 6.54
N GLY A 62 -15.41 1.30 7.61
CA GLY A 62 -14.81 0.76 8.81
C GLY A 62 -13.52 0.02 8.53
N SER A 63 -13.58 -1.31 8.60
CA SER A 63 -12.39 -2.13 8.36
C SER A 63 -11.89 -1.95 6.93
N ASN A 64 -12.79 -1.55 6.04
CA ASN A 64 -12.44 -1.34 4.64
C ASN A 64 -12.16 0.14 4.37
N LEU A 65 -12.17 0.94 5.42
CA LEU A 65 -11.91 2.37 5.29
C LEU A 65 -10.43 2.64 5.08
N VAL A 66 -10.13 3.55 4.16
CA VAL A 66 -8.73 3.90 3.86
C VAL A 66 -8.28 5.09 4.69
N THR A 67 -6.98 5.14 4.98
CA THR A 67 -6.42 6.23 5.77
C THR A 67 -4.96 6.44 5.44
N GLU A 68 -4.47 7.67 5.67
CA GLU A 68 -3.08 8.00 5.39
C GLU A 68 -2.17 6.81 5.66
N VAL A 69 -2.43 6.10 6.75
CA VAL A 69 -1.64 4.93 7.12
C VAL A 69 -1.76 3.83 6.08
N ARG A 70 -2.99 3.41 5.83
CA ARG A 70 -3.25 2.35 4.84
C ARG A 70 -2.36 2.53 3.62
N VAL A 71 -2.38 3.73 3.05
CA VAL A 71 -1.57 4.01 1.86
C VAL A 71 -0.09 3.95 2.19
N TYR A 72 0.30 4.52 3.32
CA TYR A 72 1.69 4.52 3.75
C TYR A 72 2.26 3.11 3.79
N ASN A 73 1.46 2.17 4.31
CA ASN A 73 1.89 0.78 4.40
C ASN A 73 1.99 0.15 3.02
N TRP A 74 0.97 0.37 2.19
CA TRP A 74 0.95 -0.19 0.85
C TRP A 74 2.16 0.29 0.04
N PHE A 75 2.49 1.57 0.19
CA PHE A 75 3.62 2.14 -0.52
C PHE A 75 4.94 1.63 0.05
N ALA A 76 4.97 1.41 1.36
CA ALA A 76 6.16 0.92 2.02
C ALA A 76 6.55 -0.47 1.52
N ASN A 77 5.54 -1.31 1.31
CA ASN A 77 5.78 -2.67 0.82
C ASN A 77 6.21 -2.65 -0.64
N ARG A 78 5.74 -1.66 -1.38
CA ARG A 78 6.07 -1.52 -2.79
C ARG A 78 7.54 -1.13 -2.98
N ARG A 79 8.10 -0.48 -1.96
CA ARG A 79 9.48 -0.05 -2.01
C ARG A 79 10.41 -1.07 -1.34
N LYS A 80 9.87 -1.77 -0.35
CA LYS A 80 10.64 -2.78 0.37
C LYS A 80 10.86 -4.02 -0.50
N GLU A 81 9.95 -4.24 -1.45
CA GLU A 81 10.05 -5.39 -2.34
C GLU A 81 11.06 -5.12 -3.46
N GLU A 82 10.96 -3.94 -4.06
CA GLU A 82 11.87 -3.58 -5.14
C GLU A 82 13.31 -3.49 -4.64
N ALA A 83 13.47 -3.07 -3.40
CA ALA A 83 14.80 -2.95 -2.80
C ALA A 83 15.24 -4.27 -2.18
N PHE A 84 14.28 -5.19 -1.99
CA PHE A 84 14.58 -6.49 -1.41
C PHE A 84 15.68 -7.20 -2.20
N ARG A 85 15.37 -7.53 -3.45
CA ARG A 85 16.33 -8.22 -4.31
C ARG A 85 17.73 -7.65 -4.14
N GLN A 86 17.80 -6.39 -3.71
CA GLN A 86 19.08 -5.72 -3.51
C GLN A 86 19.56 -5.89 -2.07
N LYS A 87 18.61 -5.83 -1.13
CA LYS A 87 18.94 -5.97 0.28
C LYS A 87 19.54 -7.34 0.57
N LEU A 88 18.89 -8.38 0.05
CA LEU A 88 19.38 -9.75 0.24
C LEU A 88 20.76 -9.94 -0.36
N ALA A 89 21.22 -8.94 -1.11
CA ALA A 89 22.53 -8.99 -1.74
C ALA A 89 23.57 -8.24 -0.91
N MET A 90 23.13 -7.17 -0.25
CA MET A 90 24.01 -6.36 0.57
C MET A 90 24.38 -7.09 1.85
N ASP A 91 23.40 -7.75 2.45
CA ASP A 91 23.61 -8.49 3.69
C ASP A 91 24.97 -9.19 3.67
N ALA A 92 25.28 -9.82 2.54
CA ALA A 92 26.55 -10.53 2.39
C ALA A 92 27.42 -9.88 1.32
N TYR A 93 28.71 -9.77 1.62
CA TYR A 93 29.65 -9.16 0.67
C TYR A 93 29.63 -9.89 -0.67
N SER A 94 29.54 -9.12 -1.75
CA SER A 94 29.51 -9.68 -3.09
C SER A 94 30.91 -10.08 -3.55
N SER A 95 30.98 -10.70 -4.72
CA SER A 95 32.25 -11.13 -5.28
C SER A 95 33.12 -9.93 -5.64
N ASN A 96 34.00 -9.53 -4.72
CA ASN A 96 34.88 -8.39 -4.95
C ASN A 96 36.05 -8.42 -3.97
N SER A 97 37.04 -7.57 -4.24
CA SER A 97 38.23 -7.49 -3.38
C SER A 97 38.74 -6.07 -3.28
N GLY A 98 39.70 -5.84 -2.39
CA GLY A 98 40.26 -4.51 -2.21
C GLY A 98 41.65 -4.54 -1.62
N PRO A 99 41.74 -4.40 -0.30
CA PRO A 99 43.03 -4.40 0.42
C PRO A 99 43.68 -5.79 0.43
N SER A 100 44.95 -5.84 0.03
CA SER A 100 45.68 -7.09 -0.01
C SER A 100 46.52 -7.27 1.25
N SER A 101 46.98 -6.17 1.81
CA SER A 101 47.80 -6.20 3.02
C SER A 101 47.03 -6.82 4.18
N GLY A 102 45.96 -6.14 4.60
CA GLY A 102 45.15 -6.64 5.70
C GLY A 102 44.33 -5.55 6.35
N GLY A 1 -13.49 6.59 18.35
CA GLY A 1 -13.49 5.77 17.16
C GLY A 1 -13.78 4.32 17.45
N SER A 2 -12.74 3.49 17.34
CA SER A 2 -12.88 2.05 17.59
C SER A 2 -11.51 1.40 17.74
N SER A 3 -11.20 0.97 18.97
CA SER A 3 -9.92 0.32 19.25
C SER A 3 -9.99 -1.17 18.95
N GLY A 4 -11.06 -1.81 19.41
CA GLY A 4 -11.23 -3.23 19.19
C GLY A 4 -10.97 -3.62 17.75
N SER A 5 -9.78 -4.17 17.49
CA SER A 5 -9.41 -4.59 16.15
C SER A 5 -10.45 -5.54 15.57
N SER A 6 -10.48 -5.65 14.24
CA SER A 6 -11.42 -6.52 13.57
C SER A 6 -11.36 -7.93 14.14
N GLY A 7 -10.15 -8.48 14.21
CA GLY A 7 -9.97 -9.83 14.73
C GLY A 7 -9.22 -10.73 13.77
N ARG A 8 -9.97 -11.46 12.95
CA ARG A 8 -9.37 -12.37 11.99
C ARG A 8 -9.21 -11.69 10.63
N ASN A 9 -10.26 -11.02 10.17
CA ASN A 9 -10.24 -10.33 8.90
C ASN A 9 -9.46 -9.01 9.00
N ARG A 10 -8.49 -8.84 8.11
CA ARG A 10 -7.67 -7.63 8.11
C ARG A 10 -8.02 -6.75 6.91
N PHE A 11 -7.96 -5.44 7.10
CA PHE A 11 -8.27 -4.49 6.05
C PHE A 11 -7.62 -4.91 4.73
N LYS A 12 -8.45 -5.24 3.75
CA LYS A 12 -7.97 -5.66 2.44
C LYS A 12 -8.39 -4.67 1.35
N TRP A 13 -7.44 -4.23 0.56
CA TRP A 13 -7.72 -3.29 -0.52
C TRP A 13 -8.76 -3.85 -1.47
N GLY A 14 -9.35 -2.97 -2.28
CA GLY A 14 -10.37 -3.39 -3.23
C GLY A 14 -9.85 -3.42 -4.66
N PRO A 15 -10.76 -3.67 -5.61
CA PRO A 15 -10.42 -3.72 -7.03
C PRO A 15 -10.06 -2.35 -7.59
N ALA A 16 -10.91 -1.37 -7.31
CA ALA A 16 -10.69 0.00 -7.78
C ALA A 16 -9.61 0.71 -6.95
N SER A 17 -9.72 0.59 -5.64
CA SER A 17 -8.77 1.22 -4.73
C SER A 17 -7.33 0.90 -5.15
N GLN A 18 -7.01 -0.39 -5.16
CA GLN A 18 -5.67 -0.83 -5.54
C GLN A 18 -5.18 -0.08 -6.77
N GLN A 19 -5.92 -0.18 -7.86
CA GLN A 19 -5.56 0.49 -9.10
C GLN A 19 -5.13 1.93 -8.84
N ILE A 20 -5.94 2.65 -8.07
CA ILE A 20 -5.66 4.04 -7.73
C ILE A 20 -4.26 4.18 -7.13
N LEU A 21 -3.89 3.23 -6.28
CA LEU A 21 -2.58 3.24 -5.64
C LEU A 21 -1.47 3.16 -6.67
N TYR A 22 -1.65 2.29 -7.66
CA TYR A 22 -0.65 2.11 -8.70
C TYR A 22 -0.51 3.38 -9.54
N GLN A 23 -1.63 3.92 -9.98
CA GLN A 23 -1.64 5.14 -10.79
C GLN A 23 -0.89 6.26 -10.08
N ALA A 24 -0.96 6.28 -8.76
CA ALA A 24 -0.30 7.30 -7.96
C ALA A 24 1.18 6.97 -7.79
N TYR A 25 1.48 5.72 -7.44
CA TYR A 25 2.85 5.29 -7.25
C TYR A 25 3.67 5.45 -8.53
N ASP A 26 3.01 5.23 -9.67
CA ASP A 26 3.67 5.37 -10.96
C ASP A 26 4.24 6.77 -11.15
N ARG A 27 3.56 7.75 -10.57
CA ARG A 27 3.99 9.14 -10.68
C ARG A 27 5.06 9.47 -9.63
N GLN A 28 4.76 9.12 -8.37
CA GLN A 28 5.69 9.38 -7.28
C GLN A 28 5.91 8.12 -6.44
N LYS A 29 7.16 7.83 -6.12
CA LYS A 29 7.50 6.66 -5.32
C LYS A 29 7.18 6.90 -3.84
N ASN A 30 7.43 8.12 -3.37
CA ASN A 30 7.17 8.48 -1.99
C ASN A 30 6.09 9.56 -1.89
N PRO A 31 4.82 9.11 -1.82
CA PRO A 31 3.67 10.03 -1.72
C PRO A 31 3.61 10.74 -0.37
N SER A 32 3.48 12.06 -0.42
CA SER A 32 3.41 12.87 0.79
C SER A 32 1.97 13.11 1.22
N LYS A 33 1.78 13.77 2.35
CA LYS A 33 0.45 14.06 2.86
C LYS A 33 -0.52 14.34 1.72
N GLU A 34 -0.14 15.24 0.83
CA GLU A 34 -0.97 15.59 -0.31
C GLU A 34 -1.23 14.38 -1.21
N GLU A 35 -0.15 13.83 -1.76
CA GLU A 35 -0.25 12.66 -2.63
C GLU A 35 -1.02 11.54 -1.95
N ARG A 36 -0.46 11.02 -0.86
CA ARG A 36 -1.09 9.94 -0.12
C ARG A 36 -2.58 10.21 0.08
N GLU A 37 -2.89 11.39 0.61
CA GLU A 37 -4.28 11.78 0.85
C GLU A 37 -5.13 11.54 -0.39
N ALA A 38 -4.68 12.08 -1.52
CA ALA A 38 -5.41 11.92 -2.78
C ALA A 38 -5.83 10.47 -3.01
N LEU A 39 -5.16 9.55 -2.32
CA LEU A 39 -5.46 8.13 -2.43
C LEU A 39 -6.43 7.69 -1.34
N VAL A 40 -6.39 8.39 -0.21
CA VAL A 40 -7.26 8.07 0.91
C VAL A 40 -8.72 8.43 0.60
N GLU A 41 -8.91 9.57 -0.05
CA GLU A 41 -10.25 10.02 -0.41
C GLU A 41 -10.72 9.37 -1.70
N GLU A 42 -9.83 9.30 -2.69
CA GLU A 42 -10.15 8.70 -3.98
C GLU A 42 -10.54 7.23 -3.81
N CYS A 43 -9.75 6.51 -3.02
CA CYS A 43 -10.01 5.09 -2.77
C CYS A 43 -11.37 4.88 -2.13
N ASN A 44 -11.51 5.36 -0.89
CA ASN A 44 -12.77 5.23 -0.16
C ASN A 44 -13.95 5.65 -1.03
N ARG A 45 -13.71 6.58 -1.95
CA ARG A 45 -14.74 7.07 -2.84
C ARG A 45 -15.16 5.97 -3.83
N ALA A 46 -14.21 5.53 -4.65
CA ALA A 46 -14.47 4.50 -5.64
C ALA A 46 -15.07 3.25 -4.99
N GLU A 47 -14.50 2.87 -3.84
CA GLU A 47 -14.97 1.69 -3.11
C GLU A 47 -16.48 1.74 -2.92
N CYS A 48 -16.98 2.91 -2.52
CA CYS A 48 -18.41 3.09 -2.30
C CYS A 48 -19.19 2.93 -3.60
N LEU A 49 -18.69 3.54 -4.67
CA LEU A 49 -19.35 3.47 -5.97
C LEU A 49 -19.48 2.03 -6.43
N GLN A 50 -18.35 1.35 -6.60
CA GLN A 50 -18.34 -0.04 -7.03
C GLN A 50 -19.25 -0.89 -6.14
N ARG A 51 -19.10 -0.73 -4.83
CA ARG A 51 -19.89 -1.49 -3.87
C ARG A 51 -21.33 -0.97 -3.83
N GLY A 52 -21.63 0.00 -4.69
CA GLY A 52 -22.96 0.56 -4.73
C GLY A 52 -23.16 1.66 -3.69
N VAL A 53 -22.36 1.61 -2.63
CA VAL A 53 -22.46 2.59 -1.56
C VAL A 53 -22.19 4.00 -2.09
N SER A 54 -22.40 5.00 -1.24
CA SER A 54 -22.20 6.39 -1.61
C SER A 54 -20.80 6.85 -1.20
N PRO A 55 -20.18 7.68 -2.06
CA PRO A 55 -18.83 8.21 -1.82
C PRO A 55 -18.82 9.23 -0.68
N SER A 56 -20.00 9.60 -0.22
CA SER A 56 -20.12 10.57 0.87
C SER A 56 -20.23 9.88 2.22
N LYS A 57 -20.63 8.60 2.19
CA LYS A 57 -20.78 7.82 3.40
C LYS A 57 -19.66 6.78 3.52
N ALA A 58 -18.42 7.24 3.50
CA ALA A 58 -17.27 6.36 3.61
C ALA A 58 -17.06 5.90 5.04
N HIS A 59 -17.43 6.76 6.00
CA HIS A 59 -17.28 6.43 7.41
C HIS A 59 -17.82 5.03 7.71
N GLY A 60 -18.66 4.53 6.82
CA GLY A 60 -19.23 3.20 7.01
C GLY A 60 -18.23 2.10 6.71
N LEU A 61 -17.44 2.29 5.66
CA LEU A 61 -16.45 1.30 5.27
C LEU A 61 -15.86 0.60 6.49
N GLY A 62 -15.57 1.38 7.54
CA GLY A 62 -15.01 0.82 8.75
C GLY A 62 -13.71 0.07 8.50
N SER A 63 -13.79 -1.25 8.51
CA SER A 63 -12.61 -2.09 8.28
C SER A 63 -12.05 -1.88 6.88
N ASN A 64 -12.94 -1.52 5.95
CA ASN A 64 -12.54 -1.29 4.56
C ASN A 64 -12.26 0.19 4.32
N LEU A 65 -12.08 0.94 5.40
CA LEU A 65 -11.82 2.37 5.29
C LEU A 65 -10.33 2.62 5.06
N VAL A 66 -10.03 3.58 4.18
CA VAL A 66 -8.64 3.92 3.88
C VAL A 66 -8.19 5.14 4.67
N THR A 67 -6.91 5.16 5.02
CA THR A 67 -6.35 6.27 5.78
C THR A 67 -4.88 6.51 5.41
N GLU A 68 -4.41 7.72 5.65
CA GLU A 68 -3.02 8.07 5.35
C GLU A 68 -2.09 6.90 5.62
N VAL A 69 -2.34 6.19 6.72
CA VAL A 69 -1.53 5.04 7.09
C VAL A 69 -1.68 3.91 6.07
N ARG A 70 -2.91 3.51 5.82
CA ARG A 70 -3.19 2.44 4.87
C ARG A 70 -2.34 2.59 3.62
N VAL A 71 -2.36 3.77 3.03
CA VAL A 71 -1.58 4.04 1.82
C VAL A 71 -0.09 3.97 2.11
N TYR A 72 0.33 4.53 3.24
CA TYR A 72 1.73 4.54 3.63
C TYR A 72 2.29 3.12 3.64
N ASN A 73 1.56 2.21 4.26
CA ASN A 73 1.98 0.81 4.35
C ASN A 73 2.05 0.17 2.97
N TRP A 74 1.01 0.37 2.17
CA TRP A 74 0.95 -0.18 0.82
C TRP A 74 2.17 0.25 0.01
N PHE A 75 2.53 1.52 0.13
CA PHE A 75 3.68 2.06 -0.59
C PHE A 75 4.99 1.51 -0.02
N ALA A 76 5.04 1.38 1.30
CA ALA A 76 6.23 0.86 1.96
C ALA A 76 6.66 -0.47 1.37
N ASN A 77 5.70 -1.38 1.21
CA ASN A 77 5.98 -2.70 0.65
C ASN A 77 6.44 -2.59 -0.80
N ARG A 78 5.80 -1.69 -1.55
CA ARG A 78 6.14 -1.49 -2.95
C ARG A 78 7.59 -1.02 -3.11
N ARG A 79 8.11 -0.38 -2.06
CA ARG A 79 9.48 0.11 -2.07
C ARG A 79 10.42 -0.87 -1.38
N LYS A 80 9.88 -1.64 -0.45
CA LYS A 80 10.67 -2.62 0.28
C LYS A 80 10.96 -3.85 -0.57
N GLU A 81 10.10 -4.11 -1.55
CA GLU A 81 10.28 -5.24 -2.44
C GLU A 81 11.35 -4.95 -3.49
N GLU A 82 11.25 -3.79 -4.11
CA GLU A 82 12.22 -3.40 -5.14
C GLU A 82 13.64 -3.39 -4.57
N ALA A 83 13.77 -2.93 -3.33
CA ALA A 83 15.07 -2.88 -2.68
C ALA A 83 15.49 -4.25 -2.16
N PHE A 84 14.50 -5.12 -1.93
CA PHE A 84 14.76 -6.46 -1.43
C PHE A 84 15.96 -7.08 -2.16
N ARG A 85 15.80 -7.35 -3.45
CA ARG A 85 16.85 -7.94 -4.25
C ARG A 85 18.21 -7.37 -3.86
N GLN A 86 18.22 -6.12 -3.40
CA GLN A 86 19.45 -5.45 -3.00
C GLN A 86 19.75 -5.72 -1.53
N LYS A 87 18.72 -5.75 -0.72
CA LYS A 87 18.88 -6.00 0.72
C LYS A 87 19.46 -7.39 0.97
N LEU A 88 18.96 -8.37 0.24
CA LEU A 88 19.44 -9.75 0.38
C LEU A 88 20.88 -9.88 -0.10
N ALA A 89 21.41 -8.80 -0.64
CA ALA A 89 22.79 -8.78 -1.13
C ALA A 89 23.73 -8.17 -0.10
N MET A 90 23.41 -6.97 0.35
CA MET A 90 24.23 -6.28 1.34
C MET A 90 24.39 -7.12 2.61
N ASP A 91 23.31 -7.78 3.00
CA ASP A 91 23.33 -8.63 4.19
C ASP A 91 24.45 -9.66 4.11
N ALA A 92 24.55 -10.50 5.13
CA ALA A 92 25.59 -11.53 5.18
C ALA A 92 25.65 -12.30 3.86
N TYR A 93 26.69 -13.11 3.71
CA TYR A 93 26.86 -13.90 2.49
C TYR A 93 26.57 -13.06 1.25
N SER A 94 27.09 -11.84 1.24
CA SER A 94 26.88 -10.94 0.11
C SER A 94 27.50 -11.50 -1.17
N SER A 95 27.12 -10.93 -2.30
CA SER A 95 27.62 -11.39 -3.59
C SER A 95 29.14 -11.21 -3.67
N ASN A 96 29.61 -10.05 -3.24
CA ASN A 96 31.04 -9.74 -3.26
C ASN A 96 31.74 -10.35 -2.05
N SER A 97 32.90 -10.95 -2.28
CA SER A 97 33.67 -11.56 -1.21
C SER A 97 35.16 -11.56 -1.53
N GLY A 98 35.99 -11.90 -0.55
CA GLY A 98 37.42 -11.94 -0.74
C GLY A 98 37.90 -13.27 -1.26
N PRO A 99 39.22 -13.49 -1.21
CA PRO A 99 39.84 -14.73 -1.68
C PRO A 99 39.52 -15.91 -0.77
N SER A 100 39.13 -15.61 0.47
CA SER A 100 38.80 -16.66 1.43
C SER A 100 37.37 -17.16 1.22
N SER A 101 37.06 -18.31 1.81
CA SER A 101 35.73 -18.90 1.68
C SER A 101 34.66 -17.94 2.19
N GLY A 102 33.40 -18.29 1.95
CA GLY A 102 32.29 -17.45 2.38
C GLY A 102 32.02 -17.58 3.86
N GLY A 1 10.48 -23.62 -1.24
CA GLY A 1 10.59 -22.78 -0.07
C GLY A 1 10.12 -21.37 -0.32
N SER A 2 8.84 -21.11 -0.03
CA SER A 2 8.26 -19.79 -0.23
C SER A 2 7.09 -19.56 0.71
N SER A 3 7.06 -18.38 1.32
CA SER A 3 6.00 -18.03 2.26
C SER A 3 5.34 -16.71 1.87
N GLY A 4 4.02 -16.72 1.81
CA GLY A 4 3.28 -15.53 1.45
C GLY A 4 2.36 -15.04 2.55
N SER A 5 1.11 -14.76 2.21
CA SER A 5 0.14 -14.29 3.18
C SER A 5 -1.02 -15.28 3.32
N SER A 6 -1.00 -16.05 4.40
CA SER A 6 -2.04 -17.04 4.65
C SER A 6 -3.00 -16.55 5.73
N GLY A 7 -4.13 -16.01 5.30
CA GLY A 7 -5.12 -15.51 6.25
C GLY A 7 -4.89 -14.07 6.63
N ARG A 8 -5.61 -13.16 5.97
CA ARG A 8 -5.47 -11.73 6.25
C ARG A 8 -6.58 -11.25 7.19
N ASN A 9 -6.23 -11.08 8.46
CA ASN A 9 -7.19 -10.63 9.46
C ASN A 9 -7.10 -9.12 9.65
N ARG A 10 -6.92 -8.39 8.56
CA ARG A 10 -6.81 -6.94 8.60
C ARG A 10 -7.39 -6.30 7.35
N PHE A 11 -7.50 -4.98 7.35
CA PHE A 11 -8.03 -4.25 6.20
C PHE A 11 -7.49 -4.82 4.90
N LYS A 12 -8.32 -4.79 3.86
CA LYS A 12 -7.93 -5.30 2.56
C LYS A 12 -8.32 -4.33 1.45
N TRP A 13 -7.41 -4.10 0.51
CA TRP A 13 -7.66 -3.19 -0.60
C TRP A 13 -8.70 -3.77 -1.55
N GLY A 14 -9.19 -2.94 -2.46
CA GLY A 14 -10.19 -3.39 -3.41
C GLY A 14 -9.68 -3.34 -4.85
N PRO A 15 -10.58 -3.60 -5.81
CA PRO A 15 -10.24 -3.59 -7.23
C PRO A 15 -9.94 -2.18 -7.75
N ALA A 16 -10.77 -1.22 -7.35
CA ALA A 16 -10.59 0.17 -7.76
C ALA A 16 -9.52 0.86 -6.92
N SER A 17 -9.62 0.72 -5.61
CA SER A 17 -8.68 1.33 -4.69
C SER A 17 -7.25 1.01 -5.10
N GLN A 18 -6.91 -0.28 -5.09
CA GLN A 18 -5.57 -0.72 -5.45
C GLN A 18 -5.08 0.01 -6.70
N GLN A 19 -5.81 -0.14 -7.79
CA GLN A 19 -5.45 0.51 -9.04
C GLN A 19 -5.06 1.97 -8.82
N ILE A 20 -5.88 2.68 -8.04
CA ILE A 20 -5.63 4.08 -7.74
C ILE A 20 -4.24 4.27 -7.15
N LEU A 21 -3.86 3.37 -6.24
CA LEU A 21 -2.56 3.44 -5.59
C LEU A 21 -1.44 3.35 -6.62
N TYR A 22 -1.59 2.46 -7.59
CA TYR A 22 -0.60 2.27 -8.64
C TYR A 22 -0.44 3.53 -9.47
N GLN A 23 -1.57 4.09 -9.91
CA GLN A 23 -1.57 5.30 -10.72
C GLN A 23 -0.78 6.41 -10.03
N ALA A 24 -0.86 6.45 -8.70
CA ALA A 24 -0.16 7.47 -7.92
C ALA A 24 1.31 7.10 -7.75
N TYR A 25 1.56 5.85 -7.36
CA TYR A 25 2.92 5.39 -7.15
C TYR A 25 3.75 5.50 -8.44
N ASP A 26 3.08 5.33 -9.58
CA ASP A 26 3.75 5.43 -10.87
C ASP A 26 4.30 6.83 -11.10
N ARG A 27 3.63 7.82 -10.53
CA ARG A 27 4.05 9.22 -10.67
C ARG A 27 5.13 9.56 -9.65
N GLN A 28 4.88 9.23 -8.39
CA GLN A 28 5.84 9.51 -7.33
C GLN A 28 5.94 8.32 -6.37
N LYS A 29 7.18 7.98 -6.01
CA LYS A 29 7.43 6.86 -5.10
C LYS A 29 7.11 7.25 -3.65
N ASN A 30 7.47 8.48 -3.29
CA ASN A 30 7.22 8.97 -1.94
C ASN A 30 6.13 10.04 -1.95
N PRO A 31 4.86 9.60 -1.86
CA PRO A 31 3.71 10.50 -1.86
C PRO A 31 3.61 11.31 -0.57
N SER A 32 3.44 12.63 -0.71
CA SER A 32 3.34 13.52 0.44
C SER A 32 1.90 13.59 0.94
N LYS A 33 1.71 14.25 2.08
CA LYS A 33 0.37 14.40 2.66
C LYS A 33 -0.67 14.63 1.58
N GLU A 34 -0.38 15.53 0.65
CA GLU A 34 -1.29 15.84 -0.43
C GLU A 34 -1.42 14.65 -1.39
N GLU A 35 -0.27 14.09 -1.77
CA GLU A 35 -0.25 12.96 -2.69
C GLU A 35 -1.01 11.77 -2.10
N ARG A 36 -0.52 11.27 -0.97
CA ARG A 36 -1.15 10.13 -0.30
C ARG A 36 -2.63 10.40 -0.05
N GLU A 37 -2.93 11.58 0.46
CA GLU A 37 -4.31 11.96 0.75
C GLU A 37 -5.20 11.74 -0.46
N ALA A 38 -4.76 12.21 -1.63
CA ALA A 38 -5.51 12.06 -2.86
C ALA A 38 -5.90 10.61 -3.09
N LEU A 39 -5.22 9.69 -2.39
CA LEU A 39 -5.49 8.27 -2.51
C LEU A 39 -6.45 7.80 -1.42
N VAL A 40 -6.40 8.47 -0.27
CA VAL A 40 -7.26 8.12 0.85
C VAL A 40 -8.72 8.45 0.54
N GLU A 41 -8.94 9.58 -0.12
CA GLU A 41 -10.29 10.02 -0.47
C GLU A 41 -10.74 9.36 -1.78
N GLU A 42 -9.85 9.31 -2.76
CA GLU A 42 -10.16 8.71 -4.04
C GLU A 42 -10.54 7.24 -3.88
N CYS A 43 -9.75 6.51 -3.11
CA CYS A 43 -9.99 5.10 -2.86
C CYS A 43 -11.34 4.89 -2.18
N ASN A 44 -11.45 5.37 -0.94
CA ASN A 44 -12.68 5.22 -0.17
C ASN A 44 -13.89 5.59 -1.02
N ARG A 45 -13.72 6.55 -1.91
CA ARG A 45 -14.80 6.99 -2.79
C ARG A 45 -15.17 5.89 -3.78
N ALA A 46 -14.20 5.50 -4.60
CA ALA A 46 -14.43 4.46 -5.60
C ALA A 46 -14.97 3.19 -4.96
N GLU A 47 -14.37 2.80 -3.83
CA GLU A 47 -14.79 1.59 -3.13
C GLU A 47 -16.30 1.61 -2.89
N CYS A 48 -16.82 2.75 -2.45
CA CYS A 48 -18.25 2.89 -2.19
C CYS A 48 -19.05 2.75 -3.47
N LEU A 49 -18.55 3.33 -4.55
CA LEU A 49 -19.22 3.27 -5.85
C LEU A 49 -19.33 1.84 -6.34
N GLN A 50 -18.21 1.13 -6.32
CA GLN A 50 -18.17 -0.26 -6.76
C GLN A 50 -19.04 -1.14 -5.86
N ARG A 51 -18.92 -0.94 -4.55
CA ARG A 51 -19.69 -1.72 -3.59
C ARG A 51 -21.13 -1.23 -3.53
N GLY A 52 -21.48 -0.32 -4.44
CA GLY A 52 -22.83 0.22 -4.47
C GLY A 52 -23.04 1.30 -3.42
N VAL A 53 -22.17 1.35 -2.42
CA VAL A 53 -22.27 2.33 -1.36
C VAL A 53 -22.04 3.74 -1.89
N SER A 54 -22.22 4.74 -1.03
CA SER A 54 -22.04 6.13 -1.43
C SER A 54 -20.65 6.63 -1.02
N PRO A 55 -20.04 7.45 -1.88
CA PRO A 55 -18.71 8.01 -1.62
C PRO A 55 -18.72 9.05 -0.51
N SER A 56 -19.92 9.36 -0.02
CA SER A 56 -20.07 10.35 1.06
C SER A 56 -20.26 9.65 2.40
N LYS A 57 -20.45 8.33 2.36
CA LYS A 57 -20.65 7.55 3.57
C LYS A 57 -19.52 6.55 3.76
N ALA A 58 -18.33 6.89 3.26
CA ALA A 58 -17.17 6.02 3.38
C ALA A 58 -16.90 5.65 4.82
N HIS A 59 -17.21 6.58 5.73
CA HIS A 59 -16.99 6.35 7.16
C HIS A 59 -17.53 4.98 7.57
N GLY A 60 -18.43 4.43 6.77
CA GLY A 60 -18.99 3.13 7.08
C GLY A 60 -18.06 1.99 6.74
N LEU A 61 -17.27 2.17 5.67
CA LEU A 61 -16.33 1.14 5.24
C LEU A 61 -15.72 0.43 6.44
N GLY A 62 -15.54 1.16 7.53
CA GLY A 62 -14.97 0.57 8.74
C GLY A 62 -13.63 -0.09 8.47
N SER A 63 -13.61 -1.42 8.57
CA SER A 63 -12.38 -2.19 8.34
C SER A 63 -11.89 -2.01 6.91
N ASN A 64 -12.80 -1.65 6.02
CA ASN A 64 -12.47 -1.45 4.61
C ASN A 64 -12.20 0.03 4.32
N LEU A 65 -12.14 0.83 5.38
CA LEU A 65 -11.89 2.26 5.24
C LEU A 65 -10.41 2.55 5.01
N VAL A 66 -10.12 3.50 4.13
CA VAL A 66 -8.74 3.87 3.82
C VAL A 66 -8.30 5.08 4.63
N THR A 67 -7.04 5.07 5.06
CA THR A 67 -6.49 6.17 5.84
C THR A 67 -5.02 6.41 5.50
N GLU A 68 -4.57 7.64 5.72
CA GLU A 68 -3.19 8.01 5.43
C GLU A 68 -2.25 6.82 5.69
N VAL A 69 -2.51 6.09 6.77
CA VAL A 69 -1.69 4.94 7.13
C VAL A 69 -1.78 3.86 6.07
N ARG A 70 -3.00 3.41 5.77
CA ARG A 70 -3.22 2.38 4.78
C ARG A 70 -2.32 2.60 3.56
N VAL A 71 -2.38 3.80 2.99
CA VAL A 71 -1.57 4.14 1.83
C VAL A 71 -0.08 4.14 2.17
N TYR A 72 0.25 4.70 3.33
CA TYR A 72 1.64 4.76 3.76
C TYR A 72 2.27 3.37 3.78
N ASN A 73 1.52 2.40 4.29
CA ASN A 73 2.01 1.02 4.37
C ASN A 73 2.14 0.42 2.97
N TRP A 74 1.06 0.46 2.20
CA TRP A 74 1.05 -0.09 0.85
C TRP A 74 2.28 0.37 0.07
N PHE A 75 2.58 1.67 0.16
CA PHE A 75 3.72 2.23 -0.54
C PHE A 75 5.03 1.70 0.05
N ALA A 76 5.05 1.50 1.36
CA ALA A 76 6.24 0.99 2.04
C ALA A 76 6.59 -0.40 1.55
N ASN A 77 5.58 -1.24 1.38
CA ASN A 77 5.78 -2.60 0.91
C ASN A 77 6.22 -2.63 -0.55
N ARG A 78 5.79 -1.62 -1.31
CA ARG A 78 6.14 -1.52 -2.72
C ARG A 78 7.61 -1.17 -2.89
N ARG A 79 8.17 -0.45 -1.93
CA ARG A 79 9.57 -0.05 -1.98
C ARG A 79 10.45 -1.10 -1.31
N LYS A 80 9.88 -1.83 -0.37
CA LYS A 80 10.62 -2.88 0.34
C LYS A 80 10.78 -4.12 -0.53
N GLU A 81 9.83 -4.33 -1.43
CA GLU A 81 9.86 -5.49 -2.31
C GLU A 81 10.85 -5.26 -3.46
N GLU A 82 10.76 -4.09 -4.08
CA GLU A 82 11.64 -3.74 -5.20
C GLU A 82 13.10 -3.78 -4.76
N ALA A 83 13.36 -3.36 -3.53
CA ALA A 83 14.72 -3.34 -3.00
C ALA A 83 15.10 -4.71 -2.44
N PHE A 84 14.11 -5.56 -2.23
CA PHE A 84 14.34 -6.90 -1.69
C PHE A 84 15.33 -7.66 -2.56
N ARG A 85 14.95 -7.95 -3.80
CA ARG A 85 15.81 -8.68 -4.72
C ARG A 85 17.24 -8.18 -4.62
N GLN A 86 17.40 -6.94 -4.18
CA GLN A 86 18.74 -6.35 -4.05
C GLN A 86 19.29 -6.56 -2.64
N LYS A 87 18.41 -6.49 -1.65
CA LYS A 87 18.80 -6.67 -0.26
C LYS A 87 19.32 -8.10 -0.03
N LEU A 88 18.69 -9.06 -0.68
CA LEU A 88 19.07 -10.46 -0.55
C LEU A 88 20.35 -10.74 -1.33
N ALA A 89 20.84 -9.74 -2.04
CA ALA A 89 22.06 -9.88 -2.82
C ALA A 89 23.26 -9.28 -2.09
N MET A 90 23.00 -8.29 -1.24
CA MET A 90 24.06 -7.64 -0.48
C MET A 90 24.25 -8.31 0.87
N ASP A 91 23.43 -9.32 1.15
CA ASP A 91 23.51 -10.05 2.41
C ASP A 91 24.93 -10.47 2.70
N ALA A 92 25.14 -11.05 3.88
CA ALA A 92 26.47 -11.51 4.28
C ALA A 92 27.02 -12.54 3.30
N TYR A 93 26.12 -13.38 2.77
CA TYR A 93 26.51 -14.42 1.84
C TYR A 93 26.69 -13.84 0.43
N SER A 94 27.94 -13.74 -0.01
CA SER A 94 28.24 -13.21 -1.33
C SER A 94 27.49 -13.97 -2.42
N SER A 95 26.50 -13.33 -3.01
CA SER A 95 25.70 -13.96 -4.07
C SER A 95 26.23 -13.57 -5.44
N ASN A 96 25.86 -14.36 -6.46
CA ASN A 96 26.29 -14.09 -7.82
C ASN A 96 25.18 -13.41 -8.61
N SER A 97 25.58 -12.45 -9.46
CA SER A 97 24.62 -11.72 -10.27
C SER A 97 24.88 -11.96 -11.76
N GLY A 98 23.79 -12.04 -12.53
CA GLY A 98 23.92 -12.27 -13.96
C GLY A 98 24.64 -13.56 -14.28
N PRO A 99 24.69 -13.91 -15.57
CA PRO A 99 25.34 -15.13 -16.03
C PRO A 99 26.87 -15.06 -15.90
N SER A 100 27.44 -13.95 -16.34
CA SER A 100 28.88 -13.76 -16.26
C SER A 100 29.30 -13.31 -14.87
N SER A 101 30.52 -13.67 -14.47
CA SER A 101 31.04 -13.32 -13.16
C SER A 101 32.49 -12.87 -13.25
N GLY A 102 32.90 -11.99 -12.35
CA GLY A 102 34.26 -11.49 -12.35
C GLY A 102 34.83 -11.35 -10.95
N GLY A 1 10.12 6.19 17.31
CA GLY A 1 8.93 6.51 18.08
C GLY A 1 7.78 6.97 17.21
N SER A 2 7.10 6.00 16.58
CA SER A 2 5.97 6.31 15.72
C SER A 2 4.81 6.88 16.51
N SER A 3 3.79 7.37 15.81
CA SER A 3 2.61 7.95 16.46
C SER A 3 1.49 6.93 16.54
N GLY A 4 1.53 6.09 17.56
CA GLY A 4 0.50 5.07 17.74
C GLY A 4 0.44 4.11 16.58
N SER A 5 1.33 3.12 16.58
CA SER A 5 1.37 2.13 15.51
C SER A 5 0.78 0.80 15.97
N SER A 6 -0.53 0.65 15.84
CA SER A 6 -1.22 -0.56 16.26
C SER A 6 -2.24 -0.98 15.22
N GLY A 7 -2.45 -2.29 15.09
CA GLY A 7 -3.41 -2.80 14.13
C GLY A 7 -4.66 -3.35 14.80
N ARG A 8 -5.77 -3.34 14.07
CA ARG A 8 -7.03 -3.83 14.59
C ARG A 8 -7.53 -5.03 13.79
N ASN A 9 -7.55 -4.88 12.47
CA ASN A 9 -8.00 -5.96 11.58
C ASN A 9 -7.38 -5.82 10.20
N ARG A 10 -6.72 -6.88 9.74
CA ARG A 10 -6.07 -6.86 8.44
C ARG A 10 -6.99 -6.23 7.38
N PHE A 11 -6.52 -5.13 6.80
CA PHE A 11 -7.30 -4.42 5.78
C PHE A 11 -6.88 -4.86 4.39
N LYS A 12 -7.86 -5.26 3.57
CA LYS A 12 -7.58 -5.69 2.22
C LYS A 12 -8.07 -4.66 1.20
N TRP A 13 -7.20 -4.28 0.28
CA TRP A 13 -7.55 -3.29 -0.75
C TRP A 13 -8.56 -3.86 -1.72
N GLY A 14 -9.26 -2.97 -2.43
CA GLY A 14 -10.26 -3.41 -3.38
C GLY A 14 -9.75 -3.38 -4.82
N PRO A 15 -10.65 -3.64 -5.77
CA PRO A 15 -10.30 -3.64 -7.20
C PRO A 15 -10.00 -2.23 -7.73
N ALA A 16 -10.88 -1.30 -7.42
CA ALA A 16 -10.70 0.08 -7.86
C ALA A 16 -9.67 0.81 -7.01
N SER A 17 -9.75 0.62 -5.70
CA SER A 17 -8.82 1.26 -4.77
C SER A 17 -7.38 0.95 -5.16
N GLN A 18 -7.04 -0.34 -5.17
CA GLN A 18 -5.68 -0.76 -5.53
C GLN A 18 -5.19 -0.03 -6.77
N GLN A 19 -5.93 -0.16 -7.86
CA GLN A 19 -5.56 0.49 -9.12
C GLN A 19 -5.14 1.93 -8.87
N ILE A 20 -5.95 2.66 -8.10
CA ILE A 20 -5.65 4.05 -7.79
C ILE A 20 -4.26 4.21 -7.20
N LEU A 21 -3.90 3.29 -6.31
CA LEU A 21 -2.59 3.32 -5.67
C LEU A 21 -1.48 3.23 -6.70
N TYR A 22 -1.64 2.34 -7.67
CA TYR A 22 -0.65 2.14 -8.72
C TYR A 22 -0.48 3.42 -9.55
N GLN A 23 -1.61 4.00 -9.96
CA GLN A 23 -1.58 5.22 -10.76
C GLN A 23 -0.80 6.32 -10.05
N ALA A 24 -0.86 6.32 -8.72
CA ALA A 24 -0.15 7.32 -7.92
C ALA A 24 1.32 6.94 -7.74
N TYR A 25 1.55 5.67 -7.40
CA TYR A 25 2.91 5.18 -7.18
C TYR A 25 3.72 5.26 -8.48
N ASP A 26 3.04 5.16 -9.61
CA ASP A 26 3.69 5.22 -10.91
C ASP A 26 4.28 6.61 -11.15
N ARG A 27 3.62 7.62 -10.61
CA ARG A 27 4.08 9.00 -10.78
C ARG A 27 5.11 9.36 -9.71
N GLN A 28 4.79 9.06 -8.46
CA GLN A 28 5.70 9.35 -7.35
C GLN A 28 5.86 8.14 -6.45
N LYS A 29 7.10 7.84 -6.07
CA LYS A 29 7.39 6.71 -5.19
C LYS A 29 7.16 7.07 -3.74
N ASN A 30 7.49 8.30 -3.38
CA ASN A 30 7.33 8.78 -2.00
C ASN A 30 6.21 9.82 -1.93
N PRO A 31 4.96 9.34 -1.83
CA PRO A 31 3.79 10.20 -1.73
C PRO A 31 3.71 10.95 -0.40
N SER A 32 3.52 12.25 -0.46
CA SER A 32 3.43 13.08 0.74
C SER A 32 1.99 13.26 1.16
N LYS A 33 1.78 13.94 2.29
CA LYS A 33 0.45 14.19 2.81
C LYS A 33 -0.53 14.51 1.67
N GLU A 34 -0.04 15.21 0.67
CA GLU A 34 -0.86 15.58 -0.48
C GLU A 34 -1.13 14.37 -1.37
N GLU A 35 -0.07 13.76 -1.87
CA GLU A 35 -0.19 12.59 -2.73
C GLU A 35 -0.98 11.48 -2.03
N ARG A 36 -0.44 10.98 -0.93
CA ARG A 36 -1.10 9.92 -0.16
C ARG A 36 -2.58 10.22 0.03
N GLU A 37 -2.87 11.41 0.57
CA GLU A 37 -4.25 11.81 0.80
C GLU A 37 -5.11 11.58 -0.43
N ALA A 38 -4.66 12.10 -1.57
CA ALA A 38 -5.38 11.95 -2.83
C ALA A 38 -5.80 10.50 -3.04
N LEU A 39 -5.12 9.58 -2.37
CA LEU A 39 -5.42 8.16 -2.49
C LEU A 39 -6.37 7.71 -1.39
N VAL A 40 -6.33 8.41 -0.26
CA VAL A 40 -7.19 8.09 0.87
C VAL A 40 -8.64 8.44 0.58
N GLU A 41 -8.85 9.58 -0.06
CA GLU A 41 -10.20 10.03 -0.41
C GLU A 41 -10.69 9.36 -1.68
N GLU A 42 -9.80 9.28 -2.68
CA GLU A 42 -10.14 8.67 -3.96
C GLU A 42 -10.57 7.22 -3.76
N CYS A 43 -9.78 6.48 -2.98
CA CYS A 43 -10.08 5.08 -2.71
C CYS A 43 -11.45 4.92 -2.03
N ASN A 44 -11.54 5.37 -0.79
CA ASN A 44 -12.77 5.28 -0.03
C ASN A 44 -13.98 5.66 -0.90
N ARG A 45 -13.77 6.62 -1.79
CA ARG A 45 -14.82 7.08 -2.68
C ARG A 45 -15.19 6.01 -3.71
N ALA A 46 -14.19 5.59 -4.49
CA ALA A 46 -14.40 4.56 -5.50
C ALA A 46 -14.99 3.29 -4.89
N GLU A 47 -14.41 2.86 -3.77
CA GLU A 47 -14.87 1.67 -3.09
C GLU A 47 -16.38 1.71 -2.88
N CYS A 48 -16.90 2.87 -2.53
CA CYS A 48 -18.33 3.04 -2.30
C CYS A 48 -19.11 2.91 -3.61
N LEU A 49 -18.59 3.55 -4.66
CA LEU A 49 -19.24 3.50 -5.96
C LEU A 49 -19.33 2.07 -6.48
N GLN A 50 -18.17 1.41 -6.59
CA GLN A 50 -18.12 0.03 -7.07
C GLN A 50 -19.00 -0.88 -6.22
N ARG A 51 -19.00 -0.65 -4.91
CA ARG A 51 -19.80 -1.45 -4.00
C ARG A 51 -21.23 -0.94 -3.94
N GLY A 52 -21.55 0.03 -4.81
CA GLY A 52 -22.88 0.58 -4.84
C GLY A 52 -23.09 1.65 -3.79
N VAL A 53 -22.31 1.59 -2.72
CA VAL A 53 -22.41 2.56 -1.63
C VAL A 53 -22.14 3.97 -2.12
N SER A 54 -22.34 4.95 -1.24
CA SER A 54 -22.12 6.34 -1.59
C SER A 54 -20.73 6.80 -1.18
N PRO A 55 -20.10 7.62 -2.03
CA PRO A 55 -18.75 8.15 -1.78
C PRO A 55 -18.73 9.15 -0.63
N SER A 56 -19.91 9.56 -0.19
CA SER A 56 -20.02 10.53 0.91
C SER A 56 -20.21 9.81 2.24
N LYS A 57 -20.53 8.52 2.18
CA LYS A 57 -20.73 7.72 3.38
C LYS A 57 -19.66 6.65 3.51
N ALA A 58 -18.40 7.04 3.30
CA ALA A 58 -17.29 6.11 3.39
C ALA A 58 -16.94 5.83 4.85
N HIS A 59 -17.46 6.65 5.75
CA HIS A 59 -17.20 6.49 7.18
C HIS A 59 -17.79 5.17 7.69
N GLY A 60 -18.57 4.51 6.85
CA GLY A 60 -19.18 3.26 7.23
C GLY A 60 -18.33 2.06 6.87
N LEU A 61 -17.49 2.22 5.86
CA LEU A 61 -16.61 1.13 5.41
C LEU A 61 -16.06 0.35 6.60
N GLY A 62 -15.53 1.08 7.58
CA GLY A 62 -14.98 0.43 8.76
C GLY A 62 -13.62 -0.19 8.50
N SER A 63 -13.58 -1.51 8.46
CA SER A 63 -12.34 -2.23 8.23
C SER A 63 -11.83 -1.99 6.81
N ASN A 64 -12.75 -1.66 5.92
CA ASN A 64 -12.40 -1.41 4.52
C ASN A 64 -12.09 0.07 4.30
N LEU A 65 -12.08 0.83 5.38
CA LEU A 65 -11.81 2.27 5.31
C LEU A 65 -10.32 2.52 5.06
N VAL A 66 -10.03 3.54 4.28
CA VAL A 66 -8.64 3.90 3.97
C VAL A 66 -8.18 5.10 4.79
N THR A 67 -6.89 5.16 5.07
CA THR A 67 -6.33 6.25 5.85
C THR A 67 -4.86 6.49 5.49
N GLU A 68 -4.38 7.71 5.74
CA GLU A 68 -3.00 8.06 5.43
C GLU A 68 -2.07 6.88 5.70
N VAL A 69 -2.31 6.17 6.79
CA VAL A 69 -1.50 5.02 7.16
C VAL A 69 -1.64 3.90 6.14
N ARG A 70 -2.88 3.52 5.86
CA ARG A 70 -3.15 2.45 4.90
C ARG A 70 -2.30 2.63 3.65
N VAL A 71 -2.32 3.83 3.09
CA VAL A 71 -1.55 4.12 1.89
C VAL A 71 -0.05 4.09 2.17
N TYR A 72 0.33 4.54 3.36
CA TYR A 72 1.74 4.57 3.76
C TYR A 72 2.32 3.16 3.78
N ASN A 73 1.51 2.19 4.22
CA ASN A 73 1.94 0.80 4.29
C ASN A 73 2.03 0.18 2.90
N TRP A 74 0.97 0.37 2.11
CA TRP A 74 0.92 -0.17 0.75
C TRP A 74 2.12 0.32 -0.06
N PHE A 75 2.47 1.58 0.11
CA PHE A 75 3.59 2.17 -0.61
C PHE A 75 4.92 1.66 -0.06
N ALA A 76 4.99 1.49 1.26
CA ALA A 76 6.20 1.01 1.90
C ALA A 76 6.58 -0.37 1.41
N ASN A 77 5.59 -1.26 1.30
CA ASN A 77 5.82 -2.62 0.84
C ASN A 77 6.23 -2.63 -0.63
N ARG A 78 5.66 -1.71 -1.40
CA ARG A 78 5.96 -1.61 -2.83
C ARG A 78 7.39 -1.11 -3.04
N ARG A 79 7.91 -0.37 -2.06
CA ARG A 79 9.25 0.17 -2.14
C ARG A 79 10.26 -0.76 -1.44
N LYS A 80 9.76 -1.52 -0.48
CA LYS A 80 10.61 -2.44 0.27
C LYS A 80 10.90 -3.71 -0.54
N GLU A 81 9.94 -4.09 -1.39
CA GLU A 81 10.10 -5.27 -2.22
C GLU A 81 11.11 -5.03 -3.34
N GLU A 82 10.97 -3.89 -4.02
CA GLU A 82 11.88 -3.54 -5.11
C GLU A 82 13.31 -3.46 -4.61
N ALA A 83 13.50 -2.94 -3.40
CA ALA A 83 14.83 -2.81 -2.82
C ALA A 83 15.28 -4.12 -2.20
N PHE A 84 14.34 -5.04 -2.00
CA PHE A 84 14.64 -6.34 -1.40
C PHE A 84 15.70 -7.07 -2.24
N ARG A 85 15.35 -7.40 -3.47
CA ARG A 85 16.26 -8.11 -4.36
C ARG A 85 17.66 -7.49 -4.31
N GLN A 86 17.72 -6.23 -3.88
CA GLN A 86 19.00 -5.53 -3.78
C GLN A 86 19.61 -5.68 -2.39
N LYS A 87 18.75 -5.61 -1.37
CA LYS A 87 19.19 -5.73 0.01
C LYS A 87 19.81 -7.11 0.26
N LEU A 88 19.19 -8.14 -0.31
CA LEU A 88 19.67 -9.51 -0.14
C LEU A 88 20.98 -9.72 -0.91
N ALA A 89 21.45 -8.66 -1.58
CA ALA A 89 22.68 -8.73 -2.34
C ALA A 89 23.82 -8.02 -1.62
N MET A 90 23.49 -6.95 -0.90
CA MET A 90 24.47 -6.18 -0.15
C MET A 90 25.00 -6.99 1.03
N ASP A 91 24.11 -7.71 1.70
CA ASP A 91 24.48 -8.52 2.84
C ASP A 91 25.84 -9.18 2.63
N ALA A 92 26.59 -9.35 3.72
CA ALA A 92 27.90 -9.97 3.65
C ALA A 92 27.80 -11.43 3.25
N TYR A 93 28.90 -11.98 2.74
CA TYR A 93 28.94 -13.37 2.31
C TYR A 93 27.67 -13.74 1.56
N SER A 94 27.34 -12.95 0.53
CA SER A 94 26.15 -13.20 -0.27
C SER A 94 26.53 -13.48 -1.72
N SER A 95 26.85 -14.73 -2.01
CA SER A 95 27.23 -15.14 -3.37
C SER A 95 28.30 -14.21 -3.92
N ASN A 96 29.25 -13.83 -3.06
CA ASN A 96 30.34 -12.95 -3.48
C ASN A 96 31.22 -13.62 -4.52
N SER A 97 32.05 -12.82 -5.19
CA SER A 97 32.94 -13.33 -6.21
C SER A 97 34.40 -13.16 -5.81
N GLY A 98 35.14 -14.26 -5.76
CA GLY A 98 36.54 -14.21 -5.38
C GLY A 98 37.26 -13.04 -6.01
N PRO A 99 38.33 -12.57 -5.35
CA PRO A 99 39.13 -11.44 -5.84
C PRO A 99 39.94 -11.81 -7.08
N SER A 100 39.94 -10.92 -8.07
CA SER A 100 40.66 -11.15 -9.31
C SER A 100 41.94 -10.31 -9.35
N SER A 101 43.01 -10.85 -8.79
CA SER A 101 44.29 -10.14 -8.76
C SER A 101 45.11 -10.46 -10.00
N GLY A 102 44.86 -9.70 -11.07
CA GLY A 102 45.59 -9.91 -12.31
C GLY A 102 46.66 -8.87 -12.53
N GLY A 1 -2.49 17.49 12.18
CA GLY A 1 -3.58 17.07 13.03
C GLY A 1 -3.77 15.57 13.04
N SER A 2 -4.77 15.10 13.78
CA SER A 2 -5.04 13.67 13.88
C SER A 2 -6.30 13.30 13.11
N SER A 3 -6.28 12.13 12.49
CA SER A 3 -7.43 11.66 11.71
C SER A 3 -8.12 10.49 12.41
N GLY A 4 -8.27 10.61 13.74
CA GLY A 4 -8.91 9.56 14.50
C GLY A 4 -8.31 8.20 14.24
N SER A 5 -9.03 7.15 14.63
CA SER A 5 -8.56 5.77 14.43
C SER A 5 -8.35 5.49 12.96
N SER A 6 -7.31 4.72 12.65
CA SER A 6 -6.99 4.36 11.27
C SER A 6 -7.30 2.90 11.00
N GLY A 7 -8.42 2.66 10.32
CA GLY A 7 -8.81 1.29 10.00
C GLY A 7 -8.45 0.31 11.10
N ARG A 8 -7.88 -0.83 10.70
CA ARG A 8 -7.48 -1.85 11.66
C ARG A 8 -6.15 -2.48 11.25
N ASN A 9 -5.57 -3.25 12.16
CA ASN A 9 -4.29 -3.92 11.90
C ASN A 9 -4.25 -4.48 10.49
N ARG A 10 -5.26 -5.29 10.15
CA ARG A 10 -5.33 -5.90 8.83
C ARG A 10 -6.34 -5.17 7.95
N PHE A 11 -6.08 -5.15 6.64
CA PHE A 11 -6.97 -4.48 5.70
C PHE A 11 -6.52 -4.75 4.26
N LYS A 12 -7.30 -5.54 3.54
CA LYS A 12 -6.99 -5.87 2.15
C LYS A 12 -7.63 -4.86 1.20
N TRP A 13 -6.80 -4.22 0.39
CA TRP A 13 -7.28 -3.24 -0.58
C TRP A 13 -8.31 -3.85 -1.52
N GLY A 14 -8.91 -3.02 -2.38
CA GLY A 14 -9.89 -3.50 -3.32
C GLY A 14 -9.39 -3.47 -4.75
N PRO A 15 -10.29 -3.75 -5.70
CA PRO A 15 -9.96 -3.76 -7.13
C PRO A 15 -9.68 -2.36 -7.66
N ALA A 16 -10.52 -1.40 -7.27
CA ALA A 16 -10.36 -0.02 -7.71
C ALA A 16 -9.32 0.71 -6.86
N SER A 17 -9.43 0.59 -5.54
CA SER A 17 -8.50 1.23 -4.63
C SER A 17 -7.06 0.95 -5.02
N GLN A 18 -6.68 -0.33 -4.97
CA GLN A 18 -5.33 -0.73 -5.32
C GLN A 18 -4.85 0.00 -6.57
N GLN A 19 -5.55 -0.21 -7.68
CA GLN A 19 -5.21 0.42 -8.94
C GLN A 19 -4.85 1.90 -8.73
N ILE A 20 -5.67 2.60 -7.96
CA ILE A 20 -5.44 4.01 -7.68
C ILE A 20 -4.07 4.23 -7.06
N LEU A 21 -3.70 3.35 -6.12
CA LEU A 21 -2.41 3.45 -5.46
C LEU A 21 -1.27 3.36 -6.45
N TYR A 22 -1.40 2.45 -7.41
CA TYR A 22 -0.37 2.26 -8.43
C TYR A 22 -0.22 3.51 -9.30
N GLN A 23 -1.35 4.04 -9.76
CA GLN A 23 -1.35 5.24 -10.59
C GLN A 23 -0.63 6.39 -9.89
N ALA A 24 -0.73 6.43 -8.56
CA ALA A 24 -0.09 7.48 -7.78
C ALA A 24 1.39 7.16 -7.57
N TYR A 25 1.68 5.97 -7.07
CA TYR A 25 3.05 5.56 -6.83
C TYR A 25 3.90 5.68 -8.09
N ASP A 26 3.28 5.38 -9.23
CA ASP A 26 3.97 5.45 -10.52
C ASP A 26 4.53 6.86 -10.75
N ARG A 27 3.82 7.86 -10.26
CA ARG A 27 4.23 9.24 -10.42
C ARG A 27 5.28 9.62 -9.38
N GLN A 28 5.02 9.29 -8.12
CA GLN A 28 5.94 9.60 -7.04
C GLN A 28 6.09 8.40 -6.10
N LYS A 29 7.31 8.18 -5.63
CA LYS A 29 7.59 7.07 -4.72
C LYS A 29 7.21 7.43 -3.28
N ASN A 30 7.47 8.68 -2.90
CA ASN A 30 7.17 9.15 -1.56
C ASN A 30 6.09 10.24 -1.61
N PRO A 31 4.82 9.82 -1.60
CA PRO A 31 3.68 10.74 -1.64
C PRO A 31 3.53 11.53 -0.35
N SER A 32 3.36 12.84 -0.48
CA SER A 32 3.21 13.70 0.69
C SER A 32 1.74 13.81 1.11
N LYS A 33 1.49 14.47 2.23
CA LYS A 33 0.13 14.64 2.74
C LYS A 33 -0.85 14.83 1.59
N GLU A 34 -0.48 15.67 0.63
CA GLU A 34 -1.34 15.94 -0.52
C GLU A 34 -1.51 14.69 -1.37
N GLU A 35 -0.41 14.18 -1.91
CA GLU A 35 -0.46 12.98 -2.74
C GLU A 35 -1.19 11.85 -2.04
N ARG A 36 -0.63 11.38 -0.94
CA ARG A 36 -1.24 10.30 -0.18
C ARG A 36 -2.73 10.55 0.03
N GLU A 37 -3.06 11.74 0.50
CA GLU A 37 -4.46 12.11 0.73
C GLU A 37 -5.31 11.80 -0.48
N ALA A 38 -4.85 12.26 -1.65
CA ALA A 38 -5.58 12.04 -2.89
C ALA A 38 -5.89 10.56 -3.09
N LEU A 39 -5.17 9.70 -2.37
CA LEU A 39 -5.38 8.26 -2.48
C LEU A 39 -6.34 7.78 -1.39
N VAL A 40 -6.37 8.49 -0.26
CA VAL A 40 -7.23 8.12 0.85
C VAL A 40 -8.70 8.38 0.50
N GLU A 41 -8.96 9.50 -0.17
CA GLU A 41 -10.32 9.85 -0.55
C GLU A 41 -10.71 9.15 -1.86
N GLU A 42 -9.81 9.15 -2.82
CA GLU A 42 -10.07 8.52 -4.11
C GLU A 42 -10.45 7.05 -3.92
N CYS A 43 -9.66 6.34 -3.12
CA CYS A 43 -9.92 4.93 -2.86
C CYS A 43 -11.28 4.73 -2.20
N ASN A 44 -11.40 5.19 -0.97
CA ASN A 44 -12.65 5.07 -0.22
C ASN A 44 -13.85 5.43 -1.10
N ARG A 45 -13.65 6.40 -1.99
CA ARG A 45 -14.71 6.84 -2.89
C ARG A 45 -15.08 5.74 -3.88
N ALA A 46 -14.10 5.31 -4.66
CA ALA A 46 -14.30 4.25 -5.66
C ALA A 46 -14.88 3.00 -5.00
N GLU A 47 -14.33 2.64 -3.85
CA GLU A 47 -14.78 1.45 -3.13
C GLU A 47 -16.30 1.48 -2.94
N CYS A 48 -16.81 2.65 -2.54
CA CYS A 48 -18.25 2.81 -2.32
C CYS A 48 -19.02 2.66 -3.62
N LEU A 49 -18.48 3.24 -4.70
CA LEU A 49 -19.13 3.18 -6.00
C LEU A 49 -19.25 1.74 -6.48
N GLN A 50 -18.12 1.06 -6.64
CA GLN A 50 -18.10 -0.33 -7.08
C GLN A 50 -18.98 -1.19 -6.18
N ARG A 51 -18.88 -0.97 -4.87
CA ARG A 51 -19.66 -1.73 -3.90
C ARG A 51 -21.10 -1.23 -3.85
N GLY A 52 -21.42 -0.27 -4.72
CA GLY A 52 -22.76 0.28 -4.76
C GLY A 52 -22.97 1.36 -3.72
N VAL A 53 -22.19 1.33 -2.65
CA VAL A 53 -22.29 2.31 -1.58
C VAL A 53 -22.04 3.72 -2.13
N SER A 54 -22.22 4.71 -1.26
CA SER A 54 -22.02 6.10 -1.65
C SER A 54 -20.64 6.59 -1.21
N PRO A 55 -20.00 7.39 -2.07
CA PRO A 55 -18.67 7.95 -1.80
C PRO A 55 -18.67 8.99 -0.69
N SER A 56 -19.87 9.24 -0.14
CA SER A 56 -20.01 10.21 0.94
C SER A 56 -20.15 9.52 2.29
N LYS A 57 -20.64 8.28 2.26
CA LYS A 57 -20.81 7.51 3.49
C LYS A 57 -19.69 6.50 3.66
N ALA A 58 -18.49 6.88 3.23
CA ALA A 58 -17.32 6.00 3.34
C ALA A 58 -17.09 5.59 4.78
N HIS A 59 -17.44 6.47 5.72
CA HIS A 59 -17.26 6.19 7.13
C HIS A 59 -17.70 4.77 7.47
N GLY A 60 -18.69 4.28 6.74
CA GLY A 60 -19.18 2.93 6.98
C GLY A 60 -18.14 1.87 6.70
N LEU A 61 -17.37 2.07 5.64
CA LEU A 61 -16.33 1.11 5.26
C LEU A 61 -15.69 0.49 6.50
N GLY A 62 -15.53 1.29 7.55
CA GLY A 62 -14.94 0.79 8.78
C GLY A 62 -13.63 0.06 8.55
N SER A 63 -13.66 -1.26 8.62
CA SER A 63 -12.48 -2.08 8.41
C SER A 63 -11.92 -1.88 7.00
N ASN A 64 -12.81 -1.59 6.06
CA ASN A 64 -12.41 -1.38 4.66
C ASN A 64 -12.18 0.10 4.38
N LEU A 65 -12.05 0.88 5.45
CA LEU A 65 -11.81 2.32 5.31
C LEU A 65 -10.33 2.62 5.12
N VAL A 66 -10.04 3.53 4.19
CA VAL A 66 -8.66 3.90 3.91
C VAL A 66 -8.26 5.15 4.69
N THR A 67 -6.97 5.28 4.99
CA THR A 67 -6.47 6.43 5.74
C THR A 67 -4.99 6.67 5.43
N GLU A 68 -4.53 7.88 5.69
CA GLU A 68 -3.14 8.25 5.44
C GLU A 68 -2.21 7.07 5.75
N VAL A 69 -2.47 6.40 6.87
CA VAL A 69 -1.65 5.26 7.28
C VAL A 69 -1.73 4.14 6.25
N ARG A 70 -2.94 3.68 5.98
CA ARG A 70 -3.14 2.60 5.01
C ARG A 70 -2.27 2.80 3.78
N VAL A 71 -2.36 3.99 3.19
CA VAL A 71 -1.58 4.32 2.00
C VAL A 71 -0.09 4.30 2.30
N TYR A 72 0.28 4.94 3.42
CA TYR A 72 1.68 5.02 3.82
C TYR A 72 2.31 3.62 3.87
N ASN A 73 1.60 2.69 4.49
CA ASN A 73 2.09 1.31 4.61
C ASN A 73 2.20 0.66 3.24
N TRP A 74 1.12 0.73 2.46
CA TRP A 74 1.09 0.14 1.13
C TRP A 74 2.30 0.58 0.31
N PHE A 75 2.58 1.88 0.36
CA PHE A 75 3.72 2.43 -0.38
C PHE A 75 5.03 1.86 0.13
N ALA A 76 5.16 1.77 1.44
CA ALA A 76 6.37 1.23 2.07
C ALA A 76 6.73 -0.13 1.48
N ASN A 77 5.74 -1.03 1.46
CA ASN A 77 5.95 -2.37 0.93
C ASN A 77 6.35 -2.32 -0.54
N ARG A 78 5.76 -1.38 -1.27
CA ARG A 78 6.07 -1.24 -2.70
C ARG A 78 7.56 -1.00 -2.91
N ARG A 79 8.20 -0.35 -1.95
CA ARG A 79 9.62 -0.07 -2.04
C ARG A 79 10.44 -1.26 -1.55
N LYS A 80 9.94 -1.95 -0.54
CA LYS A 80 10.63 -3.11 0.02
C LYS A 80 10.59 -4.29 -0.95
N GLU A 81 9.48 -4.42 -1.67
CA GLU A 81 9.33 -5.51 -2.63
C GLU A 81 10.24 -5.29 -3.84
N GLU A 82 10.16 -4.09 -4.42
CA GLU A 82 10.97 -3.76 -5.59
C GLU A 82 12.45 -3.99 -5.31
N ALA A 83 12.86 -3.75 -4.07
CA ALA A 83 14.25 -3.94 -3.66
C ALA A 83 14.51 -5.38 -3.22
N PHE A 84 13.42 -6.10 -2.94
CA PHE A 84 13.53 -7.49 -2.51
C PHE A 84 14.32 -8.32 -3.53
N ARG A 85 13.77 -8.44 -4.73
CA ARG A 85 14.42 -9.20 -5.80
C ARG A 85 15.91 -8.89 -5.85
N GLN A 86 16.28 -7.71 -5.38
CA GLN A 86 17.68 -7.30 -5.39
C GLN A 86 18.38 -7.75 -4.11
N LYS A 87 17.69 -7.61 -2.98
CA LYS A 87 18.26 -8.00 -1.69
C LYS A 87 18.59 -9.49 -1.68
N LEU A 88 17.72 -10.30 -2.25
CA LEU A 88 17.93 -11.74 -2.30
C LEU A 88 19.01 -12.10 -3.31
N ALA A 89 19.54 -11.08 -4.00
CA ALA A 89 20.59 -11.28 -4.98
C ALA A 89 21.95 -10.95 -4.41
N MET A 90 22.01 -9.91 -3.58
CA MET A 90 23.26 -9.48 -2.97
C MET A 90 23.88 -10.61 -2.15
N ASP A 91 23.02 -11.42 -1.53
CA ASP A 91 23.47 -12.55 -0.72
C ASP A 91 24.41 -13.44 -1.52
N ALA A 92 25.02 -14.41 -0.84
CA ALA A 92 25.93 -15.34 -1.48
C ALA A 92 25.48 -15.67 -2.90
N TYR A 93 26.44 -15.83 -3.81
CA TYR A 93 26.13 -16.14 -5.19
C TYR A 93 25.64 -17.58 -5.34
N SER A 94 24.97 -17.86 -6.44
CA SER A 94 24.44 -19.19 -6.70
C SER A 94 23.23 -19.47 -5.81
N SER A 95 22.39 -18.47 -5.62
CA SER A 95 21.21 -18.61 -4.78
C SER A 95 20.43 -19.87 -5.15
N ASN A 96 19.95 -19.92 -6.39
CA ASN A 96 19.19 -21.06 -6.87
C ASN A 96 19.91 -21.76 -8.02
N SER A 97 19.38 -22.90 -8.44
CA SER A 97 19.98 -23.66 -9.53
C SER A 97 19.91 -22.89 -10.84
N GLY A 98 18.70 -22.51 -11.24
CA GLY A 98 18.52 -21.77 -12.47
C GLY A 98 18.31 -22.67 -13.67
N PRO A 99 17.50 -22.21 -14.64
CA PRO A 99 17.20 -22.96 -15.86
C PRO A 99 18.40 -23.07 -16.79
N SER A 100 18.54 -24.20 -17.46
CA SER A 100 19.64 -24.43 -18.37
C SER A 100 19.14 -24.53 -19.81
N SER A 101 20.07 -24.59 -20.75
CA SER A 101 19.73 -24.69 -22.17
C SER A 101 20.10 -26.05 -22.72
N GLY A 102 19.40 -26.48 -23.76
CA GLY A 102 19.66 -27.76 -24.37
C GLY A 102 20.93 -27.76 -25.20
N GLY A 1 3.28 -17.14 -7.27
CA GLY A 1 3.29 -16.70 -8.64
C GLY A 1 3.71 -15.24 -8.78
N SER A 2 4.63 -14.98 -9.70
CA SER A 2 5.11 -13.62 -9.93
C SER A 2 3.97 -12.61 -9.84
N SER A 3 4.30 -11.36 -9.54
CA SER A 3 3.30 -10.30 -9.42
C SER A 3 2.18 -10.72 -8.47
N GLY A 4 2.56 -11.36 -7.37
CA GLY A 4 1.57 -11.80 -6.39
C GLY A 4 1.54 -10.92 -5.17
N SER A 5 0.54 -11.13 -4.32
CA SER A 5 0.38 -10.34 -3.10
C SER A 5 1.38 -10.79 -2.03
N SER A 6 1.64 -9.93 -1.07
CA SER A 6 2.56 -10.23 0.02
C SER A 6 1.85 -10.91 1.18
N GLY A 7 0.84 -10.23 1.71
CA GLY A 7 0.08 -10.78 2.82
C GLY A 7 -0.55 -9.70 3.69
N ARG A 8 -1.57 -9.04 3.16
CA ARG A 8 -2.26 -7.99 3.88
C ARG A 8 -2.80 -8.50 5.21
N ASN A 9 -2.77 -7.65 6.23
CA ASN A 9 -3.26 -8.02 7.55
C ASN A 9 -4.36 -7.06 8.02
N ARG A 10 -3.98 -5.80 8.22
CA ARG A 10 -4.93 -4.78 8.66
C ARG A 10 -6.18 -4.79 7.79
N PHE A 11 -5.98 -4.87 6.47
CA PHE A 11 -7.10 -4.88 5.54
C PHE A 11 -6.60 -5.11 4.11
N LYS A 12 -7.48 -5.62 3.26
CA LYS A 12 -7.13 -5.89 1.87
C LYS A 12 -7.82 -4.89 0.94
N TRP A 13 -7.02 -4.15 0.19
CA TRP A 13 -7.55 -3.16 -0.74
C TRP A 13 -8.55 -3.80 -1.72
N GLY A 14 -9.36 -2.97 -2.36
CA GLY A 14 -10.34 -3.48 -3.30
C GLY A 14 -9.80 -3.55 -4.71
N PRO A 15 -10.68 -3.88 -5.67
CA PRO A 15 -10.30 -3.99 -7.09
C PRO A 15 -9.99 -2.64 -7.71
N ALA A 16 -10.67 -1.60 -7.23
CA ALA A 16 -10.48 -0.24 -7.73
C ALA A 16 -9.39 0.48 -6.94
N SER A 17 -9.59 0.60 -5.64
CA SER A 17 -8.62 1.28 -4.78
C SER A 17 -7.19 0.97 -5.20
N GLN A 18 -6.83 -0.31 -5.18
CA GLN A 18 -5.49 -0.73 -5.56
C GLN A 18 -5.02 0.02 -6.80
N GLN A 19 -5.76 -0.12 -7.89
CA GLN A 19 -5.42 0.55 -9.14
C GLN A 19 -5.03 2.00 -8.88
N ILE A 20 -5.84 2.69 -8.10
CA ILE A 20 -5.59 4.09 -7.78
C ILE A 20 -4.21 4.28 -7.17
N LEU A 21 -3.82 3.35 -6.29
CA LEU A 21 -2.52 3.41 -5.64
C LEU A 21 -1.39 3.30 -6.67
N TYR A 22 -1.58 2.46 -7.67
CA TYR A 22 -0.59 2.27 -8.71
C TYR A 22 -0.43 3.54 -9.55
N GLN A 23 -1.56 4.11 -9.95
CA GLN A 23 -1.55 5.33 -10.77
C GLN A 23 -0.81 6.45 -10.05
N ALA A 24 -0.93 6.49 -8.73
CA ALA A 24 -0.28 7.51 -7.93
C ALA A 24 1.20 7.17 -7.69
N TYR A 25 1.45 5.90 -7.37
CA TYR A 25 2.82 5.44 -7.12
C TYR A 25 3.65 5.50 -8.39
N ASP A 26 3.01 5.30 -9.53
CA ASP A 26 3.69 5.32 -10.81
C ASP A 26 4.26 6.71 -11.10
N ARG A 27 3.61 7.73 -10.57
CA ARG A 27 4.04 9.11 -10.76
C ARG A 27 5.01 9.53 -9.66
N GLN A 28 4.66 9.20 -8.42
CA GLN A 28 5.50 9.56 -7.28
C GLN A 28 5.71 8.34 -6.38
N LYS A 29 6.98 8.00 -6.16
CA LYS A 29 7.33 6.87 -5.31
C LYS A 29 7.12 7.20 -3.83
N ASN A 30 7.37 8.46 -3.48
CA ASN A 30 7.21 8.90 -2.10
C ASN A 30 6.15 9.99 -2.00
N PRO A 31 4.88 9.57 -1.91
CA PRO A 31 3.75 10.51 -1.81
C PRO A 31 3.71 11.23 -0.46
N SER A 32 3.47 12.54 -0.51
CA SER A 32 3.40 13.35 0.71
C SER A 32 1.97 13.54 1.16
N LYS A 33 1.79 14.31 2.23
CA LYS A 33 0.46 14.58 2.77
C LYS A 33 -0.56 14.73 1.64
N GLU A 34 -0.20 15.52 0.63
CA GLU A 34 -1.08 15.74 -0.51
C GLU A 34 -1.26 14.48 -1.33
N GLU A 35 -0.19 14.04 -1.98
CA GLU A 35 -0.22 12.83 -2.80
C GLU A 35 -0.99 11.72 -2.09
N ARG A 36 -0.46 11.28 -0.95
CA ARG A 36 -1.10 10.22 -0.18
C ARG A 36 -2.58 10.52 0.06
N GLU A 37 -2.86 11.74 0.50
CA GLU A 37 -4.23 12.16 0.77
C GLU A 37 -5.13 11.83 -0.41
N ALA A 38 -4.70 12.20 -1.61
CA ALA A 38 -5.47 11.93 -2.82
C ALA A 38 -5.82 10.45 -2.94
N LEU A 39 -5.06 9.61 -2.23
CA LEU A 39 -5.30 8.17 -2.25
C LEU A 39 -6.21 7.75 -1.11
N VAL A 40 -6.29 8.57 -0.07
CA VAL A 40 -7.12 8.29 1.09
C VAL A 40 -8.59 8.53 0.77
N GLU A 41 -8.87 9.58 -0.01
CA GLU A 41 -10.23 9.91 -0.39
C GLU A 41 -10.64 9.21 -1.68
N GLU A 42 -9.74 9.23 -2.66
CA GLU A 42 -10.00 8.60 -3.94
C GLU A 42 -10.44 7.14 -3.76
N CYS A 43 -9.69 6.41 -2.94
CA CYS A 43 -10.00 5.01 -2.67
C CYS A 43 -11.36 4.88 -1.99
N ASN A 44 -11.46 5.35 -0.76
CA ASN A 44 -12.70 5.28 0.00
C ASN A 44 -13.89 5.67 -0.87
N ARG A 45 -13.64 6.57 -1.83
CA ARG A 45 -14.69 7.03 -2.72
C ARG A 45 -15.06 5.94 -3.73
N ALA A 46 -14.08 5.51 -4.51
CA ALA A 46 -14.30 4.48 -5.52
C ALA A 46 -14.88 3.22 -4.89
N GLU A 47 -14.31 2.82 -3.77
CA GLU A 47 -14.77 1.62 -3.07
C GLU A 47 -16.29 1.66 -2.87
N CYS A 48 -16.80 2.82 -2.48
CA CYS A 48 -18.24 2.98 -2.26
C CYS A 48 -19.01 2.89 -3.57
N LEU A 49 -18.44 3.46 -4.63
CA LEU A 49 -19.07 3.45 -5.94
C LEU A 49 -19.23 2.01 -6.45
N GLN A 50 -18.11 1.31 -6.60
CA GLN A 50 -18.13 -0.06 -7.07
C GLN A 50 -19.04 -0.92 -6.21
N ARG A 51 -18.91 -0.78 -4.89
CA ARG A 51 -19.72 -1.55 -3.95
C ARG A 51 -21.15 -1.00 -3.90
N GLY A 52 -21.43 -0.01 -4.73
CA GLY A 52 -22.75 0.59 -4.75
C GLY A 52 -22.93 1.65 -3.69
N VAL A 53 -22.17 1.53 -2.60
CA VAL A 53 -22.26 2.49 -1.50
C VAL A 53 -21.99 3.91 -1.99
N SER A 54 -22.19 4.88 -1.10
CA SER A 54 -21.98 6.28 -1.44
C SER A 54 -20.59 6.74 -1.00
N PRO A 55 -19.95 7.57 -1.83
CA PRO A 55 -18.61 8.10 -1.53
C PRO A 55 -18.62 9.11 -0.40
N SER A 56 -19.81 9.39 0.12
CA SER A 56 -19.96 10.34 1.22
C SER A 56 -20.17 9.62 2.54
N LYS A 57 -20.43 8.32 2.47
CA LYS A 57 -20.65 7.51 3.66
C LYS A 57 -19.55 6.47 3.81
N ALA A 58 -18.34 6.81 3.40
CA ALA A 58 -17.20 5.91 3.49
C ALA A 58 -16.97 5.47 4.92
N HIS A 59 -17.30 6.35 5.88
CA HIS A 59 -17.11 6.05 7.29
C HIS A 59 -17.63 4.65 7.61
N GLY A 60 -18.57 4.16 6.81
CA GLY A 60 -19.12 2.84 7.03
C GLY A 60 -18.14 1.73 6.69
N LEU A 61 -17.34 1.95 5.65
CA LEU A 61 -16.36 0.96 5.22
C LEU A 61 -15.71 0.28 6.42
N GLY A 62 -15.52 1.04 7.49
CA GLY A 62 -14.91 0.49 8.70
C GLY A 62 -13.61 -0.22 8.41
N SER A 63 -13.64 -1.55 8.43
CA SER A 63 -12.45 -2.34 8.17
C SER A 63 -11.92 -2.11 6.77
N ASN A 64 -12.84 -1.90 5.83
CA ASN A 64 -12.47 -1.66 4.43
C ASN A 64 -12.24 -0.16 4.19
N LEU A 65 -12.11 0.59 5.27
CA LEU A 65 -11.89 2.03 5.17
C LEU A 65 -10.42 2.34 4.90
N VAL A 66 -10.17 3.46 4.23
CA VAL A 66 -8.81 3.87 3.92
C VAL A 66 -8.41 5.10 4.73
N THR A 67 -7.13 5.16 5.11
CA THR A 67 -6.63 6.27 5.89
C THR A 67 -5.18 6.60 5.50
N GLU A 68 -4.80 7.86 5.68
CA GLU A 68 -3.45 8.30 5.35
C GLU A 68 -2.44 7.20 5.62
N VAL A 69 -2.65 6.47 6.71
CA VAL A 69 -1.75 5.37 7.08
C VAL A 69 -1.82 4.24 6.07
N ARG A 70 -3.03 3.74 5.83
CA ARG A 70 -3.22 2.65 4.87
C ARG A 70 -2.35 2.85 3.64
N VAL A 71 -2.40 4.04 3.07
CA VAL A 71 -1.61 4.36 1.88
C VAL A 71 -0.12 4.39 2.21
N TYR A 72 0.23 5.01 3.33
CA TYR A 72 1.61 5.11 3.75
C TYR A 72 2.28 3.73 3.80
N ASN A 73 1.53 2.74 4.26
CA ASN A 73 2.05 1.39 4.36
C ASN A 73 2.16 0.75 2.97
N TRP A 74 1.03 0.67 2.28
CA TRP A 74 1.01 0.08 0.94
C TRP A 74 2.22 0.53 0.12
N PHE A 75 2.55 1.81 0.23
CA PHE A 75 3.68 2.36 -0.51
C PHE A 75 5.01 1.82 0.04
N ALA A 76 5.06 1.64 1.35
CA ALA A 76 6.26 1.13 2.01
C ALA A 76 6.65 -0.24 1.44
N ASN A 77 5.66 -1.12 1.30
CA ASN A 77 5.90 -2.46 0.77
C ASN A 77 6.35 -2.39 -0.69
N ARG A 78 5.71 -1.51 -1.46
CA ARG A 78 6.05 -1.35 -2.86
C ARG A 78 7.53 -1.05 -3.05
N ARG A 79 8.13 -0.46 -2.01
CA ARG A 79 9.55 -0.12 -2.06
C ARG A 79 10.39 -1.20 -1.39
N LYS A 80 9.81 -1.87 -0.41
CA LYS A 80 10.51 -2.93 0.31
C LYS A 80 10.62 -4.19 -0.54
N GLU A 81 9.69 -4.35 -1.47
CA GLU A 81 9.69 -5.53 -2.35
C GLU A 81 10.68 -5.33 -3.49
N GLU A 82 10.64 -4.15 -4.11
CA GLU A 82 11.53 -3.86 -5.22
C GLU A 82 12.98 -3.90 -4.78
N ALA A 83 13.22 -3.62 -3.51
CA ALA A 83 14.56 -3.64 -2.96
C ALA A 83 14.93 -5.02 -2.41
N PHE A 84 13.92 -5.86 -2.24
CA PHE A 84 14.12 -7.21 -1.72
C PHE A 84 15.12 -7.97 -2.59
N ARG A 85 14.75 -8.24 -3.83
CA ARG A 85 15.61 -8.97 -4.75
C ARG A 85 17.05 -8.48 -4.64
N GLN A 86 17.22 -7.24 -4.18
CA GLN A 86 18.54 -6.66 -4.03
C GLN A 86 19.06 -6.81 -2.60
N LYS A 87 18.13 -6.86 -1.65
CA LYS A 87 18.49 -7.00 -0.25
C LYS A 87 18.93 -8.43 0.05
N LEU A 88 18.32 -9.39 -0.63
CA LEU A 88 18.65 -10.80 -0.44
C LEU A 88 20.01 -11.13 -1.07
N ALA A 89 20.57 -10.16 -1.78
CA ALA A 89 21.86 -10.34 -2.43
C ALA A 89 22.99 -9.77 -1.59
N MET A 90 22.62 -9.11 -0.49
CA MET A 90 23.60 -8.50 0.40
C MET A 90 23.96 -9.46 1.53
N ASP A 91 23.23 -10.57 1.63
CA ASP A 91 23.49 -11.57 2.66
C ASP A 91 24.40 -12.67 2.15
N ALA A 92 25.14 -12.36 1.08
CA ALA A 92 26.05 -13.34 0.50
C ALA A 92 27.49 -12.82 0.53
N TYR A 93 28.38 -13.60 1.13
CA TYR A 93 29.79 -13.22 1.23
C TYR A 93 30.48 -13.33 -0.12
N SER A 94 31.66 -12.72 -0.23
CA SER A 94 32.42 -12.74 -1.47
C SER A 94 33.61 -13.69 -1.35
N SER A 95 33.39 -14.83 -0.70
CA SER A 95 34.45 -15.82 -0.52
C SER A 95 33.90 -17.23 -0.70
N ASN A 96 34.36 -17.91 -1.74
CA ASN A 96 33.92 -19.27 -2.03
C ASN A 96 32.48 -19.29 -2.52
N SER A 97 32.14 -18.31 -3.37
CA SER A 97 30.79 -18.21 -3.90
C SER A 97 30.46 -19.41 -4.79
N GLY A 98 31.39 -19.75 -5.69
CA GLY A 98 31.19 -20.87 -6.58
C GLY A 98 30.43 -22.01 -5.92
N PRO A 99 31.16 -22.89 -5.24
CA PRO A 99 30.58 -24.04 -4.54
C PRO A 99 29.76 -23.64 -3.32
N SER A 100 28.49 -23.31 -3.55
CA SER A 100 27.60 -22.91 -2.46
C SER A 100 27.69 -23.87 -1.29
N SER A 101 28.35 -23.43 -0.21
CA SER A 101 28.52 -24.25 0.98
C SER A 101 27.35 -24.05 1.94
N GLY A 102 27.22 -24.97 2.90
CA GLY A 102 26.15 -24.88 3.87
C GLY A 102 24.99 -25.81 3.55
N GLY A 1 9.82 11.51 9.67
CA GLY A 1 9.06 10.31 9.93
C GLY A 1 8.89 10.04 11.41
N SER A 2 7.78 9.41 11.77
CA SER A 2 7.49 9.10 13.17
C SER A 2 6.88 7.71 13.30
N SER A 3 7.18 7.05 14.41
CA SER A 3 6.65 5.70 14.65
C SER A 3 6.70 5.37 16.14
N GLY A 4 5.73 4.58 16.59
CA GLY A 4 5.67 4.20 18.00
C GLY A 4 5.67 2.70 18.18
N SER A 5 4.69 2.03 17.57
CA SER A 5 4.57 0.58 17.68
C SER A 5 3.59 0.04 16.65
N SER A 6 4.02 -0.97 15.89
CA SER A 6 3.18 -1.56 14.87
C SER A 6 3.37 -3.08 14.83
N GLY A 7 2.51 -3.76 14.07
CA GLY A 7 2.60 -5.21 13.96
C GLY A 7 1.84 -5.75 12.77
N ARG A 8 0.60 -6.17 13.01
CA ARG A 8 -0.23 -6.72 11.94
C ARG A 8 -1.35 -5.75 11.58
N ASN A 9 -1.73 -5.74 10.30
CA ASN A 9 -2.80 -4.87 9.83
C ASN A 9 -3.88 -5.66 9.11
N ARG A 10 -5.12 -5.54 9.58
CA ARG A 10 -6.23 -6.25 8.99
C ARG A 10 -6.98 -5.35 8.00
N PHE A 11 -6.59 -5.42 6.73
CA PHE A 11 -7.21 -4.61 5.68
C PHE A 11 -6.77 -5.07 4.31
N LYS A 12 -7.75 -5.31 3.43
CA LYS A 12 -7.46 -5.75 2.07
C LYS A 12 -7.94 -4.73 1.05
N TRP A 13 -7.05 -4.34 0.14
CA TRP A 13 -7.39 -3.36 -0.89
C TRP A 13 -8.38 -3.95 -1.89
N GLY A 14 -9.15 -3.08 -2.53
CA GLY A 14 -10.13 -3.54 -3.51
C GLY A 14 -9.61 -3.47 -4.92
N PRO A 15 -10.50 -3.72 -5.90
CA PRO A 15 -10.15 -3.69 -7.33
C PRO A 15 -9.85 -2.28 -7.81
N ALA A 16 -10.65 -1.32 -7.37
CA ALA A 16 -10.46 0.07 -7.77
C ALA A 16 -9.37 0.74 -6.94
N SER A 17 -9.51 0.69 -5.62
CA SER A 17 -8.53 1.30 -4.74
C SER A 17 -7.10 0.97 -5.18
N GLN A 18 -6.76 -0.31 -5.17
CA GLN A 18 -5.43 -0.75 -5.57
C GLN A 18 -4.97 -0.01 -6.82
N GLN A 19 -5.72 -0.17 -7.91
CA GLN A 19 -5.39 0.49 -9.16
C GLN A 19 -5.00 1.95 -8.94
N ILE A 20 -5.78 2.64 -8.13
CA ILE A 20 -5.53 4.05 -7.83
C ILE A 20 -4.14 4.23 -7.21
N LEU A 21 -3.78 3.31 -6.31
CA LEU A 21 -2.48 3.37 -5.63
C LEU A 21 -1.35 3.28 -6.65
N TYR A 22 -1.52 2.43 -7.65
CA TYR A 22 -0.51 2.24 -8.68
C TYR A 22 -0.34 3.52 -9.50
N GLN A 23 -1.46 4.12 -9.92
CA GLN A 23 -1.43 5.33 -10.70
C GLN A 23 -0.68 6.44 -9.96
N ALA A 24 -0.78 6.43 -8.64
CA ALA A 24 -0.12 7.43 -7.81
C ALA A 24 1.36 7.08 -7.60
N TYR A 25 1.62 5.82 -7.31
CA TYR A 25 2.98 5.35 -7.09
C TYR A 25 3.81 5.46 -8.36
N ASP A 26 3.17 5.25 -9.50
CA ASP A 26 3.85 5.32 -10.79
C ASP A 26 4.45 6.71 -11.00
N ARG A 27 3.73 7.74 -10.56
CA ARG A 27 4.20 9.11 -10.71
C ARG A 27 5.25 9.45 -9.66
N GLN A 28 4.96 9.11 -8.41
CA GLN A 28 5.89 9.38 -7.31
C GLN A 28 6.00 8.16 -6.39
N LYS A 29 7.23 7.85 -5.99
CA LYS A 29 7.47 6.72 -5.11
C LYS A 29 7.19 7.09 -3.65
N ASN A 30 7.47 8.34 -3.30
CA ASN A 30 7.24 8.81 -1.93
C ASN A 30 6.16 9.89 -1.92
N PRO A 31 4.90 9.47 -1.81
CA PRO A 31 3.75 10.37 -1.77
C PRO A 31 3.68 11.18 -0.48
N SER A 32 3.47 12.48 -0.61
CA SER A 32 3.40 13.36 0.55
C SER A 32 1.95 13.53 1.01
N LYS A 33 1.77 14.16 2.16
CA LYS A 33 0.44 14.39 2.71
C LYS A 33 -0.58 14.64 1.60
N GLU A 34 -0.16 15.41 0.60
CA GLU A 34 -1.04 15.72 -0.52
C GLU A 34 -1.30 14.48 -1.38
N GLU A 35 -0.23 13.92 -1.92
CA GLU A 35 -0.34 12.73 -2.75
C GLU A 35 -1.11 11.63 -2.03
N ARG A 36 -0.56 11.15 -0.92
CA ARG A 36 -1.19 10.10 -0.14
C ARG A 36 -2.67 10.40 0.08
N GLU A 37 -2.95 11.61 0.57
CA GLU A 37 -4.32 12.03 0.84
C GLU A 37 -5.21 11.78 -0.38
N ALA A 38 -4.72 12.16 -1.55
CA ALA A 38 -5.46 11.98 -2.79
C ALA A 38 -5.84 10.51 -2.99
N LEU A 39 -5.14 9.62 -2.30
CA LEU A 39 -5.41 8.19 -2.41
C LEU A 39 -6.35 7.73 -1.30
N VAL A 40 -6.39 8.49 -0.21
CA VAL A 40 -7.25 8.16 0.93
C VAL A 40 -8.71 8.44 0.59
N GLU A 41 -8.95 9.54 -0.11
CA GLU A 41 -10.31 9.93 -0.48
C GLU A 41 -10.72 9.23 -1.77
N GLU A 42 -9.83 9.22 -2.75
CA GLU A 42 -10.11 8.58 -4.04
C GLU A 42 -10.50 7.11 -3.85
N CYS A 43 -9.72 6.40 -3.05
CA CYS A 43 -9.98 5.00 -2.79
C CYS A 43 -11.33 4.81 -2.11
N ASN A 44 -11.43 5.30 -0.88
CA ASN A 44 -12.67 5.20 -0.11
C ASN A 44 -13.88 5.55 -0.96
N ARG A 45 -13.67 6.48 -1.90
CA ARG A 45 -14.75 6.91 -2.78
C ARG A 45 -15.10 5.82 -3.79
N ALA A 46 -14.11 5.42 -4.58
CA ALA A 46 -14.32 4.38 -5.58
C ALA A 46 -14.87 3.11 -4.95
N GLU A 47 -14.35 2.76 -3.78
CA GLU A 47 -14.80 1.56 -3.08
C GLU A 47 -16.31 1.58 -2.87
N CYS A 48 -16.83 2.73 -2.46
CA CYS A 48 -18.26 2.89 -2.22
C CYS A 48 -19.05 2.72 -3.52
N LEU A 49 -18.53 3.31 -4.59
CA LEU A 49 -19.18 3.23 -5.89
C LEU A 49 -19.31 1.78 -6.35
N GLN A 50 -18.18 1.11 -6.49
CA GLN A 50 -18.16 -0.29 -6.92
C GLN A 50 -19.02 -1.15 -5.99
N ARG A 51 -18.88 -0.93 -4.69
CA ARG A 51 -19.63 -1.68 -3.70
C ARG A 51 -21.07 -1.21 -3.63
N GLY A 52 -21.44 -0.30 -4.54
CA GLY A 52 -22.79 0.22 -4.56
C GLY A 52 -23.00 1.33 -3.55
N VAL A 53 -22.19 1.33 -2.50
CA VAL A 53 -22.29 2.35 -1.46
C VAL A 53 -22.05 3.74 -2.01
N SER A 54 -22.23 4.75 -1.17
CA SER A 54 -22.04 6.15 -1.58
C SER A 54 -20.66 6.65 -1.15
N PRO A 55 -20.03 7.45 -2.01
CA PRO A 55 -18.70 8.02 -1.75
C PRO A 55 -18.75 9.08 -0.64
N SER A 56 -19.94 9.37 -0.15
CA SER A 56 -20.12 10.37 0.90
C SER A 56 -20.28 9.69 2.26
N LYS A 57 -20.55 8.39 2.24
CA LYS A 57 -20.73 7.63 3.47
C LYS A 57 -19.59 6.62 3.66
N ALA A 58 -18.40 6.99 3.20
CA ALA A 58 -17.24 6.12 3.32
C ALA A 58 -16.96 5.77 4.78
N HIS A 59 -17.40 6.65 5.68
CA HIS A 59 -17.20 6.44 7.12
C HIS A 59 -17.70 5.06 7.54
N GLY A 60 -18.66 4.53 6.80
CA GLY A 60 -19.21 3.23 7.11
C GLY A 60 -18.24 2.10 6.81
N LEU A 61 -17.45 2.26 5.75
CA LEU A 61 -16.49 1.25 5.36
C LEU A 61 -15.89 0.57 6.58
N GLY A 62 -15.75 1.32 7.66
CA GLY A 62 -15.20 0.77 8.89
C GLY A 62 -13.86 0.09 8.66
N SER A 63 -13.85 -1.24 8.78
CA SER A 63 -12.63 -2.01 8.60
C SER A 63 -12.10 -1.86 7.18
N ASN A 64 -12.99 -1.53 6.25
CA ASN A 64 -12.62 -1.36 4.86
C ASN A 64 -12.37 0.12 4.54
N LEU A 65 -12.17 0.91 5.58
CA LEU A 65 -11.92 2.34 5.41
C LEU A 65 -10.43 2.61 5.22
N VAL A 66 -10.12 3.45 4.24
CA VAL A 66 -8.72 3.80 3.95
C VAL A 66 -8.30 5.03 4.74
N THR A 67 -7.02 5.06 5.13
CA THR A 67 -6.48 6.18 5.89
C THR A 67 -5.02 6.42 5.54
N GLU A 68 -4.56 7.66 5.78
CA GLU A 68 -3.18 8.02 5.49
C GLU A 68 -2.24 6.84 5.73
N VAL A 69 -2.45 6.14 6.84
CA VAL A 69 -1.63 4.99 7.18
C VAL A 69 -1.73 3.89 6.12
N ARG A 70 -2.96 3.44 5.89
CA ARG A 70 -3.20 2.39 4.90
C ARG A 70 -2.35 2.61 3.66
N VAL A 71 -2.38 3.82 3.13
CA VAL A 71 -1.61 4.16 1.93
C VAL A 71 -0.12 4.14 2.22
N TYR A 72 0.26 4.53 3.44
CA TYR A 72 1.65 4.56 3.84
C TYR A 72 2.23 3.14 3.88
N ASN A 73 1.42 2.19 4.33
CA ASN A 73 1.86 0.80 4.41
C ASN A 73 1.99 0.18 3.02
N TRP A 74 1.02 0.48 2.16
CA TRP A 74 1.03 -0.05 0.80
C TRP A 74 2.26 0.43 0.03
N PHE A 75 2.56 1.72 0.15
CA PHE A 75 3.71 2.31 -0.54
C PHE A 75 5.02 1.79 0.06
N ALA A 76 4.99 1.51 1.36
CA ALA A 76 6.18 1.01 2.05
C ALA A 76 6.57 -0.37 1.52
N ASN A 77 5.57 -1.21 1.25
CA ASN A 77 5.83 -2.55 0.73
C ASN A 77 6.31 -2.49 -0.71
N ARG A 78 5.73 -1.60 -1.50
CA ARG A 78 6.09 -1.45 -2.90
C ARG A 78 7.56 -1.05 -3.03
N ARG A 79 8.08 -0.37 -2.01
CA ARG A 79 9.47 0.08 -2.01
C ARG A 79 10.38 -0.97 -1.37
N LYS A 80 9.82 -1.74 -0.43
CA LYS A 80 10.58 -2.77 0.26
C LYS A 80 10.72 -4.02 -0.61
N GLU A 81 9.78 -4.20 -1.53
CA GLU A 81 9.79 -5.36 -2.42
C GLU A 81 10.74 -5.12 -3.59
N GLU A 82 10.66 -3.94 -4.19
CA GLU A 82 11.52 -3.60 -5.32
C GLU A 82 12.99 -3.63 -4.92
N ALA A 83 13.28 -3.15 -3.72
CA ALA A 83 14.65 -3.12 -3.22
C ALA A 83 15.05 -4.49 -2.67
N PHE A 84 14.05 -5.35 -2.45
CA PHE A 84 14.31 -6.68 -1.91
C PHE A 84 15.28 -7.45 -2.81
N ARG A 85 14.85 -7.72 -4.04
CA ARG A 85 15.67 -8.46 -4.99
C ARG A 85 17.11 -7.94 -4.98
N GLN A 86 17.28 -6.70 -4.52
CA GLN A 86 18.61 -6.09 -4.46
C GLN A 86 19.24 -6.30 -3.08
N LYS A 87 18.42 -6.24 -2.04
CA LYS A 87 18.91 -6.43 -0.68
C LYS A 87 19.43 -7.84 -0.49
N LEU A 88 18.74 -8.82 -1.07
CA LEU A 88 19.14 -10.21 -0.96
C LEU A 88 20.39 -10.49 -1.78
N ALA A 89 20.88 -9.46 -2.47
CA ALA A 89 22.09 -9.58 -3.28
C ALA A 89 23.31 -9.00 -2.56
N MET A 90 23.06 -8.00 -1.73
CA MET A 90 24.14 -7.36 -0.98
C MET A 90 24.67 -8.28 0.11
N ASP A 91 23.76 -9.02 0.74
CA ASP A 91 24.14 -9.94 1.81
C ASP A 91 25.24 -10.88 1.34
N ALA A 92 25.70 -11.75 2.24
CA ALA A 92 26.76 -12.71 1.92
C ALA A 92 26.35 -13.60 0.75
N TYR A 93 27.33 -13.94 -0.08
CA TYR A 93 27.07 -14.79 -1.24
C TYR A 93 26.92 -16.25 -0.83
N SER A 94 25.80 -16.86 -1.22
CA SER A 94 25.53 -18.25 -0.89
C SER A 94 26.04 -19.18 -2.00
N SER A 95 26.17 -20.46 -1.68
CA SER A 95 26.64 -21.45 -2.63
C SER A 95 25.51 -21.88 -3.57
N ASN A 96 24.86 -20.91 -4.19
CA ASN A 96 23.76 -21.18 -5.12
C ASN A 96 24.29 -21.50 -6.52
N SER A 97 23.48 -22.20 -7.30
CA SER A 97 23.86 -22.57 -8.66
C SER A 97 22.77 -22.17 -9.65
N GLY A 98 22.23 -20.98 -9.48
CA GLY A 98 21.19 -20.50 -10.37
C GLY A 98 21.01 -18.99 -10.32
N PRO A 99 21.69 -18.29 -11.23
CA PRO A 99 21.63 -16.83 -11.30
C PRO A 99 20.27 -16.33 -11.78
N SER A 100 19.34 -16.16 -10.84
CA SER A 100 18.00 -15.69 -11.16
C SER A 100 18.06 -14.50 -12.11
N SER A 101 18.96 -13.56 -11.84
CA SER A 101 19.11 -12.38 -12.67
C SER A 101 20.57 -11.94 -12.74
N GLY A 102 21.12 -11.92 -13.95
CA GLY A 102 22.51 -11.51 -14.11
C GLY A 102 23.41 -12.06 -13.03
N GLY A 1 -6.22 5.47 12.37
CA GLY A 1 -4.93 4.92 12.73
C GLY A 1 -5.01 3.45 13.09
N SER A 2 -5.03 3.17 14.39
CA SER A 2 -5.10 1.79 14.87
C SER A 2 -5.27 1.75 16.39
N SER A 3 -5.77 0.63 16.89
CA SER A 3 -5.99 0.47 18.31
C SER A 3 -5.25 -0.75 18.85
N GLY A 4 -5.33 -0.97 20.16
CA GLY A 4 -4.66 -2.11 20.76
C GLY A 4 -5.63 -3.21 21.16
N SER A 5 -6.60 -3.48 20.29
CA SER A 5 -7.59 -4.51 20.57
C SER A 5 -7.84 -5.36 19.33
N SER A 6 -8.02 -6.66 19.53
CA SER A 6 -8.26 -7.59 18.43
C SER A 6 -9.63 -7.34 17.81
N GLY A 7 -9.79 -7.76 16.56
CA GLY A 7 -11.05 -7.58 15.87
C GLY A 7 -10.88 -7.44 14.37
N ARG A 8 -10.28 -6.34 13.95
CA ARG A 8 -10.04 -6.08 12.52
C ARG A 8 -8.79 -6.80 12.04
N ASN A 9 -8.91 -7.49 10.92
CA ASN A 9 -7.78 -8.22 10.35
C ASN A 9 -7.16 -7.45 9.19
N ARG A 10 -6.05 -7.95 8.67
CA ARG A 10 -5.35 -7.30 7.56
C ARG A 10 -6.36 -6.68 6.58
N PHE A 11 -6.28 -5.37 6.42
CA PHE A 11 -7.18 -4.66 5.51
C PHE A 11 -6.75 -4.85 4.06
N LYS A 12 -7.46 -5.69 3.33
CA LYS A 12 -7.16 -5.95 1.94
C LYS A 12 -7.75 -4.88 1.04
N TRP A 13 -6.92 -4.31 0.17
CA TRP A 13 -7.37 -3.27 -0.75
C TRP A 13 -8.36 -3.82 -1.76
N GLY A 14 -9.25 -2.95 -2.25
CA GLY A 14 -10.25 -3.38 -3.21
C GLY A 14 -9.71 -3.41 -4.63
N PRO A 15 -10.59 -3.70 -5.60
CA PRO A 15 -10.22 -3.76 -7.01
C PRO A 15 -9.90 -2.38 -7.59
N ALA A 16 -10.73 -1.40 -7.25
CA ALA A 16 -10.53 -0.04 -7.73
C ALA A 16 -9.47 0.69 -6.90
N SER A 17 -9.58 0.58 -5.58
CA SER A 17 -8.64 1.23 -4.68
C SER A 17 -7.19 0.92 -5.08
N GLN A 18 -6.89 -0.37 -5.22
CA GLN A 18 -5.55 -0.80 -5.59
C GLN A 18 -5.06 -0.05 -6.83
N GLN A 19 -5.78 -0.23 -7.95
CA GLN A 19 -5.42 0.44 -9.19
C GLN A 19 -5.02 1.89 -8.95
N ILE A 20 -5.81 2.58 -8.12
CA ILE A 20 -5.54 3.98 -7.80
C ILE A 20 -4.16 4.14 -7.19
N LEU A 21 -3.79 3.22 -6.31
CA LEU A 21 -2.49 3.27 -5.66
C LEU A 21 -1.35 3.18 -6.68
N TYR A 22 -1.55 2.32 -7.69
CA TYR A 22 -0.55 2.14 -8.73
C TYR A 22 -0.37 3.41 -9.55
N GLN A 23 -1.49 4.00 -9.97
CA GLN A 23 -1.46 5.22 -10.76
C GLN A 23 -0.66 6.31 -10.05
N ALA A 24 -0.79 6.36 -8.72
CA ALA A 24 -0.07 7.35 -7.93
C ALA A 24 1.39 6.96 -7.75
N TYR A 25 1.62 5.73 -7.30
CA TYR A 25 2.97 5.24 -7.09
C TYR A 25 3.81 5.36 -8.36
N ASP A 26 3.16 5.17 -9.50
CA ASP A 26 3.84 5.26 -10.78
C ASP A 26 4.46 6.64 -10.98
N ARG A 27 3.80 7.66 -10.46
CA ARG A 27 4.28 9.04 -10.58
C ARG A 27 5.31 9.34 -9.49
N GLN A 28 4.95 9.06 -8.24
CA GLN A 28 5.84 9.30 -7.12
C GLN A 28 5.98 8.05 -6.25
N LYS A 29 7.21 7.79 -5.81
CA LYS A 29 7.49 6.63 -4.98
C LYS A 29 7.20 6.93 -3.50
N ASN A 30 7.45 8.17 -3.09
CA ASN A 30 7.21 8.59 -1.72
C ASN A 30 6.17 9.69 -1.66
N PRO A 31 4.89 9.30 -1.65
CA PRO A 31 3.77 10.25 -1.59
C PRO A 31 3.67 10.94 -0.23
N SER A 32 3.54 12.26 -0.26
CA SER A 32 3.43 13.04 0.97
C SER A 32 1.97 13.22 1.37
N LYS A 33 1.76 13.90 2.50
CA LYS A 33 0.41 14.15 3.00
C LYS A 33 -0.56 14.35 1.84
N GLU A 34 -0.26 15.33 0.98
CA GLU A 34 -1.11 15.62 -0.17
C GLU A 34 -1.31 14.38 -1.03
N GLU A 35 -0.22 13.89 -1.61
CA GLU A 35 -0.28 12.70 -2.47
C GLU A 35 -1.07 11.59 -1.79
N ARG A 36 -0.51 11.03 -0.73
CA ARG A 36 -1.15 9.95 0.00
C ARG A 36 -2.63 10.25 0.22
N GLU A 37 -2.93 11.47 0.66
CA GLU A 37 -4.30 11.88 0.90
C GLU A 37 -5.17 11.64 -0.32
N ALA A 38 -4.68 12.08 -1.48
CA ALA A 38 -5.41 11.92 -2.73
C ALA A 38 -5.81 10.46 -2.94
N LEU A 39 -5.10 9.55 -2.27
CA LEU A 39 -5.38 8.13 -2.39
C LEU A 39 -6.34 7.67 -1.29
N VAL A 40 -6.35 8.40 -0.19
CA VAL A 40 -7.22 8.07 0.94
C VAL A 40 -8.68 8.34 0.60
N GLU A 41 -8.92 9.45 -0.08
CA GLU A 41 -10.28 9.83 -0.46
C GLU A 41 -10.70 9.13 -1.75
N GLU A 42 -9.80 9.13 -2.73
CA GLU A 42 -10.07 8.50 -4.02
C GLU A 42 -10.45 7.03 -3.83
N CYS A 43 -9.67 6.32 -3.02
CA CYS A 43 -9.92 4.91 -2.77
C CYS A 43 -11.28 4.71 -2.11
N ASN A 44 -11.43 5.23 -0.89
CA ASN A 44 -12.68 5.11 -0.15
C ASN A 44 -13.86 5.48 -1.03
N ARG A 45 -13.67 6.49 -1.88
CA ARG A 45 -14.73 6.93 -2.78
C ARG A 45 -15.09 5.86 -3.80
N ALA A 46 -14.09 5.40 -4.54
CA ALA A 46 -14.30 4.36 -5.54
C ALA A 46 -14.88 3.09 -4.91
N GLU A 47 -14.39 2.75 -3.73
CA GLU A 47 -14.87 1.56 -3.03
C GLU A 47 -16.37 1.61 -2.84
N CYS A 48 -16.89 2.77 -2.47
CA CYS A 48 -18.33 2.95 -2.26
C CYS A 48 -19.09 2.79 -3.58
N LEU A 49 -18.54 3.36 -4.64
CA LEU A 49 -19.17 3.28 -5.96
C LEU A 49 -19.34 1.83 -6.40
N GLN A 50 -18.21 1.14 -6.58
CA GLN A 50 -18.23 -0.25 -7.00
C GLN A 50 -19.14 -1.08 -6.10
N ARG A 51 -18.94 -0.95 -4.79
CA ARG A 51 -19.73 -1.69 -3.81
C ARG A 51 -21.17 -1.18 -3.80
N GLY A 52 -21.45 -0.16 -4.59
CA GLY A 52 -22.78 0.40 -4.65
C GLY A 52 -22.99 1.53 -3.66
N VAL A 53 -22.25 1.48 -2.56
CA VAL A 53 -22.36 2.50 -1.52
C VAL A 53 -22.09 3.89 -2.09
N SER A 54 -22.27 4.91 -1.26
CA SER A 54 -22.05 6.29 -1.68
C SER A 54 -20.67 6.78 -1.23
N PRO A 55 -20.01 7.55 -2.11
CA PRO A 55 -18.68 8.10 -1.83
C PRO A 55 -18.70 9.17 -0.75
N SER A 56 -19.91 9.49 -0.26
CA SER A 56 -20.07 10.51 0.77
C SER A 56 -20.27 9.85 2.14
N LYS A 57 -20.56 8.56 2.14
CA LYS A 57 -20.78 7.82 3.37
C LYS A 57 -19.66 6.80 3.61
N ALA A 58 -18.47 7.13 3.13
CA ALA A 58 -17.32 6.25 3.29
C ALA A 58 -17.14 5.84 4.75
N HIS A 59 -17.43 6.76 5.66
CA HIS A 59 -17.30 6.48 7.08
C HIS A 59 -17.83 5.09 7.42
N GLY A 60 -18.76 4.60 6.61
CA GLY A 60 -19.33 3.29 6.84
C GLY A 60 -18.32 2.18 6.61
N LEU A 61 -17.50 2.31 5.58
CA LEU A 61 -16.50 1.31 5.27
C LEU A 61 -15.91 0.71 6.53
N GLY A 62 -15.69 1.56 7.53
CA GLY A 62 -15.13 1.09 8.79
C GLY A 62 -13.83 0.34 8.61
N SER A 63 -13.88 -0.99 8.67
CA SER A 63 -12.70 -1.81 8.51
C SER A 63 -12.13 -1.68 7.10
N ASN A 64 -13.00 -1.45 6.14
CA ASN A 64 -12.59 -1.32 4.74
C ASN A 64 -12.29 0.15 4.42
N LEU A 65 -12.24 0.98 5.45
CA LEU A 65 -11.95 2.40 5.28
C LEU A 65 -10.45 2.64 5.14
N VAL A 66 -10.07 3.48 4.19
CA VAL A 66 -8.66 3.80 3.95
C VAL A 66 -8.26 5.05 4.72
N THR A 67 -7.02 5.07 5.20
CA THR A 67 -6.51 6.22 5.95
C THR A 67 -5.06 6.51 5.57
N GLU A 68 -4.67 7.78 5.69
CA GLU A 68 -3.31 8.20 5.35
C GLU A 68 -2.31 7.09 5.68
N VAL A 69 -2.59 6.35 6.76
CA VAL A 69 -1.71 5.27 7.18
C VAL A 69 -1.75 4.11 6.20
N ARG A 70 -2.96 3.65 5.88
CA ARG A 70 -3.14 2.54 4.96
C ARG A 70 -2.27 2.72 3.72
N VAL A 71 -2.40 3.89 3.08
CA VAL A 71 -1.62 4.19 1.88
C VAL A 71 -0.12 4.21 2.19
N TYR A 72 0.22 4.77 3.34
CA TYR A 72 1.62 4.86 3.75
C TYR A 72 2.28 3.48 3.80
N ASN A 73 1.54 2.51 4.33
CA ASN A 73 2.04 1.14 4.44
C ASN A 73 2.13 0.49 3.07
N TRP A 74 1.03 0.51 2.33
CA TRP A 74 0.99 -0.07 0.99
C TRP A 74 2.20 0.36 0.17
N PHE A 75 2.56 1.64 0.28
CA PHE A 75 3.70 2.18 -0.45
C PHE A 75 5.01 1.63 0.10
N ALA A 76 5.06 1.45 1.42
CA ALA A 76 6.26 0.93 2.08
C ALA A 76 6.64 -0.44 1.53
N ASN A 77 5.64 -1.31 1.38
CA ASN A 77 5.87 -2.65 0.86
C ASN A 77 6.32 -2.61 -0.59
N ARG A 78 5.70 -1.72 -1.37
CA ARG A 78 6.04 -1.58 -2.78
C ARG A 78 7.49 -1.15 -2.95
N ARG A 79 8.02 -0.45 -1.95
CA ARG A 79 9.40 0.02 -1.99
C ARG A 79 10.35 -1.01 -1.41
N LYS A 80 9.83 -1.84 -0.50
CA LYS A 80 10.64 -2.88 0.13
C LYS A 80 10.85 -4.06 -0.82
N GLU A 81 9.90 -4.25 -1.72
CA GLU A 81 9.98 -5.35 -2.68
C GLU A 81 10.93 -5.00 -3.83
N GLU A 82 10.75 -3.81 -4.39
CA GLU A 82 11.59 -3.35 -5.50
C GLU A 82 13.06 -3.34 -5.09
N ALA A 83 13.33 -2.92 -3.85
CA ALA A 83 14.68 -2.87 -3.34
C ALA A 83 15.17 -4.25 -2.89
N PHE A 84 14.22 -5.18 -2.74
CA PHE A 84 14.55 -6.53 -2.32
C PHE A 84 15.59 -7.15 -3.24
N ARG A 85 15.21 -7.33 -4.51
CA ARG A 85 16.12 -7.93 -5.49
C ARG A 85 17.53 -7.39 -5.32
N GLN A 86 17.64 -6.20 -4.74
CA GLN A 86 18.95 -5.57 -4.52
C GLN A 86 19.50 -5.94 -3.15
N LYS A 87 18.62 -6.04 -2.16
CA LYS A 87 19.02 -6.38 -0.80
C LYS A 87 19.60 -7.79 -0.75
N LEU A 88 18.85 -8.75 -1.30
CA LEU A 88 19.29 -10.14 -1.32
C LEU A 88 20.65 -10.27 -2.00
N ALA A 89 21.07 -9.22 -2.67
CA ALA A 89 22.35 -9.22 -3.37
C ALA A 89 23.47 -8.70 -2.47
N MET A 90 23.15 -7.68 -1.66
CA MET A 90 24.12 -7.10 -0.75
C MET A 90 24.79 -8.18 0.10
N ASP A 91 23.99 -9.15 0.53
CA ASP A 91 24.52 -10.24 1.35
C ASP A 91 25.67 -10.95 0.65
N ALA A 92 26.21 -11.98 1.30
CA ALA A 92 27.32 -12.74 0.75
C ALA A 92 28.51 -11.83 0.44
N TYR A 93 28.63 -10.75 1.21
CA TYR A 93 29.72 -9.80 1.03
C TYR A 93 31.04 -10.53 0.74
N SER A 94 31.21 -11.69 1.37
CA SER A 94 32.42 -12.48 1.19
C SER A 94 32.27 -13.43 0.00
N SER A 95 33.36 -13.63 -0.74
CA SER A 95 33.36 -14.49 -1.90
C SER A 95 33.69 -15.93 -1.50
N ASN A 96 33.02 -16.89 -2.12
CA ASN A 96 33.25 -18.30 -1.84
C ASN A 96 34.28 -18.90 -2.80
N SER A 97 34.66 -20.14 -2.55
CA SER A 97 35.64 -20.83 -3.38
C SER A 97 35.30 -20.66 -4.86
N GLY A 98 36.26 -20.14 -5.63
CA GLY A 98 36.04 -19.94 -7.04
C GLY A 98 35.31 -18.64 -7.34
N PRO A 99 35.97 -17.51 -7.07
CA PRO A 99 35.39 -16.18 -7.30
C PRO A 99 35.25 -15.86 -8.78
N SER A 100 35.66 -16.81 -9.63
CA SER A 100 35.58 -16.62 -11.07
C SER A 100 34.33 -15.81 -11.45
N SER A 101 34.50 -14.89 -12.38
CA SER A 101 33.39 -14.04 -12.83
C SER A 101 33.36 -13.95 -14.35
N GLY A 102 32.16 -13.99 -14.92
CA GLY A 102 32.01 -13.91 -16.36
C GLY A 102 31.29 -12.66 -16.80
N GLY A 1 2.44 -1.30 23.49
CA GLY A 1 1.46 -0.47 24.16
C GLY A 1 0.11 -0.49 23.49
N SER A 2 -0.18 0.55 22.71
CA SER A 2 -1.47 0.64 22.01
C SER A 2 -1.33 0.13 20.57
N SER A 3 -0.33 0.64 19.85
CA SER A 3 -0.11 0.24 18.48
C SER A 3 1.14 -0.64 18.37
N GLY A 4 0.92 -1.95 18.39
CA GLY A 4 2.04 -2.87 18.29
C GLY A 4 2.82 -2.71 17.00
N SER A 5 3.76 -3.62 16.76
CA SER A 5 4.58 -3.56 15.56
C SER A 5 3.75 -3.89 14.32
N SER A 6 3.20 -5.10 14.28
CA SER A 6 2.38 -5.53 13.16
C SER A 6 1.00 -4.88 13.19
N GLY A 7 0.23 -5.10 12.14
CA GLY A 7 -1.10 -4.52 12.07
C GLY A 7 -2.11 -5.25 12.94
N ARG A 8 -3.29 -4.67 13.09
CA ARG A 8 -4.33 -5.26 13.91
C ARG A 8 -5.61 -5.45 13.11
N ASN A 9 -6.21 -4.34 12.68
CA ASN A 9 -7.44 -4.39 11.90
C ASN A 9 -7.22 -5.09 10.56
N ARG A 10 -8.00 -6.13 10.30
CA ARG A 10 -7.88 -6.88 9.05
C ARG A 10 -8.41 -6.07 7.88
N PHE A 11 -7.53 -5.27 7.28
CA PHE A 11 -7.91 -4.44 6.13
C PHE A 11 -7.34 -5.01 4.83
N LYS A 12 -8.12 -4.91 3.76
CA LYS A 12 -7.70 -5.41 2.46
C LYS A 12 -8.14 -4.47 1.35
N TRP A 13 -7.19 -4.08 0.50
CA TRP A 13 -7.48 -3.18 -0.61
C TRP A 13 -8.52 -3.79 -1.55
N GLY A 14 -9.22 -2.93 -2.28
CA GLY A 14 -10.24 -3.41 -3.20
C GLY A 14 -9.76 -3.39 -4.64
N PRO A 15 -10.69 -3.65 -5.58
CA PRO A 15 -10.38 -3.68 -7.01
C PRO A 15 -10.08 -2.28 -7.56
N ALA A 16 -10.91 -1.31 -7.18
CA ALA A 16 -10.73 0.06 -7.64
C ALA A 16 -9.62 0.75 -6.85
N SER A 17 -9.72 0.70 -5.52
CA SER A 17 -8.74 1.33 -4.65
C SER A 17 -7.32 1.00 -5.12
N GLN A 18 -6.98 -0.28 -5.11
CA GLN A 18 -5.66 -0.73 -5.53
C GLN A 18 -5.20 0.02 -6.77
N GLN A 19 -5.95 -0.14 -7.86
CA GLN A 19 -5.61 0.52 -9.12
C GLN A 19 -5.20 1.97 -8.88
N ILE A 20 -5.98 2.67 -8.08
CA ILE A 20 -5.70 4.07 -7.76
C ILE A 20 -4.30 4.23 -7.18
N LEU A 21 -3.94 3.32 -6.28
CA LEU A 21 -2.62 3.35 -5.64
C LEU A 21 -1.51 3.26 -6.67
N TYR A 22 -1.70 2.38 -7.65
CA TYR A 22 -0.70 2.19 -8.71
C TYR A 22 -0.55 3.46 -9.55
N GLN A 23 -1.68 4.02 -9.97
CA GLN A 23 -1.66 5.24 -10.78
C GLN A 23 -0.88 6.35 -10.09
N ALA A 24 -0.94 6.36 -8.76
CA ALA A 24 -0.23 7.36 -7.97
C ALA A 24 1.24 6.99 -7.80
N TYR A 25 1.49 5.72 -7.52
CA TYR A 25 2.85 5.23 -7.33
C TYR A 25 3.67 5.38 -8.60
N ASP A 26 3.02 5.20 -9.74
CA ASP A 26 3.68 5.33 -11.04
C ASP A 26 4.29 6.72 -11.21
N ARG A 27 3.61 7.72 -10.64
CA ARG A 27 4.08 9.10 -10.74
C ARG A 27 5.16 9.38 -9.69
N GLN A 28 4.87 9.05 -8.44
CA GLN A 28 5.80 9.26 -7.35
C GLN A 28 5.96 8.01 -6.50
N LYS A 29 7.19 7.72 -6.09
CA LYS A 29 7.47 6.55 -5.28
C LYS A 29 7.14 6.82 -3.80
N ASN A 30 7.48 8.01 -3.34
CA ASN A 30 7.23 8.39 -1.96
C ASN A 30 6.23 9.54 -1.88
N PRO A 31 4.94 9.21 -1.90
CA PRO A 31 3.85 10.20 -1.83
C PRO A 31 3.77 10.88 -0.47
N SER A 32 3.61 12.19 -0.47
CA SER A 32 3.51 12.96 0.77
C SER A 32 2.06 13.15 1.17
N LYS A 33 1.85 13.77 2.33
CA LYS A 33 0.51 14.02 2.84
C LYS A 33 -0.47 14.30 1.70
N GLU A 34 -0.17 15.32 0.90
CA GLU A 34 -1.02 15.69 -0.22
C GLU A 34 -1.27 14.49 -1.13
N GLU A 35 -0.19 13.94 -1.69
CA GLU A 35 -0.29 12.79 -2.58
C GLU A 35 -1.05 11.65 -1.90
N ARG A 36 -0.45 11.10 -0.84
CA ARG A 36 -1.06 10.00 -0.11
C ARG A 36 -2.55 10.26 0.12
N GLU A 37 -2.87 11.42 0.68
CA GLU A 37 -4.25 11.79 0.94
C GLU A 37 -5.13 11.57 -0.29
N ALA A 38 -4.70 12.14 -1.41
CA ALA A 38 -5.43 12.01 -2.66
C ALA A 38 -5.82 10.56 -2.92
N LEU A 39 -5.13 9.64 -2.25
CA LEU A 39 -5.40 8.22 -2.42
C LEU A 39 -6.35 7.71 -1.34
N VAL A 40 -6.34 8.39 -0.20
CA VAL A 40 -7.21 8.02 0.92
C VAL A 40 -8.67 8.31 0.60
N GLU A 41 -8.91 9.46 -0.03
CA GLU A 41 -10.27 9.86 -0.39
C GLU A 41 -10.70 9.20 -1.69
N GLU A 42 -9.82 9.22 -2.68
CA GLU A 42 -10.12 8.62 -3.98
C GLU A 42 -10.52 7.15 -3.82
N CYS A 43 -9.74 6.41 -3.05
CA CYS A 43 -10.00 5.00 -2.82
C CYS A 43 -11.35 4.81 -2.13
N ASN A 44 -11.46 5.29 -0.90
CA ASN A 44 -12.70 5.17 -0.14
C ASN A 44 -13.90 5.57 -0.99
N ARG A 45 -13.71 6.54 -1.87
CA ARG A 45 -14.78 7.01 -2.74
C ARG A 45 -15.16 5.93 -3.75
N ALA A 46 -14.19 5.49 -4.54
CA ALA A 46 -14.41 4.46 -5.55
C ALA A 46 -15.00 3.20 -4.91
N GLU A 47 -14.49 2.85 -3.74
CA GLU A 47 -14.96 1.66 -3.03
C GLU A 47 -16.48 1.71 -2.83
N CYS A 48 -16.99 2.88 -2.50
CA CYS A 48 -18.42 3.06 -2.29
C CYS A 48 -19.18 2.94 -3.59
N LEU A 49 -18.63 3.51 -4.66
CA LEU A 49 -19.27 3.48 -5.97
C LEU A 49 -19.39 2.04 -6.47
N GLN A 50 -18.28 1.31 -6.45
CA GLN A 50 -18.27 -0.08 -6.89
C GLN A 50 -19.17 -0.94 -6.02
N ARG A 51 -19.04 -0.77 -4.71
CA ARG A 51 -19.84 -1.54 -3.76
C ARG A 51 -21.28 -1.02 -3.71
N GLY A 52 -21.58 -0.05 -4.58
CA GLY A 52 -22.91 0.53 -4.61
C GLY A 52 -23.10 1.62 -3.58
N VAL A 53 -22.32 1.56 -2.51
CA VAL A 53 -22.40 2.56 -1.45
C VAL A 53 -22.15 3.96 -1.99
N SER A 54 -22.33 4.95 -1.13
CA SER A 54 -22.12 6.34 -1.52
C SER A 54 -20.74 6.83 -1.08
N PRO A 55 -20.10 7.63 -1.95
CA PRO A 55 -18.77 8.18 -1.68
C PRO A 55 -18.79 9.23 -0.57
N SER A 56 -19.98 9.57 -0.11
CA SER A 56 -20.15 10.57 0.94
C SER A 56 -20.32 9.90 2.30
N LYS A 57 -20.57 8.59 2.28
CA LYS A 57 -20.77 7.83 3.50
C LYS A 57 -19.65 6.81 3.69
N ALA A 58 -18.50 7.08 3.08
CA ALA A 58 -17.35 6.19 3.19
C ALA A 58 -17.09 5.79 4.63
N HIS A 59 -17.18 6.77 5.53
CA HIS A 59 -16.96 6.52 6.95
C HIS A 59 -17.61 5.21 7.39
N GLY A 60 -18.66 4.81 6.68
CA GLY A 60 -19.36 3.59 7.00
C GLY A 60 -18.75 2.38 6.31
N LEU A 61 -17.48 2.47 5.97
CA LEU A 61 -16.77 1.37 5.31
C LEU A 61 -16.28 0.35 6.33
N GLY A 62 -16.10 0.80 7.56
CA GLY A 62 -15.63 -0.08 8.61
C GLY A 62 -14.11 -0.24 8.60
N SER A 63 -13.66 -1.48 8.52
CA SER A 63 -12.22 -1.77 8.51
C SER A 63 -11.64 -1.54 7.11
N ASN A 64 -12.48 -1.68 6.09
CA ASN A 64 -12.05 -1.50 4.72
C ASN A 64 -11.75 -0.03 4.43
N LEU A 65 -11.99 0.83 5.43
CA LEU A 65 -11.75 2.26 5.29
C LEU A 65 -10.25 2.54 5.08
N VAL A 66 -9.95 3.44 4.16
CA VAL A 66 -8.57 3.79 3.87
C VAL A 66 -8.14 5.01 4.67
N THR A 67 -6.87 5.03 5.08
CA THR A 67 -6.33 6.14 5.87
C THR A 67 -4.88 6.42 5.50
N GLU A 68 -4.46 7.67 5.68
CA GLU A 68 -3.09 8.06 5.36
C GLU A 68 -2.12 6.93 5.65
N VAL A 69 -2.43 6.14 6.69
CA VAL A 69 -1.58 5.01 7.06
C VAL A 69 -1.67 3.89 6.03
N ARG A 70 -2.88 3.44 5.75
CA ARG A 70 -3.09 2.37 4.80
C ARG A 70 -2.24 2.58 3.55
N VAL A 71 -2.28 3.79 3.00
CA VAL A 71 -1.52 4.12 1.81
C VAL A 71 -0.02 4.13 2.11
N TYR A 72 0.35 4.62 3.29
CA TYR A 72 1.74 4.69 3.69
C TYR A 72 2.37 3.30 3.71
N ASN A 73 1.61 2.31 4.17
CA ASN A 73 2.09 0.94 4.23
C ASN A 73 2.17 0.32 2.84
N TRP A 74 1.07 0.40 2.10
CA TRP A 74 1.01 -0.15 0.75
C TRP A 74 2.21 0.31 -0.08
N PHE A 75 2.57 1.57 0.07
CA PHE A 75 3.69 2.14 -0.65
C PHE A 75 5.02 1.64 -0.09
N ALA A 76 5.08 1.51 1.23
CA ALA A 76 6.29 1.04 1.90
C ALA A 76 6.65 -0.37 1.43
N ASN A 77 5.64 -1.20 1.24
CA ASN A 77 5.85 -2.57 0.81
C ASN A 77 6.27 -2.63 -0.65
N ARG A 78 5.76 -1.68 -1.44
CA ARG A 78 6.08 -1.61 -2.86
C ARG A 78 7.53 -1.17 -3.07
N ARG A 79 8.07 -0.46 -2.09
CA ARG A 79 9.44 0.02 -2.17
C ARG A 79 10.40 -0.93 -1.45
N LYS A 80 9.88 -1.68 -0.49
CA LYS A 80 10.68 -2.64 0.27
C LYS A 80 10.93 -3.91 -0.55
N GLU A 81 10.02 -4.19 -1.47
CA GLU A 81 10.15 -5.38 -2.31
C GLU A 81 11.17 -5.15 -3.43
N GLU A 82 11.11 -3.99 -4.06
CA GLU A 82 12.03 -3.65 -5.13
C GLU A 82 13.47 -3.61 -4.61
N ALA A 83 13.67 -3.03 -3.44
CA ALA A 83 14.98 -2.93 -2.84
C ALA A 83 15.41 -4.25 -2.22
N PHE A 84 14.44 -5.12 -1.97
CA PHE A 84 14.70 -6.43 -1.37
C PHE A 84 15.74 -7.19 -2.17
N ARG A 85 15.37 -7.57 -3.40
CA ARG A 85 16.27 -8.32 -4.27
C ARG A 85 17.69 -7.74 -4.21
N GLN A 86 17.79 -6.47 -3.82
CA GLN A 86 19.09 -5.81 -3.72
C GLN A 86 19.67 -5.96 -2.33
N LYS A 87 18.82 -5.84 -1.31
CA LYS A 87 19.26 -5.98 0.07
C LYS A 87 19.80 -7.38 0.34
N LEU A 88 19.18 -8.38 -0.29
CA LEU A 88 19.61 -9.76 -0.13
C LEU A 88 20.88 -10.05 -0.92
N ALA A 89 21.37 -9.03 -1.63
CA ALA A 89 22.58 -9.16 -2.42
C ALA A 89 23.78 -8.52 -1.72
N MET A 90 23.51 -7.45 -0.98
CA MET A 90 24.56 -6.75 -0.25
C MET A 90 25.15 -7.63 0.86
N ASP A 91 24.29 -8.40 1.51
CA ASP A 91 24.72 -9.29 2.58
C ASP A 91 25.73 -10.31 2.06
N ALA A 92 25.40 -10.97 0.96
CA ALA A 92 26.27 -11.97 0.36
C ALA A 92 26.39 -13.20 1.25
N TYR A 93 25.25 -13.79 1.61
CA TYR A 93 25.22 -14.96 2.46
C TYR A 93 24.85 -16.21 1.67
N SER A 94 23.73 -16.12 0.95
CA SER A 94 23.25 -17.24 0.14
C SER A 94 23.48 -16.98 -1.34
N SER A 95 23.64 -18.05 -2.10
CA SER A 95 23.88 -17.94 -3.55
C SER A 95 23.28 -19.14 -4.28
N ASN A 96 22.31 -18.88 -5.14
CA ASN A 96 21.66 -19.94 -5.91
C ASN A 96 22.24 -20.00 -7.33
N SER A 97 21.80 -21.01 -8.09
CA SER A 97 22.28 -21.19 -9.46
C SER A 97 21.86 -20.02 -10.34
N GLY A 98 22.84 -19.22 -10.76
CA GLY A 98 22.55 -18.07 -11.59
C GLY A 98 23.69 -17.07 -11.62
N PRO A 99 23.37 -15.82 -11.97
CA PRO A 99 24.37 -14.74 -12.04
C PRO A 99 24.87 -14.34 -10.66
N SER A 100 25.96 -13.55 -10.64
CA SER A 100 26.55 -13.09 -9.38
C SER A 100 26.57 -11.57 -9.32
N SER A 101 27.27 -10.96 -10.27
CA SER A 101 27.39 -9.51 -10.32
C SER A 101 26.05 -8.85 -9.98
N GLY A 102 26.08 -7.92 -9.03
CA GLY A 102 24.87 -7.23 -8.64
C GLY A 102 25.14 -5.82 -8.14
#